data_2ZU3
# 
_entry.id   2ZU3 
# 
_audit_conform.dict_name       mmcif_pdbx.dic 
_audit_conform.dict_version    5.398 
_audit_conform.dict_location   http://mmcif.pdb.org/dictionaries/ascii/mmcif_pdbx.dic 
# 
loop_
_database_2.database_id 
_database_2.database_code 
_database_2.pdbx_database_accession 
_database_2.pdbx_DOI 
PDB   2ZU3         pdb_00002zu3 10.2210/pdb2zu3/pdb 
RCSB  RCSB028426   ?            ?                   
WWPDB D_1000028426 ?            ?                   
# 
loop_
_pdbx_audit_revision_history.ordinal 
_pdbx_audit_revision_history.data_content_type 
_pdbx_audit_revision_history.major_revision 
_pdbx_audit_revision_history.minor_revision 
_pdbx_audit_revision_history.revision_date 
1 'Structure model' 1 0 2009-01-13 
2 'Structure model' 1 1 2011-07-13 
3 'Structure model' 1 2 2012-12-12 
4 'Structure model' 1 3 2014-04-16 
5 'Structure model' 1 4 2023-11-01 
6 'Structure model' 1 5 2024-11-06 
# 
_pdbx_audit_revision_details.ordinal             1 
_pdbx_audit_revision_details.revision_ordinal    1 
_pdbx_audit_revision_details.data_content_type   'Structure model' 
_pdbx_audit_revision_details.provider            repository 
_pdbx_audit_revision_details.type                'Initial release' 
_pdbx_audit_revision_details.description         ? 
_pdbx_audit_revision_details.details             ? 
# 
loop_
_pdbx_audit_revision_group.ordinal 
_pdbx_audit_revision_group.revision_ordinal 
_pdbx_audit_revision_group.data_content_type 
_pdbx_audit_revision_group.group 
1  2 'Structure model' 'Atomic model'              
2  2 'Structure model' 'Database references'       
3  2 'Structure model' 'Derived calculations'      
4  2 'Structure model' 'Non-polymer description'   
5  2 'Structure model' 'Source and taxonomy'       
6  2 'Structure model' 'Structure summary'         
7  2 'Structure model' 'Version format compliance' 
8  3 'Structure model' 'Structure summary'         
9  4 'Structure model' 'Refinement description'    
10 5 'Structure model' 'Data collection'           
11 5 'Structure model' 'Database references'       
12 5 'Structure model' 'Derived calculations'      
13 5 'Structure model' 'Refinement description'    
14 6 'Structure model' 'Structure summary'         
# 
loop_
_pdbx_audit_revision_category.ordinal 
_pdbx_audit_revision_category.revision_ordinal 
_pdbx_audit_revision_category.data_content_type 
_pdbx_audit_revision_category.category 
1 5 'Structure model' chem_comp_atom                
2 5 'Structure model' chem_comp_bond                
3 5 'Structure model' database_2                    
4 5 'Structure model' pdbx_initial_refinement_model 
5 5 'Structure model' struct_conn                   
6 5 'Structure model' struct_site                   
7 6 'Structure model' pdbx_entry_details            
8 6 'Structure model' pdbx_modification_feature     
# 
loop_
_pdbx_audit_revision_item.ordinal 
_pdbx_audit_revision_item.revision_ordinal 
_pdbx_audit_revision_item.data_content_type 
_pdbx_audit_revision_item.item 
1 5 'Structure model' '_database_2.pdbx_DOI'                         
2 5 'Structure model' '_database_2.pdbx_database_accession'          
3 5 'Structure model' '_struct_conn.pdbx_leaving_atom_flag'          
4 5 'Structure model' '_struct_site.pdbx_auth_asym_id'               
5 5 'Structure model' '_struct_site.pdbx_auth_comp_id'               
6 5 'Structure model' '_struct_site.pdbx_auth_seq_id'                
7 6 'Structure model' '_pdbx_entry_details.has_protein_modification' 
# 
_pdbx_database_status.status_code                     REL 
_pdbx_database_status.entry_id                        2ZU3 
_pdbx_database_status.recvd_initial_deposition_date   2008-10-12 
_pdbx_database_status.deposit_site                    PDBJ 
_pdbx_database_status.process_site                    PDBJ 
_pdbx_database_status.status_code_sf                  REL 
_pdbx_database_status.status_code_mr                  ? 
_pdbx_database_status.SG_entry                        ? 
_pdbx_database_status.status_code_cs                  ? 
_pdbx_database_status.methods_development_category    ? 
_pdbx_database_status.pdb_format_compatible           Y 
_pdbx_database_status.status_code_nmr_data            ? 
# 
loop_
_pdbx_database_related.db_name 
_pdbx_database_related.db_id 
_pdbx_database_related.details 
_pdbx_database_related.content_type 
PDB 2ZTX . unspecified 
PDB 2ZTY . unspecified 
PDB 2ZTZ . unspecified 
PDB 2ZU1 . unspecified 
PDB 2ZU2 . unspecified 
PDB 2ZU4 . unspecified 
PDB 2ZU5 . unspecified 
# 
loop_
_audit_author.name 
_audit_author.pdbx_ordinal 
'Lee, C.C.'     1 
'Tsui, Y.C.'    2 
'Wang, A.H.-J.' 3 
# 
_citation.id                        primary 
_citation.title                     
'Structural Basis of Inhibition Specificities of 3C and 3C-like Proteases by Zinc-coordinating and Peptidomimetic Compounds' 
_citation.journal_abbrev            J.Biol.Chem. 
_citation.journal_volume            284 
_citation.page_first                7646 
_citation.page_last                 7655 
_citation.year                      2009 
_citation.journal_id_ASTM           JBCHA3 
_citation.country                   US 
_citation.journal_id_ISSN           0021-9258 
_citation.journal_id_CSD            0071 
_citation.book_publisher            ? 
_citation.pdbx_database_id_PubMed   19144641 
_citation.pdbx_database_id_DOI      10.1074/jbc.M807947200 
# 
loop_
_citation_author.citation_id 
_citation_author.name 
_citation_author.ordinal 
_citation_author.identifier_ORCID 
primary 'Lee, C.C.'     1  ? 
primary 'Kuo, C.J.'     2  ? 
primary 'Ko, T.P.'      3  ? 
primary 'Hsu, M.F.'     4  ? 
primary 'Tsui, Y.C.'    5  ? 
primary 'Chang, S.C.'   6  ? 
primary 'Yang, S.'      7  ? 
primary 'Chen, S.J.'    8  ? 
primary 'Chen, H.C.'    9  ? 
primary 'Hsu, M.C.'     10 ? 
primary 'Shih, S.R.'    11 ? 
primary 'Liang, P.H.'   12 ? 
primary 'Wang, A.H.-J.' 13 ? 
# 
loop_
_entity.id 
_entity.type 
_entity.src_method 
_entity.pdbx_description 
_entity.formula_weight 
_entity.pdbx_number_of_molecules 
_entity.pdbx_ec 
_entity.pdbx_mutation 
_entity.pdbx_fragment 
_entity.details 
1 polymer     man '3C proteinase' 20298.293 1   3.4.22.- ? ? ? 
2 non-polymer syn 
;N-[(benzyloxy)carbonyl]-3-[(2,2-dimethylpropanoyl)amino]-L-alanyl-N-[(1R)-4-oxo-1-{[(3S)-2-oxopyrrolidin-3-yl]methyl}pentyl]-L-leucinamide
;
615.761   1   ?        ? ? ? 
3 water       nat water 18.015    199 ?        ? ? ? 
# 
_entity_poly.entity_id                      1 
_entity_poly.type                           'polypeptide(L)' 
_entity_poly.nstd_linkage                   no 
_entity_poly.nstd_monomer                   no 
_entity_poly.pdbx_seq_one_letter_code       
;GPAFEFAVAMMKRNSSTVKTEYGEFTMLGIYDRWAVLPRHAKPGPTILMNDQEVGVLDAKELVDKDGTNLELTLLKLNRN
EKFRDIRGFLAKEEVEVNEAVLAINTSKFPNMYIPVGQVTEYGFLNLGGTPTKRMLMYNFPTRAGQCGGVLMSTGKVLGI
HVGGNGHQGFSAALLKHYFNDEQ
;
_entity_poly.pdbx_seq_one_letter_code_can   
;GPAFEFAVAMMKRNSSTVKTEYGEFTMLGIYDRWAVLPRHAKPGPTILMNDQEVGVLDAKELVDKDGTNLELTLLKLNRN
EKFRDIRGFLAKEEVEVNEAVLAINTSKFPNMYIPVGQVTEYGFLNLGGTPTKRMLMYNFPTRAGQCGGVLMSTGKVLGI
HVGGNGHQGFSAALLKHYFNDEQ
;
_entity_poly.pdbx_strand_id                 A 
_entity_poly.pdbx_target_identifier         ? 
# 
loop_
_pdbx_entity_nonpoly.entity_id 
_pdbx_entity_nonpoly.name 
_pdbx_entity_nonpoly.comp_id 
2 
;N-[(benzyloxy)carbonyl]-3-[(2,2-dimethylpropanoyl)amino]-L-alanyl-N-[(1R)-4-oxo-1-{[(3S)-2-oxopyrrolidin-3-yl]methyl}pentyl]-L-leucinamide
;
ZU3 
3 water HOH 
# 
loop_
_entity_poly_seq.entity_id 
_entity_poly_seq.num 
_entity_poly_seq.mon_id 
_entity_poly_seq.hetero 
1 1   GLY n 
1 2   PRO n 
1 3   ALA n 
1 4   PHE n 
1 5   GLU n 
1 6   PHE n 
1 7   ALA n 
1 8   VAL n 
1 9   ALA n 
1 10  MET n 
1 11  MET n 
1 12  LYS n 
1 13  ARG n 
1 14  ASN n 
1 15  SER n 
1 16  SER n 
1 17  THR n 
1 18  VAL n 
1 19  LYS n 
1 20  THR n 
1 21  GLU n 
1 22  TYR n 
1 23  GLY n 
1 24  GLU n 
1 25  PHE n 
1 26  THR n 
1 27  MET n 
1 28  LEU n 
1 29  GLY n 
1 30  ILE n 
1 31  TYR n 
1 32  ASP n 
1 33  ARG n 
1 34  TRP n 
1 35  ALA n 
1 36  VAL n 
1 37  LEU n 
1 38  PRO n 
1 39  ARG n 
1 40  HIS n 
1 41  ALA n 
1 42  LYS n 
1 43  PRO n 
1 44  GLY n 
1 45  PRO n 
1 46  THR n 
1 47  ILE n 
1 48  LEU n 
1 49  MET n 
1 50  ASN n 
1 51  ASP n 
1 52  GLN n 
1 53  GLU n 
1 54  VAL n 
1 55  GLY n 
1 56  VAL n 
1 57  LEU n 
1 58  ASP n 
1 59  ALA n 
1 60  LYS n 
1 61  GLU n 
1 62  LEU n 
1 63  VAL n 
1 64  ASP n 
1 65  LYS n 
1 66  ASP n 
1 67  GLY n 
1 68  THR n 
1 69  ASN n 
1 70  LEU n 
1 71  GLU n 
1 72  LEU n 
1 73  THR n 
1 74  LEU n 
1 75  LEU n 
1 76  LYS n 
1 77  LEU n 
1 78  ASN n 
1 79  ARG n 
1 80  ASN n 
1 81  GLU n 
1 82  LYS n 
1 83  PHE n 
1 84  ARG n 
1 85  ASP n 
1 86  ILE n 
1 87  ARG n 
1 88  GLY n 
1 89  PHE n 
1 90  LEU n 
1 91  ALA n 
1 92  LYS n 
1 93  GLU n 
1 94  GLU n 
1 95  VAL n 
1 96  GLU n 
1 97  VAL n 
1 98  ASN n 
1 99  GLU n 
1 100 ALA n 
1 101 VAL n 
1 102 LEU n 
1 103 ALA n 
1 104 ILE n 
1 105 ASN n 
1 106 THR n 
1 107 SER n 
1 108 LYS n 
1 109 PHE n 
1 110 PRO n 
1 111 ASN n 
1 112 MET n 
1 113 TYR n 
1 114 ILE n 
1 115 PRO n 
1 116 VAL n 
1 117 GLY n 
1 118 GLN n 
1 119 VAL n 
1 120 THR n 
1 121 GLU n 
1 122 TYR n 
1 123 GLY n 
1 124 PHE n 
1 125 LEU n 
1 126 ASN n 
1 127 LEU n 
1 128 GLY n 
1 129 GLY n 
1 130 THR n 
1 131 PRO n 
1 132 THR n 
1 133 LYS n 
1 134 ARG n 
1 135 MET n 
1 136 LEU n 
1 137 MET n 
1 138 TYR n 
1 139 ASN n 
1 140 PHE n 
1 141 PRO n 
1 142 THR n 
1 143 ARG n 
1 144 ALA n 
1 145 GLY n 
1 146 GLN n 
1 147 CYS n 
1 148 GLY n 
1 149 GLY n 
1 150 VAL n 
1 151 LEU n 
1 152 MET n 
1 153 SER n 
1 154 THR n 
1 155 GLY n 
1 156 LYS n 
1 157 VAL n 
1 158 LEU n 
1 159 GLY n 
1 160 ILE n 
1 161 HIS n 
1 162 VAL n 
1 163 GLY n 
1 164 GLY n 
1 165 ASN n 
1 166 GLY n 
1 167 HIS n 
1 168 GLN n 
1 169 GLY n 
1 170 PHE n 
1 171 SER n 
1 172 ALA n 
1 173 ALA n 
1 174 LEU n 
1 175 LEU n 
1 176 LYS n 
1 177 HIS n 
1 178 TYR n 
1 179 PHE n 
1 180 ASN n 
1 181 ASP n 
1 182 GLU n 
1 183 GLN n 
# 
_entity_src_gen.entity_id                          1 
_entity_src_gen.pdbx_src_id                        1 
_entity_src_gen.pdbx_alt_source_flag               sample 
_entity_src_gen.pdbx_seq_type                      ? 
_entity_src_gen.pdbx_beg_seq_num                   ? 
_entity_src_gen.pdbx_end_seq_num                   ? 
_entity_src_gen.gene_src_common_name               ? 
_entity_src_gen.gene_src_genus                     ? 
_entity_src_gen.pdbx_gene_src_gene                 ? 
_entity_src_gen.gene_src_species                   ? 
_entity_src_gen.gene_src_strain                    B3 
_entity_src_gen.gene_src_tissue                    ? 
_entity_src_gen.gene_src_tissue_fraction           ? 
_entity_src_gen.gene_src_details                   ? 
_entity_src_gen.pdbx_gene_src_fragment             ? 
_entity_src_gen.pdbx_gene_src_scientific_name      'Human coxsackievirus' 
_entity_src_gen.pdbx_gene_src_ncbi_taxonomy_id     12072 
_entity_src_gen.pdbx_gene_src_variant              ? 
_entity_src_gen.pdbx_gene_src_cell_line            ? 
_entity_src_gen.pdbx_gene_src_atcc                 ? 
_entity_src_gen.pdbx_gene_src_organ                ? 
_entity_src_gen.pdbx_gene_src_organelle            ? 
_entity_src_gen.pdbx_gene_src_cell                 ? 
_entity_src_gen.pdbx_gene_src_cellular_location    ? 
_entity_src_gen.host_org_common_name               ? 
_entity_src_gen.pdbx_host_org_scientific_name      'Escherichia coli' 
_entity_src_gen.pdbx_host_org_ncbi_taxonomy_id     562 
_entity_src_gen.host_org_genus                     ? 
_entity_src_gen.pdbx_host_org_gene                 ? 
_entity_src_gen.pdbx_host_org_organ                ? 
_entity_src_gen.host_org_species                   ? 
_entity_src_gen.pdbx_host_org_tissue               ? 
_entity_src_gen.pdbx_host_org_tissue_fraction      ? 
_entity_src_gen.pdbx_host_org_strain               ? 
_entity_src_gen.pdbx_host_org_variant              ? 
_entity_src_gen.pdbx_host_org_cell_line            ? 
_entity_src_gen.pdbx_host_org_atcc                 ? 
_entity_src_gen.pdbx_host_org_culture_collection   ? 
_entity_src_gen.pdbx_host_org_cell                 ? 
_entity_src_gen.pdbx_host_org_organelle            ? 
_entity_src_gen.pdbx_host_org_cellular_location    ? 
_entity_src_gen.pdbx_host_org_vector_type          plasmid 
_entity_src_gen.pdbx_host_org_vector               ? 
_entity_src_gen.host_org_details                   ? 
_entity_src_gen.expression_system_id               ? 
_entity_src_gen.plasmid_name                       pET16b 
_entity_src_gen.plasmid_details                    ? 
_entity_src_gen.pdbx_description                   ? 
# 
loop_
_chem_comp.id 
_chem_comp.type 
_chem_comp.mon_nstd_flag 
_chem_comp.name 
_chem_comp.pdbx_synonyms 
_chem_comp.formula 
_chem_comp.formula_weight 
ALA 'L-peptide linking' y ALANINE ?          'C3 H7 N O2'     89.093  
ARG 'L-peptide linking' y ARGININE ?          'C6 H15 N4 O2 1' 175.209 
ASN 'L-peptide linking' y ASPARAGINE ?          'C4 H8 N2 O3'    132.118 
ASP 'L-peptide linking' y 'ASPARTIC ACID' ?          'C4 H7 N O4'     133.103 
CYS 'L-peptide linking' y CYSTEINE ?          'C3 H7 N O2 S'   121.158 
GLN 'L-peptide linking' y GLUTAMINE ?          'C5 H10 N2 O3'   146.144 
GLU 'L-peptide linking' y 'GLUTAMIC ACID' ?          'C5 H9 N O4'     147.129 
GLY 'peptide linking'   y GLYCINE ?          'C2 H5 N O2'     75.067  
HIS 'L-peptide linking' y HISTIDINE ?          'C6 H10 N3 O2 1' 156.162 
HOH non-polymer         . WATER ?          'H2 O'           18.015  
ILE 'L-peptide linking' y ISOLEUCINE ?          'C6 H13 N O2'    131.173 
LEU 'L-peptide linking' y LEUCINE ?          'C6 H13 N O2'    131.173 
LYS 'L-peptide linking' y LYSINE ?          'C6 H15 N2 O2 1' 147.195 
MET 'L-peptide linking' y METHIONINE ?          'C5 H11 N O2 S'  149.211 
PHE 'L-peptide linking' y PHENYLALANINE ?          'C9 H11 N O2'    165.189 
PRO 'L-peptide linking' y PROLINE ?          'C5 H9 N O2'     115.130 
SER 'L-peptide linking' y SERINE ?          'C3 H7 N O3'     105.093 
THR 'L-peptide linking' y THREONINE ?          'C4 H9 N O3'     119.119 
TRP 'L-peptide linking' y TRYPTOPHAN ?          'C11 H12 N2 O2'  204.225 
TYR 'L-peptide linking' y TYROSINE ?          'C9 H11 N O3'    181.189 
VAL 'L-peptide linking' y VALINE ?          'C5 H11 N O2'    117.146 
ZU3 peptide-like        . 
;N-[(benzyloxy)carbonyl]-3-[(2,2-dimethylpropanoyl)amino]-L-alanyl-N-[(1R)-4-oxo-1-{[(3S)-2-oxopyrrolidin-3-yl]methyl}pentyl]-L-leucinamide
;
TG-0204998 'C32 H49 N5 O7'  615.761 
# 
loop_
_pdbx_poly_seq_scheme.asym_id 
_pdbx_poly_seq_scheme.entity_id 
_pdbx_poly_seq_scheme.seq_id 
_pdbx_poly_seq_scheme.mon_id 
_pdbx_poly_seq_scheme.ndb_seq_num 
_pdbx_poly_seq_scheme.pdb_seq_num 
_pdbx_poly_seq_scheme.auth_seq_num 
_pdbx_poly_seq_scheme.pdb_mon_id 
_pdbx_poly_seq_scheme.auth_mon_id 
_pdbx_poly_seq_scheme.pdb_strand_id 
_pdbx_poly_seq_scheme.pdb_ins_code 
_pdbx_poly_seq_scheme.hetero 
A 1 1   GLY 1   1   1   GLY GLY A . n 
A 1 2   PRO 2   2   2   PRO PRO A . n 
A 1 3   ALA 3   3   3   ALA ALA A . n 
A 1 4   PHE 4   4   4   PHE PHE A . n 
A 1 5   GLU 5   5   5   GLU GLU A . n 
A 1 6   PHE 6   6   6   PHE PHE A . n 
A 1 7   ALA 7   7   7   ALA ALA A . n 
A 1 8   VAL 8   8   8   VAL VAL A . n 
A 1 9   ALA 9   9   9   ALA ALA A . n 
A 1 10  MET 10  10  10  MET MET A . n 
A 1 11  MET 11  11  11  MET MET A . n 
A 1 12  LYS 12  12  12  LYS LYS A . n 
A 1 13  ARG 13  13  13  ARG ARG A . n 
A 1 14  ASN 14  14  14  ASN ASN A . n 
A 1 15  SER 15  15  15  SER SER A . n 
A 1 16  SER 16  16  16  SER SER A . n 
A 1 17  THR 17  17  17  THR THR A . n 
A 1 18  VAL 18  18  18  VAL VAL A . n 
A 1 19  LYS 19  19  19  LYS LYS A . n 
A 1 20  THR 20  20  20  THR THR A . n 
A 1 21  GLU 21  21  21  GLU GLU A . n 
A 1 22  TYR 22  22  22  TYR TYR A . n 
A 1 23  GLY 23  23  23  GLY GLY A . n 
A 1 24  GLU 24  24  24  GLU GLU A . n 
A 1 25  PHE 25  25  25  PHE PHE A . n 
A 1 26  THR 26  26  26  THR THR A . n 
A 1 27  MET 27  27  27  MET MET A . n 
A 1 28  LEU 28  28  28  LEU LEU A . n 
A 1 29  GLY 29  29  29  GLY GLY A . n 
A 1 30  ILE 30  30  30  ILE ILE A . n 
A 1 31  TYR 31  31  31  TYR TYR A . n 
A 1 32  ASP 32  32  32  ASP ASP A . n 
A 1 33  ARG 33  33  33  ARG ARG A . n 
A 1 34  TRP 34  34  34  TRP TRP A . n 
A 1 35  ALA 35  35  35  ALA ALA A . n 
A 1 36  VAL 36  36  36  VAL VAL A . n 
A 1 37  LEU 37  37  37  LEU LEU A . n 
A 1 38  PRO 38  38  38  PRO PRO A . n 
A 1 39  ARG 39  39  39  ARG ARG A . n 
A 1 40  HIS 40  40  40  HIS HIS A . n 
A 1 41  ALA 41  41  41  ALA ALA A . n 
A 1 42  LYS 42  42  42  LYS LYS A . n 
A 1 43  PRO 43  43  43  PRO PRO A . n 
A 1 44  GLY 44  44  44  GLY GLY A . n 
A 1 45  PRO 45  45  45  PRO PRO A . n 
A 1 46  THR 46  46  46  THR THR A . n 
A 1 47  ILE 47  47  47  ILE ILE A . n 
A 1 48  LEU 48  48  48  LEU LEU A . n 
A 1 49  MET 49  49  49  MET MET A . n 
A 1 50  ASN 50  50  50  ASN ASN A . n 
A 1 51  ASP 51  51  51  ASP ASP A . n 
A 1 52  GLN 52  52  52  GLN GLN A . n 
A 1 53  GLU 53  53  53  GLU GLU A . n 
A 1 54  VAL 54  54  54  VAL VAL A . n 
A 1 55  GLY 55  55  55  GLY GLY A . n 
A 1 56  VAL 56  56  56  VAL VAL A . n 
A 1 57  LEU 57  57  57  LEU LEU A . n 
A 1 58  ASP 58  58  58  ASP ASP A . n 
A 1 59  ALA 59  59  59  ALA ALA A . n 
A 1 60  LYS 60  60  60  LYS LYS A . n 
A 1 61  GLU 61  61  61  GLU GLU A . n 
A 1 62  LEU 62  62  62  LEU LEU A . n 
A 1 63  VAL 63  63  63  VAL VAL A . n 
A 1 64  ASP 64  64  64  ASP ASP A . n 
A 1 65  LYS 65  65  65  LYS LYS A . n 
A 1 66  ASP 66  66  66  ASP ASP A . n 
A 1 67  GLY 67  67  67  GLY GLY A . n 
A 1 68  THR 68  68  68  THR THR A . n 
A 1 69  ASN 69  69  69  ASN ASN A . n 
A 1 70  LEU 70  70  70  LEU LEU A . n 
A 1 71  GLU 71  71  71  GLU GLU A . n 
A 1 72  LEU 72  72  72  LEU LEU A . n 
A 1 73  THR 73  73  73  THR THR A . n 
A 1 74  LEU 74  74  74  LEU LEU A . n 
A 1 75  LEU 75  75  75  LEU LEU A . n 
A 1 76  LYS 76  76  76  LYS LYS A . n 
A 1 77  LEU 77  77  77  LEU LEU A . n 
A 1 78  ASN 78  78  78  ASN ASN A . n 
A 1 79  ARG 79  79  79  ARG ARG A . n 
A 1 80  ASN 80  80  80  ASN ASN A . n 
A 1 81  GLU 81  81  81  GLU GLU A . n 
A 1 82  LYS 82  82  82  LYS LYS A . n 
A 1 83  PHE 83  83  83  PHE PHE A . n 
A 1 84  ARG 84  84  84  ARG ARG A . n 
A 1 85  ASP 85  85  85  ASP ASP A . n 
A 1 86  ILE 86  86  86  ILE ILE A . n 
A 1 87  ARG 87  87  87  ARG ARG A . n 
A 1 88  GLY 88  88  88  GLY GLY A . n 
A 1 89  PHE 89  89  89  PHE PHE A . n 
A 1 90  LEU 90  90  90  LEU LEU A . n 
A 1 91  ALA 91  91  91  ALA ALA A . n 
A 1 92  LYS 92  92  92  LYS LYS A . n 
A 1 93  GLU 93  93  93  GLU GLU A . n 
A 1 94  GLU 94  94  94  GLU GLU A . n 
A 1 95  VAL 95  95  95  VAL VAL A . n 
A 1 96  GLU 96  96  96  GLU GLU A . n 
A 1 97  VAL 97  97  97  VAL VAL A . n 
A 1 98  ASN 98  98  98  ASN ASN A . n 
A 1 99  GLU 99  99  99  GLU GLU A . n 
A 1 100 ALA 100 100 100 ALA ALA A . n 
A 1 101 VAL 101 101 101 VAL VAL A . n 
A 1 102 LEU 102 102 102 LEU LEU A . n 
A 1 103 ALA 103 103 103 ALA ALA A . n 
A 1 104 ILE 104 104 104 ILE ILE A . n 
A 1 105 ASN 105 105 105 ASN ASN A . n 
A 1 106 THR 106 106 106 THR THR A . n 
A 1 107 SER 107 107 107 SER SER A . n 
A 1 108 LYS 108 108 108 LYS LYS A . n 
A 1 109 PHE 109 109 109 PHE PHE A . n 
A 1 110 PRO 110 110 110 PRO PRO A . n 
A 1 111 ASN 111 111 111 ASN ASN A . n 
A 1 112 MET 112 112 112 MET MET A . n 
A 1 113 TYR 113 113 113 TYR TYR A . n 
A 1 114 ILE 114 114 114 ILE ILE A . n 
A 1 115 PRO 115 115 115 PRO PRO A . n 
A 1 116 VAL 116 116 116 VAL VAL A . n 
A 1 117 GLY 117 117 117 GLY GLY A . n 
A 1 118 GLN 118 118 118 GLN GLN A . n 
A 1 119 VAL 119 119 119 VAL VAL A . n 
A 1 120 THR 120 120 120 THR THR A . n 
A 1 121 GLU 121 121 121 GLU GLU A . n 
A 1 122 TYR 122 122 122 TYR TYR A . n 
A 1 123 GLY 123 123 123 GLY GLY A . n 
A 1 124 PHE 124 124 124 PHE PHE A . n 
A 1 125 LEU 125 125 125 LEU LEU A . n 
A 1 126 ASN 126 126 126 ASN ASN A . n 
A 1 127 LEU 127 127 127 LEU LEU A . n 
A 1 128 GLY 128 128 128 GLY GLY A . n 
A 1 129 GLY 129 129 129 GLY GLY A . n 
A 1 130 THR 130 130 130 THR THR A . n 
A 1 131 PRO 131 131 131 PRO PRO A . n 
A 1 132 THR 132 132 132 THR THR A . n 
A 1 133 LYS 133 133 133 LYS LYS A . n 
A 1 134 ARG 134 134 134 ARG ARG A . n 
A 1 135 MET 135 135 135 MET MET A . n 
A 1 136 LEU 136 136 136 LEU LEU A . n 
A 1 137 MET 137 137 137 MET MET A . n 
A 1 138 TYR 138 138 138 TYR TYR A . n 
A 1 139 ASN 139 139 139 ASN ASN A . n 
A 1 140 PHE 140 140 140 PHE PHE A . n 
A 1 141 PRO 141 141 141 PRO PRO A . n 
A 1 142 THR 142 142 142 THR THR A . n 
A 1 143 ARG 143 143 143 ARG ARG A . n 
A 1 144 ALA 144 144 144 ALA ALA A . n 
A 1 145 GLY 145 145 145 GLY GLY A . n 
A 1 146 GLN 146 146 146 GLN GLN A . n 
A 1 147 CYS 147 147 147 CYS CYS A . n 
A 1 148 GLY 148 148 148 GLY GLY A . n 
A 1 149 GLY 149 149 149 GLY GLY A . n 
A 1 150 VAL 150 150 150 VAL VAL A . n 
A 1 151 LEU 151 151 151 LEU LEU A . n 
A 1 152 MET 152 152 152 MET MET A . n 
A 1 153 SER 153 153 153 SER SER A . n 
A 1 154 THR 154 154 154 THR THR A . n 
A 1 155 GLY 155 155 155 GLY GLY A . n 
A 1 156 LYS 156 156 156 LYS LYS A . n 
A 1 157 VAL 157 157 157 VAL VAL A . n 
A 1 158 LEU 158 158 158 LEU LEU A . n 
A 1 159 GLY 159 159 159 GLY GLY A . n 
A 1 160 ILE 160 160 160 ILE ILE A . n 
A 1 161 HIS 161 161 161 HIS HIS A . n 
A 1 162 VAL 162 162 162 VAL VAL A . n 
A 1 163 GLY 163 163 163 GLY GLY A . n 
A 1 164 GLY 164 164 164 GLY GLY A . n 
A 1 165 ASN 165 165 165 ASN ASN A . n 
A 1 166 GLY 166 166 166 GLY GLY A . n 
A 1 167 HIS 167 167 167 HIS HIS A . n 
A 1 168 GLN 168 168 168 GLN GLN A . n 
A 1 169 GLY 169 169 169 GLY GLY A . n 
A 1 170 PHE 170 170 170 PHE PHE A . n 
A 1 171 SER 171 171 171 SER SER A . n 
A 1 172 ALA 172 172 172 ALA ALA A . n 
A 1 173 ALA 173 173 173 ALA ALA A . n 
A 1 174 LEU 174 174 174 LEU LEU A . n 
A 1 175 LEU 175 175 175 LEU LEU A . n 
A 1 176 LYS 176 176 176 LYS LYS A . n 
A 1 177 HIS 177 177 177 HIS HIS A . n 
A 1 178 TYR 178 178 178 TYR TYR A . n 
A 1 179 PHE 179 179 179 PHE PHE A . n 
A 1 180 ASN 180 180 180 ASN ASN A . n 
A 1 181 ASP 181 181 ?   ?   ?   A . n 
A 1 182 GLU 182 182 ?   ?   ?   A . n 
A 1 183 GLN 183 183 ?   ?   ?   A . n 
# 
loop_
_pdbx_nonpoly_scheme.asym_id 
_pdbx_nonpoly_scheme.entity_id 
_pdbx_nonpoly_scheme.mon_id 
_pdbx_nonpoly_scheme.ndb_seq_num 
_pdbx_nonpoly_scheme.pdb_seq_num 
_pdbx_nonpoly_scheme.auth_seq_num 
_pdbx_nonpoly_scheme.pdb_mon_id 
_pdbx_nonpoly_scheme.auth_mon_id 
_pdbx_nonpoly_scheme.pdb_strand_id 
_pdbx_nonpoly_scheme.pdb_ins_code 
B 2 ZU3 1   501 501 ZU3 MOL A . 
C 3 HOH 1   201 201 HOH HOH A . 
C 3 HOH 2   202 202 HOH HOH A . 
C 3 HOH 3   203 203 HOH HOH A . 
C 3 HOH 4   204 204 HOH HOH A . 
C 3 HOH 5   205 205 HOH HOH A . 
C 3 HOH 6   206 206 HOH HOH A . 
C 3 HOH 7   207 207 HOH HOH A . 
C 3 HOH 8   208 208 HOH HOH A . 
C 3 HOH 9   209 209 HOH HOH A . 
C 3 HOH 10  210 210 HOH HOH A . 
C 3 HOH 11  211 211 HOH HOH A . 
C 3 HOH 12  212 212 HOH HOH A . 
C 3 HOH 13  213 213 HOH HOH A . 
C 3 HOH 14  214 214 HOH HOH A . 
C 3 HOH 15  215 215 HOH HOH A . 
C 3 HOH 16  216 216 HOH HOH A . 
C 3 HOH 17  217 217 HOH HOH A . 
C 3 HOH 18  218 218 HOH HOH A . 
C 3 HOH 19  219 219 HOH HOH A . 
C 3 HOH 20  220 220 HOH HOH A . 
C 3 HOH 21  221 221 HOH HOH A . 
C 3 HOH 22  222 222 HOH HOH A . 
C 3 HOH 23  223 223 HOH HOH A . 
C 3 HOH 24  224 224 HOH HOH A . 
C 3 HOH 25  225 225 HOH HOH A . 
C 3 HOH 26  226 226 HOH HOH A . 
C 3 HOH 27  227 227 HOH HOH A . 
C 3 HOH 28  228 228 HOH HOH A . 
C 3 HOH 29  229 229 HOH HOH A . 
C 3 HOH 30  230 230 HOH HOH A . 
C 3 HOH 31  231 231 HOH HOH A . 
C 3 HOH 32  232 232 HOH HOH A . 
C 3 HOH 33  233 233 HOH HOH A . 
C 3 HOH 34  234 234 HOH HOH A . 
C 3 HOH 35  235 235 HOH HOH A . 
C 3 HOH 36  236 236 HOH HOH A . 
C 3 HOH 37  237 237 HOH HOH A . 
C 3 HOH 38  238 238 HOH HOH A . 
C 3 HOH 39  239 239 HOH HOH A . 
C 3 HOH 40  240 240 HOH HOH A . 
C 3 HOH 41  241 241 HOH HOH A . 
C 3 HOH 42  242 242 HOH HOH A . 
C 3 HOH 43  243 243 HOH HOH A . 
C 3 HOH 44  244 244 HOH HOH A . 
C 3 HOH 45  245 245 HOH HOH A . 
C 3 HOH 46  246 246 HOH HOH A . 
C 3 HOH 47  247 247 HOH HOH A . 
C 3 HOH 48  248 248 HOH HOH A . 
C 3 HOH 49  249 249 HOH HOH A . 
C 3 HOH 50  250 250 HOH HOH A . 
C 3 HOH 51  251 251 HOH HOH A . 
C 3 HOH 52  252 252 HOH HOH A . 
C 3 HOH 53  253 253 HOH HOH A . 
C 3 HOH 54  254 254 HOH HOH A . 
C 3 HOH 55  255 255 HOH HOH A . 
C 3 HOH 56  256 256 HOH HOH A . 
C 3 HOH 57  257 257 HOH HOH A . 
C 3 HOH 58  258 258 HOH HOH A . 
C 3 HOH 59  259 259 HOH HOH A . 
C 3 HOH 60  260 260 HOH HOH A . 
C 3 HOH 61  261 261 HOH HOH A . 
C 3 HOH 62  262 262 HOH HOH A . 
C 3 HOH 63  263 263 HOH HOH A . 
C 3 HOH 64  264 264 HOH HOH A . 
C 3 HOH 65  265 265 HOH HOH A . 
C 3 HOH 66  266 266 HOH HOH A . 
C 3 HOH 67  267 267 HOH HOH A . 
C 3 HOH 68  268 268 HOH HOH A . 
C 3 HOH 69  269 269 HOH HOH A . 
C 3 HOH 70  270 270 HOH HOH A . 
C 3 HOH 71  271 271 HOH HOH A . 
C 3 HOH 72  272 272 HOH HOH A . 
C 3 HOH 73  273 273 HOH HOH A . 
C 3 HOH 74  274 274 HOH HOH A . 
C 3 HOH 75  275 275 HOH HOH A . 
C 3 HOH 76  276 276 HOH HOH A . 
C 3 HOH 77  277 277 HOH HOH A . 
C 3 HOH 78  278 278 HOH HOH A . 
C 3 HOH 79  279 279 HOH HOH A . 
C 3 HOH 80  280 280 HOH HOH A . 
C 3 HOH 81  281 281 HOH HOH A . 
C 3 HOH 82  282 282 HOH HOH A . 
C 3 HOH 83  283 283 HOH HOH A . 
C 3 HOH 84  284 284 HOH HOH A . 
C 3 HOH 85  285 285 HOH HOH A . 
C 3 HOH 86  286 286 HOH HOH A . 
C 3 HOH 87  287 287 HOH HOH A . 
C 3 HOH 88  288 288 HOH HOH A . 
C 3 HOH 89  289 289 HOH HOH A . 
C 3 HOH 90  290 290 HOH HOH A . 
C 3 HOH 91  291 291 HOH HOH A . 
C 3 HOH 92  292 292 HOH HOH A . 
C 3 HOH 93  293 293 HOH HOH A . 
C 3 HOH 94  294 294 HOH HOH A . 
C 3 HOH 95  295 295 HOH HOH A . 
C 3 HOH 96  296 296 HOH HOH A . 
C 3 HOH 97  297 297 HOH HOH A . 
C 3 HOH 98  298 298 HOH HOH A . 
C 3 HOH 99  299 299 HOH HOH A . 
C 3 HOH 100 300 300 HOH HOH A . 
C 3 HOH 101 301 301 HOH HOH A . 
C 3 HOH 102 302 302 HOH HOH A . 
C 3 HOH 103 303 303 HOH HOH A . 
C 3 HOH 104 304 304 HOH HOH A . 
C 3 HOH 105 305 305 HOH HOH A . 
C 3 HOH 106 306 306 HOH HOH A . 
C 3 HOH 107 307 307 HOH HOH A . 
C 3 HOH 108 308 308 HOH HOH A . 
C 3 HOH 109 309 309 HOH HOH A . 
C 3 HOH 110 310 310 HOH HOH A . 
C 3 HOH 111 311 311 HOH HOH A . 
C 3 HOH 112 312 312 HOH HOH A . 
C 3 HOH 113 313 313 HOH HOH A . 
C 3 HOH 114 314 314 HOH HOH A . 
C 3 HOH 115 315 315 HOH HOH A . 
C 3 HOH 116 316 316 HOH HOH A . 
C 3 HOH 117 317 317 HOH HOH A . 
C 3 HOH 118 318 318 HOH HOH A . 
C 3 HOH 119 319 319 HOH HOH A . 
C 3 HOH 120 320 320 HOH HOH A . 
C 3 HOH 121 321 321 HOH HOH A . 
C 3 HOH 122 322 322 HOH HOH A . 
C 3 HOH 123 323 323 HOH HOH A . 
C 3 HOH 124 324 324 HOH HOH A . 
C 3 HOH 125 325 325 HOH HOH A . 
C 3 HOH 126 326 326 HOH HOH A . 
C 3 HOH 127 327 327 HOH HOH A . 
C 3 HOH 128 328 328 HOH HOH A . 
C 3 HOH 129 329 329 HOH HOH A . 
C 3 HOH 130 330 330 HOH HOH A . 
C 3 HOH 131 331 331 HOH HOH A . 
C 3 HOH 132 332 332 HOH HOH A . 
C 3 HOH 133 333 333 HOH HOH A . 
C 3 HOH 134 335 335 HOH HOH A . 
C 3 HOH 135 336 336 HOH HOH A . 
C 3 HOH 136 337 337 HOH HOH A . 
C 3 HOH 137 338 338 HOH HOH A . 
C 3 HOH 138 339 339 HOH HOH A . 
C 3 HOH 139 340 340 HOH HOH A . 
C 3 HOH 140 341 341 HOH HOH A . 
C 3 HOH 141 342 342 HOH HOH A . 
C 3 HOH 142 343 343 HOH HOH A . 
C 3 HOH 143 344 344 HOH HOH A . 
C 3 HOH 144 345 345 HOH HOH A . 
C 3 HOH 145 346 346 HOH HOH A . 
C 3 HOH 146 347 347 HOH HOH A . 
C 3 HOH 147 348 348 HOH HOH A . 
C 3 HOH 148 349 349 HOH HOH A . 
C 3 HOH 149 350 350 HOH HOH A . 
C 3 HOH 150 351 351 HOH HOH A . 
C 3 HOH 151 352 352 HOH HOH A . 
C 3 HOH 152 353 353 HOH HOH A . 
C 3 HOH 153 354 354 HOH HOH A . 
C 3 HOH 154 355 355 HOH HOH A . 
C 3 HOH 155 356 356 HOH HOH A . 
C 3 HOH 156 357 357 HOH HOH A . 
C 3 HOH 157 358 358 HOH HOH A . 
C 3 HOH 158 359 359 HOH HOH A . 
C 3 HOH 159 360 360 HOH HOH A . 
C 3 HOH 160 361 361 HOH HOH A . 
C 3 HOH 161 362 362 HOH HOH A . 
C 3 HOH 162 363 363 HOH HOH A . 
C 3 HOH 163 364 364 HOH HOH A . 
C 3 HOH 164 365 365 HOH HOH A . 
C 3 HOH 165 367 367 HOH HOH A . 
C 3 HOH 166 368 368 HOH HOH A . 
C 3 HOH 167 369 369 HOH HOH A . 
C 3 HOH 168 370 370 HOH HOH A . 
C 3 HOH 169 371 371 HOH HOH A . 
C 3 HOH 170 372 372 HOH HOH A . 
C 3 HOH 171 373 373 HOH HOH A . 
C 3 HOH 172 374 374 HOH HOH A . 
C 3 HOH 173 375 375 HOH HOH A . 
C 3 HOH 174 377 377 HOH HOH A . 
C 3 HOH 175 378 378 HOH HOH A . 
C 3 HOH 176 379 379 HOH HOH A . 
C 3 HOH 177 380 380 HOH HOH A . 
C 3 HOH 178 381 381 HOH HOH A . 
C 3 HOH 179 382 382 HOH HOH A . 
C 3 HOH 180 383 383 HOH HOH A . 
C 3 HOH 181 384 384 HOH HOH A . 
C 3 HOH 182 385 385 HOH HOH A . 
C 3 HOH 183 386 386 HOH HOH A . 
C 3 HOH 184 387 387 HOH HOH A . 
C 3 HOH 185 388 388 HOH HOH A . 
C 3 HOH 186 389 389 HOH HOH A . 
C 3 HOH 187 390 390 HOH HOH A . 
C 3 HOH 188 391 391 HOH HOH A . 
C 3 HOH 189 392 392 HOH HOH A . 
C 3 HOH 190 393 393 HOH HOH A . 
C 3 HOH 191 394 394 HOH HOH A . 
C 3 HOH 192 395 395 HOH HOH A . 
C 3 HOH 193 396 396 HOH HOH A . 
C 3 HOH 194 397 397 HOH HOH A . 
C 3 HOH 195 398 398 HOH HOH A . 
C 3 HOH 196 399 399 HOH HOH A . 
C 3 HOH 197 400 400 HOH HOH A . 
C 3 HOH 198 401 401 HOH HOH A . 
C 3 HOH 199 402 402 HOH HOH A . 
# 
loop_
_software.name 
_software.classification 
_software.version 
_software.citation_id 
_software.pdbx_ordinal 
HKL-2000 'data collection' . ? 1 
CNS      refinement        . ? 2 
HKL-2000 'data reduction'  . ? 3 
HKL-2000 'data scaling'    . ? 4 
CNS      phasing           . ? 5 
# 
_cell.entry_id           2ZU3 
_cell.length_a           76.800 
_cell.length_b           64.620 
_cell.length_c           39.520 
_cell.angle_alpha        90.00 
_cell.angle_beta         115.92 
_cell.angle_gamma        90.00 
_cell.Z_PDB              4 
_cell.pdbx_unique_axis   ? 
_cell.length_a_esd       ? 
_cell.length_b_esd       ? 
_cell.length_c_esd       ? 
_cell.angle_alpha_esd    ? 
_cell.angle_beta_esd     ? 
_cell.angle_gamma_esd    ? 
# 
_symmetry.entry_id                         2ZU3 
_symmetry.space_group_name_H-M             'C 1 2 1' 
_symmetry.pdbx_full_space_group_name_H-M   ? 
_symmetry.cell_setting                     ? 
_symmetry.Int_Tables_number                5 
_symmetry.space_group_name_Hall            ? 
# 
_exptl.entry_id          2ZU3 
_exptl.method            'X-RAY DIFFRACTION' 
_exptl.crystals_number   1 
# 
_exptl_crystal.id                    1 
_exptl_crystal.density_meas          ? 
_exptl_crystal.density_Matthews      2.17 
_exptl_crystal.density_percent_sol   43.39 
_exptl_crystal.description           ? 
_exptl_crystal.F_000                 ? 
_exptl_crystal.preparation           ? 
# 
_exptl_crystal_grow.crystal_id      1 
_exptl_crystal_grow.method          'VAPOR DIFFUSION, SITTING DROP' 
_exptl_crystal_grow.temp            286 
_exptl_crystal_grow.temp_details    ? 
_exptl_crystal_grow.pH              8.0 
_exptl_crystal_grow.pdbx_details    
'24~30% PEG 4000, 0.2M magnesium chloride, 0.1M Tris-HCl , pH 8.0, VAPOR DIFFUSION, SITTING DROP, temperature 286K' 
_exptl_crystal_grow.pdbx_pH_range   . 
# 
_diffrn.id                     1 
_diffrn.ambient_temp           100 
_diffrn.ambient_temp_details   ? 
_diffrn.crystal_id             1 
# 
_diffrn_detector.diffrn_id              1 
_diffrn_detector.detector               CCD 
_diffrn_detector.type                   'ADSC QUANTUM 4' 
_diffrn_detector.pdbx_collection_date   2007-03-25 
_diffrn_detector.details                ? 
# 
_diffrn_radiation.diffrn_id                        1 
_diffrn_radiation.wavelength_id                    1 
_diffrn_radiation.pdbx_monochromatic_or_laue_m_l   M 
_diffrn_radiation.monochromator                    ? 
_diffrn_radiation.pdbx_diffrn_protocol             'SINGLE WAVELENGTH' 
_diffrn_radiation.pdbx_scattering_type             x-ray 
# 
_diffrn_radiation_wavelength.id           1 
_diffrn_radiation_wavelength.wavelength   . 
_diffrn_radiation_wavelength.wt           1.0 
# 
_diffrn_source.diffrn_id                   1 
_diffrn_source.source                      SYNCHROTRON 
_diffrn_source.type                        'SPRING-8 BEAMLINE BL12B2' 
_diffrn_source.pdbx_synchrotron_site       SPring-8 
_diffrn_source.pdbx_synchrotron_beamline   BL12B2 
_diffrn_source.pdbx_wavelength             ? 
_diffrn_source.pdbx_wavelength_list        ? 
# 
_reflns.entry_id                     2ZU3 
_reflns.observed_criterion_sigma_F   ? 
_reflns.observed_criterion_sigma_I   1 
_reflns.d_resolution_high            1.75 
_reflns.d_resolution_low             50.0 
_reflns.number_all                   17634 
_reflns.number_obs                   17369 
_reflns.percent_possible_obs         98.5 
_reflns.pdbx_Rmerge_I_obs            0.041 
_reflns.pdbx_Rsym_value              ? 
_reflns.pdbx_netI_over_sigmaI        25.6 
_reflns.B_iso_Wilson_estimate        ? 
_reflns.pdbx_redundancy              4.7 
_reflns.R_free_details               ? 
_reflns.limit_h_max                  ? 
_reflns.limit_h_min                  ? 
_reflns.limit_k_max                  ? 
_reflns.limit_k_min                  ? 
_reflns.limit_l_max                  ? 
_reflns.limit_l_min                  ? 
_reflns.observed_criterion_F_max     ? 
_reflns.observed_criterion_F_min     ? 
_reflns.pdbx_chi_squared             ? 
_reflns.pdbx_scaling_rejects         ? 
_reflns.pdbx_ordinal                 1 
_reflns.pdbx_diffrn_id               1 
# 
_reflns_shell.d_res_high             1.75 
_reflns_shell.d_res_low              1.81 
_reflns_shell.percent_possible_all   ? 
_reflns_shell.Rmerge_I_obs           0.479 
_reflns_shell.pdbx_Rsym_value        ? 
_reflns_shell.meanI_over_sigI_obs    2.0 
_reflns_shell.pdbx_redundancy        4.3 
_reflns_shell.percent_possible_obs   ? 
_reflns_shell.number_unique_all      1718 
_reflns_shell.number_measured_all    ? 
_reflns_shell.number_measured_obs    ? 
_reflns_shell.number_unique_obs      ? 
_reflns_shell.pdbx_chi_squared       ? 
_reflns_shell.pdbx_ordinal           1 
_reflns_shell.pdbx_diffrn_id         1 
# 
_refine.pdbx_refine_id                           'X-RAY DIFFRACTION' 
_refine.entry_id                                 2ZU3 
_refine.ls_number_reflns_obs                     16266 
_refine.ls_number_reflns_all                     17582 
_refine.pdbx_ls_sigma_I                          0 
_refine.pdbx_ls_sigma_F                          0 
_refine.pdbx_data_cutoff_high_absF               ? 
_refine.pdbx_data_cutoff_low_absF                ? 
_refine.pdbx_data_cutoff_high_rms_absF           ? 
_refine.ls_d_res_low                             25.03 
_refine.ls_d_res_high                            1.75 
_refine.ls_percent_reflns_obs                    92.5 
_refine.ls_R_factor_obs                          0.192 
_refine.ls_R_factor_all                          ? 
_refine.ls_R_factor_R_work                       0.192 
_refine.ls_R_factor_R_free                       0.219 
_refine.ls_R_factor_R_free_error                 ? 
_refine.ls_R_factor_R_free_error_details         ? 
_refine.ls_percent_reflns_R_free                 4.500 
_refine.ls_number_reflns_R_free                  793 
_refine.ls_number_parameters                     ? 
_refine.ls_number_restraints                     ? 
_refine.correlation_coeff_Fo_to_Fc               ? 
_refine.correlation_coeff_Fo_to_Fc_free          ? 
_refine.B_iso_mean                               34.23 
_refine.aniso_B[1][1]                            0.055 
_refine.aniso_B[2][2]                            8.522 
_refine.aniso_B[3][3]                            -8.577 
_refine.aniso_B[1][2]                            0.000 
_refine.aniso_B[1][3]                            -6.482 
_refine.aniso_B[2][3]                            0.000 
_refine.solvent_model_details                    ? 
_refine.solvent_model_param_ksol                 ? 
_refine.solvent_model_param_bsol                 86.849 
_refine.pdbx_solvent_vdw_probe_radii             ? 
_refine.pdbx_solvent_ion_probe_radii             ? 
_refine.pdbx_solvent_shrinkage_radii             ? 
_refine.pdbx_ls_cross_valid_method               THROUGHOUT 
_refine.details                                  ? 
_refine.pdbx_starting_model                      'PDB ENTRY 2ZTX' 
_refine.pdbx_method_to_determine_struct          'MOLECULAR REPLACEMENT' 
_refine.pdbx_isotropic_thermal_model             Overall 
_refine.pdbx_stereochemistry_target_values       'Engh & Huber' 
_refine.pdbx_stereochem_target_val_spec_case     ? 
_refine.pdbx_R_Free_selection_details            RANDOM 
_refine.pdbx_overall_ESU_R_Free                  ? 
_refine.overall_SU_ML                            ? 
_refine.pdbx_overall_phase_error                 ? 
_refine.overall_SU_B                             ? 
_refine.ls_redundancy_reflns_obs                 ? 
_refine.overall_SU_R_Cruickshank_DPI             ? 
_refine.overall_SU_R_free                        ? 
_refine.ls_wR_factor_R_free                      ? 
_refine.ls_wR_factor_R_work                      ? 
_refine.overall_FOM_free_R_set                   ? 
_refine.overall_FOM_work_R_set                   ? 
_refine.pdbx_overall_ESU_R                       ? 
_refine.pdbx_diffrn_id                           1 
_refine.B_iso_max                                82.47 
_refine.B_iso_min                                17.47 
_refine.occupancy_max                            1.00 
_refine.occupancy_min                            1.00 
_refine.pdbx_TLS_residual_ADP_flag               ? 
_refine.pdbx_overall_SU_R_free_Cruickshank_DPI   ? 
_refine.pdbx_overall_SU_R_Blow_DPI               ? 
_refine.pdbx_overall_SU_R_free_Blow_DPI          ? 
# 
_refine_hist.pdbx_refine_id                   'X-RAY DIFFRACTION' 
_refine_hist.cycle_id                         LAST 
_refine_hist.pdbx_number_atoms_protein        1398 
_refine_hist.pdbx_number_atoms_nucleic_acid   0 
_refine_hist.pdbx_number_atoms_ligand         44 
_refine_hist.number_atoms_solvent             199 
_refine_hist.number_atoms_total               1641 
_refine_hist.d_res_high                       1.75 
_refine_hist.d_res_low                        25.03 
# 
loop_
_refine_ls_restr.type 
_refine_ls_restr.number 
_refine_ls_restr.dev_ideal 
_refine_ls_restr.dev_ideal_target 
_refine_ls_restr.weight 
_refine_ls_restr.pdbx_refine_id 
_refine_ls_restr.pdbx_restraint_function 
c_bond_d    ? 0.018 ? ? 'X-RAY DIFFRACTION' ? 
c_angle_deg ? 2.193 ? ? 'X-RAY DIFFRACTION' ? 
# 
_struct.entry_id                  2ZU3 
_struct.title                     'Complex structure of CVB3 3C protease with TG-0204998' 
_struct.pdbx_model_details        ? 
_struct.pdbx_CASP_flag            ? 
_struct.pdbx_model_type_details   ? 
# 
_struct_keywords.entry_id        2ZU3 
_struct_keywords.pdbx_keywords   'hydrolase/hydrolase inhibitor' 
_struct_keywords.text            'protease-inhibitor complex, Hydrolase, Thiol protease, hydrolase-hydrolase inhibitor complex' 
# 
loop_
_struct_asym.id 
_struct_asym.pdbx_blank_PDB_chainid_flag 
_struct_asym.pdbx_modified 
_struct_asym.entity_id 
_struct_asym.details 
A N N 1 ? 
B N N 2 ? 
C N N 3 ? 
# 
_struct_ref.id                         1 
_struct_ref.db_name                    UNP 
_struct_ref.db_code                    Q90092_9ENTO 
_struct_ref.pdbx_db_accession          Q90092 
_struct_ref.entity_id                  1 
_struct_ref.pdbx_seq_one_letter_code   
;GPAFEFAVAMMKRNSSTVKTEYGEFTMLGIYDRWAVLPRHAKPGPTILMNDQEVGVLDAKELVDKDGTNLELTLLKLNRN
EKFRDIRGFLAKEEVEVNEAVLAINTSKFPNMYIPVGQVTEYGFLNLGGTPTKRMLMYNFPTRAGQCGGVLMSTGKVLGI
HVGGNGHQGFSAALLKHYFNDEQ
;
_struct_ref.pdbx_align_begin           14 
_struct_ref.pdbx_db_isoform            ? 
# 
_struct_ref_seq.align_id                      1 
_struct_ref_seq.ref_id                        1 
_struct_ref_seq.pdbx_PDB_id_code              2ZU3 
_struct_ref_seq.pdbx_strand_id                A 
_struct_ref_seq.seq_align_beg                 1 
_struct_ref_seq.pdbx_seq_align_beg_ins_code   ? 
_struct_ref_seq.seq_align_end                 183 
_struct_ref_seq.pdbx_seq_align_end_ins_code   ? 
_struct_ref_seq.pdbx_db_accession             Q90092 
_struct_ref_seq.db_align_beg                  14 
_struct_ref_seq.pdbx_db_align_beg_ins_code    ? 
_struct_ref_seq.db_align_end                  196 
_struct_ref_seq.pdbx_db_align_end_ins_code    ? 
_struct_ref_seq.pdbx_auth_seq_align_beg       1 
_struct_ref_seq.pdbx_auth_seq_align_end       183 
# 
loop_
_pdbx_struct_assembly.id 
_pdbx_struct_assembly.details 
_pdbx_struct_assembly.method_details 
_pdbx_struct_assembly.oligomeric_details 
_pdbx_struct_assembly.oligomeric_count 
1 author_defined_assembly   ?    monomeric 1 
2 software_defined_assembly PISA dimeric   2 
# 
loop_
_pdbx_struct_assembly_prop.biol_id 
_pdbx_struct_assembly_prop.type 
_pdbx_struct_assembly_prop.value 
_pdbx_struct_assembly_prop.details 
2 'ABSA (A^2)' 1530  ? 
2 MORE         -13   ? 
2 'SSA (A^2)'  15580 ? 
# 
loop_
_pdbx_struct_assembly_gen.assembly_id 
_pdbx_struct_assembly_gen.oper_expression 
_pdbx_struct_assembly_gen.asym_id_list 
1 1   A,B,C 
2 1,2 A,B,C 
# 
loop_
_pdbx_struct_oper_list.id 
_pdbx_struct_oper_list.type 
_pdbx_struct_oper_list.name 
_pdbx_struct_oper_list.symmetry_operation 
_pdbx_struct_oper_list.matrix[1][1] 
_pdbx_struct_oper_list.matrix[1][2] 
_pdbx_struct_oper_list.matrix[1][3] 
_pdbx_struct_oper_list.vector[1] 
_pdbx_struct_oper_list.matrix[2][1] 
_pdbx_struct_oper_list.matrix[2][2] 
_pdbx_struct_oper_list.matrix[2][3] 
_pdbx_struct_oper_list.vector[2] 
_pdbx_struct_oper_list.matrix[3][1] 
_pdbx_struct_oper_list.matrix[3][2] 
_pdbx_struct_oper_list.matrix[3][3] 
_pdbx_struct_oper_list.vector[3] 
1 'identity operation'         1_555 x,y,z       1.0000000000  0.0000000000  0.0000000000  0.0000000000  0.0000000000  1.0000000000 0.0000000000 0.0000000000  0.0000000000  0.0000000000 1.0000000000  0.0000000000  
2 'crystal symmetry operation' 2_656 -x+1,y,-z+1 -0.2617117397 -0.9339407722 -0.2434370541 23.1463740326 -0.9339407722 0.1814428224 0.3079498924 13.8157228087 -0.2434370541 0.3079498924 -0.9197310827 17.1938877750 
# 
_struct_biol.id        1 
_struct_biol.details   ? 
# 
loop_
_struct_conf.conf_type_id 
_struct_conf.id 
_struct_conf.pdbx_PDB_helix_id 
_struct_conf.beg_label_comp_id 
_struct_conf.beg_label_asym_id 
_struct_conf.beg_label_seq_id 
_struct_conf.pdbx_beg_PDB_ins_code 
_struct_conf.end_label_comp_id 
_struct_conf.end_label_asym_id 
_struct_conf.end_label_seq_id 
_struct_conf.pdbx_end_PDB_ins_code 
_struct_conf.beg_auth_comp_id 
_struct_conf.beg_auth_asym_id 
_struct_conf.beg_auth_seq_id 
_struct_conf.end_auth_comp_id 
_struct_conf.end_auth_asym_id 
_struct_conf.end_auth_seq_id 
_struct_conf.pdbx_PDB_helix_class 
_struct_conf.details 
_struct_conf.pdbx_PDB_helix_length 
HELX_P HELX_P1 1 GLY A 1   ? ASN A 14  ? GLY A 1   ASN A 14  1 ? 14 
HELX_P HELX_P2 2 HIS A 40  ? LYS A 42  ? HIS A 40  LYS A 42  5 ? 3  
HELX_P HELX_P3 3 ILE A 86  ? LEU A 90  ? ILE A 86  LEU A 90  5 ? 5  
HELX_P HELX_P4 4 LEU A 175 ? ASN A 180 ? LEU A 175 ASN A 180 5 ? 6  
# 
_struct_conf_type.id          HELX_P 
_struct_conf_type.criteria    ? 
_struct_conf_type.reference   ? 
# 
_struct_conn.id                            covale1 
_struct_conn.conn_type_id                  covale 
_struct_conn.pdbx_leaving_atom_flag        none 
_struct_conn.pdbx_PDB_id                   ? 
_struct_conn.ptnr1_label_asym_id           A 
_struct_conn.ptnr1_label_comp_id           CYS 
_struct_conn.ptnr1_label_seq_id            147 
_struct_conn.ptnr1_label_atom_id           SG 
_struct_conn.pdbx_ptnr1_label_alt_id       ? 
_struct_conn.pdbx_ptnr1_PDB_ins_code       ? 
_struct_conn.pdbx_ptnr1_standard_comp_id   ? 
_struct_conn.ptnr1_symmetry                1_555 
_struct_conn.ptnr2_label_asym_id           B 
_struct_conn.ptnr2_label_comp_id           ZU3 
_struct_conn.ptnr2_label_seq_id            . 
_struct_conn.ptnr2_label_atom_id           C63 
_struct_conn.pdbx_ptnr2_label_alt_id       ? 
_struct_conn.pdbx_ptnr2_PDB_ins_code       ? 
_struct_conn.ptnr1_auth_asym_id            A 
_struct_conn.ptnr1_auth_comp_id            CYS 
_struct_conn.ptnr1_auth_seq_id             147 
_struct_conn.ptnr2_auth_asym_id            A 
_struct_conn.ptnr2_auth_comp_id            ZU3 
_struct_conn.ptnr2_auth_seq_id             501 
_struct_conn.ptnr2_symmetry                1_555 
_struct_conn.pdbx_ptnr3_label_atom_id      ? 
_struct_conn.pdbx_ptnr3_label_seq_id       ? 
_struct_conn.pdbx_ptnr3_label_comp_id      ? 
_struct_conn.pdbx_ptnr3_label_asym_id      ? 
_struct_conn.pdbx_ptnr3_label_alt_id       ? 
_struct_conn.pdbx_ptnr3_PDB_ins_code       ? 
_struct_conn.details                       ? 
_struct_conn.pdbx_dist_value               1.863 
_struct_conn.pdbx_value_order              ? 
_struct_conn.pdbx_role                     ? 
# 
_struct_conn_type.id          covale 
_struct_conn_type.criteria    ? 
_struct_conn_type.reference   ? 
# 
_pdbx_modification_feature.ordinal                            1 
_pdbx_modification_feature.label_comp_id                      ZU3 
_pdbx_modification_feature.label_asym_id                      B 
_pdbx_modification_feature.label_seq_id                       . 
_pdbx_modification_feature.label_alt_id                       ? 
_pdbx_modification_feature.modified_residue_label_comp_id     CYS 
_pdbx_modification_feature.modified_residue_label_asym_id     A 
_pdbx_modification_feature.modified_residue_label_seq_id      147 
_pdbx_modification_feature.modified_residue_label_alt_id      ? 
_pdbx_modification_feature.auth_comp_id                       ZU3 
_pdbx_modification_feature.auth_asym_id                       A 
_pdbx_modification_feature.auth_seq_id                        501 
_pdbx_modification_feature.PDB_ins_code                       ? 
_pdbx_modification_feature.symmetry                           1_555 
_pdbx_modification_feature.modified_residue_auth_comp_id      CYS 
_pdbx_modification_feature.modified_residue_auth_asym_id      A 
_pdbx_modification_feature.modified_residue_auth_seq_id       147 
_pdbx_modification_feature.modified_residue_PDB_ins_code      ? 
_pdbx_modification_feature.modified_residue_symmetry          1_555 
_pdbx_modification_feature.comp_id_linking_atom               C63 
_pdbx_modification_feature.modified_residue_id_linking_atom   SG 
_pdbx_modification_feature.modified_residue_id                CYS 
_pdbx_modification_feature.ref_pcm_id                         1 
_pdbx_modification_feature.ref_comp_id                        ZU3 
_pdbx_modification_feature.type                               None 
_pdbx_modification_feature.category                           'Covalent chemical modification' 
# 
loop_
_struct_sheet.id 
_struct_sheet.type 
_struct_sheet.number_strands 
_struct_sheet.details 
A ? 7 ? 
B ? 7 ? 
# 
loop_
_struct_sheet_order.sheet_id 
_struct_sheet_order.range_id_1 
_struct_sheet_order.range_id_2 
_struct_sheet_order.offset 
_struct_sheet_order.sense 
A 1 2 ? anti-parallel 
A 2 3 ? anti-parallel 
A 3 4 ? anti-parallel 
A 4 5 ? anti-parallel 
A 5 6 ? anti-parallel 
A 6 7 ? anti-parallel 
B 1 2 ? anti-parallel 
B 2 3 ? anti-parallel 
B 3 4 ? anti-parallel 
B 4 5 ? anti-parallel 
B 5 6 ? anti-parallel 
B 6 7 ? anti-parallel 
# 
loop_
_struct_sheet_range.sheet_id 
_struct_sheet_range.id 
_struct_sheet_range.beg_label_comp_id 
_struct_sheet_range.beg_label_asym_id 
_struct_sheet_range.beg_label_seq_id 
_struct_sheet_range.pdbx_beg_PDB_ins_code 
_struct_sheet_range.end_label_comp_id 
_struct_sheet_range.end_label_asym_id 
_struct_sheet_range.end_label_seq_id 
_struct_sheet_range.pdbx_end_PDB_ins_code 
_struct_sheet_range.beg_auth_comp_id 
_struct_sheet_range.beg_auth_asym_id 
_struct_sheet_range.beg_auth_seq_id 
_struct_sheet_range.end_auth_comp_id 
_struct_sheet_range.end_auth_asym_id 
_struct_sheet_range.end_auth_seq_id 
A 1 SER A 15  ? THR A 20  ? SER A 15  THR A 20  
A 2 GLY A 23  ? TYR A 31  ? GLY A 23  TYR A 31  
A 3 TRP A 34  ? PRO A 38  ? TRP A 34  PRO A 38  
A 4 ASN A 69  ? ASN A 78  ? ASN A 69  ASN A 78  
A 5 GLN A 52  ? VAL A 63  ? GLN A 52  VAL A 63  
A 6 THR A 46  ? MET A 49  ? THR A 46  MET A 49  
A 7 SER A 15  ? THR A 20  ? SER A 15  THR A 20  
B 1 VAL A 97  ? ILE A 104 ? VAL A 97  ILE A 104 
B 2 MET A 112 ? LEU A 127 ? MET A 112 LEU A 127 
B 3 THR A 130 ? ASN A 139 ? THR A 130 ASN A 139 
B 4 GLN A 168 ? ALA A 173 ? GLN A 168 ALA A 173 
B 5 LYS A 156 ? ASN A 165 ? LYS A 156 ASN A 165 
B 6 VAL A 150 ? SER A 153 ? VAL A 150 SER A 153 
B 7 VAL A 97  ? ILE A 104 ? VAL A 97  ILE A 104 
# 
loop_
_pdbx_struct_sheet_hbond.sheet_id 
_pdbx_struct_sheet_hbond.range_id_1 
_pdbx_struct_sheet_hbond.range_id_2 
_pdbx_struct_sheet_hbond.range_1_label_atom_id 
_pdbx_struct_sheet_hbond.range_1_label_comp_id 
_pdbx_struct_sheet_hbond.range_1_label_asym_id 
_pdbx_struct_sheet_hbond.range_1_label_seq_id 
_pdbx_struct_sheet_hbond.range_1_PDB_ins_code 
_pdbx_struct_sheet_hbond.range_1_auth_atom_id 
_pdbx_struct_sheet_hbond.range_1_auth_comp_id 
_pdbx_struct_sheet_hbond.range_1_auth_asym_id 
_pdbx_struct_sheet_hbond.range_1_auth_seq_id 
_pdbx_struct_sheet_hbond.range_2_label_atom_id 
_pdbx_struct_sheet_hbond.range_2_label_comp_id 
_pdbx_struct_sheet_hbond.range_2_label_asym_id 
_pdbx_struct_sheet_hbond.range_2_label_seq_id 
_pdbx_struct_sheet_hbond.range_2_PDB_ins_code 
_pdbx_struct_sheet_hbond.range_2_auth_atom_id 
_pdbx_struct_sheet_hbond.range_2_auth_comp_id 
_pdbx_struct_sheet_hbond.range_2_auth_asym_id 
_pdbx_struct_sheet_hbond.range_2_auth_seq_id 
A 1 2 N VAL A 18  ? N VAL A 18  O PHE A 25  ? O PHE A 25  
A 2 3 N TYR A 31  ? N TYR A 31  O TRP A 34  ? O TRP A 34  
A 3 4 N LEU A 37  ? N LEU A 37  O THR A 73  ? O THR A 73  
A 4 5 O ASN A 78  ? O ASN A 78  N GLY A 55  ? N GLY A 55  
A 5 6 O GLN A 52  ? O GLN A 52  N MET A 49  ? N MET A 49  
A 6 7 O LEU A 48  ? O LEU A 48  N LYS A 19  ? N LYS A 19  
B 1 2 N ILE A 104 ? N ILE A 104 O MET A 112 ? O MET A 112 
B 2 3 N LEU A 127 ? N LEU A 127 O THR A 130 ? O THR A 130 
B 3 4 N TYR A 138 ? N TYR A 138 O GLY A 169 ? O GLY A 169 
B 4 5 O ALA A 172 ? O ALA A 172 N ILE A 160 ? N ILE A 160 
B 5 6 O GLY A 159 ? O GLY A 159 N LEU A 151 ? N LEU A 151 
B 6 7 O MET A 152 ? O MET A 152 N VAL A 101 ? N VAL A 101 
# 
_struct_site.id                   AC1 
_struct_site.pdbx_evidence_code   Software 
_struct_site.pdbx_auth_asym_id    A 
_struct_site.pdbx_auth_comp_id    ZU3 
_struct_site.pdbx_auth_seq_id     501 
_struct_site.pdbx_auth_ins_code   ? 
_struct_site.pdbx_num_residues    18 
_struct_site.details              'BINDING SITE FOR RESIDUE ZU3 A 501' 
# 
loop_
_struct_site_gen.id 
_struct_site_gen.site_id 
_struct_site_gen.pdbx_num_res 
_struct_site_gen.label_comp_id 
_struct_site_gen.label_asym_id 
_struct_site_gen.label_seq_id 
_struct_site_gen.pdbx_auth_ins_code 
_struct_site_gen.auth_comp_id 
_struct_site_gen.auth_asym_id 
_struct_site_gen.auth_seq_id 
_struct_site_gen.label_atom_id 
_struct_site_gen.label_alt_id 
_struct_site_gen.symmetry 
_struct_site_gen.details 
1  AC1 18 HIS A 40  ? HIS A 40  . ? 1_555 ? 
2  AC1 18 GLU A 71  ? GLU A 71  . ? 1_555 ? 
3  AC1 18 ASN A 126 ? ASN A 126 . ? 1_555 ? 
4  AC1 18 LEU A 127 ? LEU A 127 . ? 1_555 ? 
5  AC1 18 GLY A 128 ? GLY A 128 . ? 1_555 ? 
6  AC1 18 THR A 142 ? THR A 142 . ? 1_555 ? 
7  AC1 18 ARG A 143 ? ARG A 143 . ? 1_555 ? 
8  AC1 18 ALA A 144 ? ALA A 144 . ? 1_555 ? 
9  AC1 18 GLY A 145 ? GLY A 145 . ? 1_555 ? 
10 AC1 18 CYS A 147 ? CYS A 147 . ? 1_555 ? 
11 AC1 18 HIS A 161 ? HIS A 161 . ? 1_555 ? 
12 AC1 18 VAL A 162 ? VAL A 162 . ? 1_555 ? 
13 AC1 18 GLY A 163 ? GLY A 163 . ? 1_555 ? 
14 AC1 18 GLY A 164 ? GLY A 164 . ? 1_555 ? 
15 AC1 18 ASN A 165 ? ASN A 165 . ? 1_555 ? 
16 AC1 18 HOH C .   ? HOH A 317 . ? 1_555 ? 
17 AC1 18 HOH C .   ? HOH A 389 . ? 1_555 ? 
18 AC1 18 HOH C .   ? HOH A 402 . ? 1_555 ? 
# 
_pdbx_entry_details.entry_id                   2ZU3 
_pdbx_entry_details.nonpolymer_details         
;THE UNBOUND VERSION OF THE INHIBITOR HAS A DOUBLE BOND BETWEEN ATOMS C63 AND C82, WHICH OPENS UP WHEN IT COVALENTLY BINDS TO CYS 147 OF THE ENZYME
;
_pdbx_entry_details.sequence_details           ? 
_pdbx_entry_details.compound_details           ? 
_pdbx_entry_details.source_details             ? 
_pdbx_entry_details.has_ligand_of_interest     ? 
_pdbx_entry_details.has_protein_modification   Y 
# 
loop_
_pdbx_validate_close_contact.id 
_pdbx_validate_close_contact.PDB_model_num 
_pdbx_validate_close_contact.auth_atom_id_1 
_pdbx_validate_close_contact.auth_asym_id_1 
_pdbx_validate_close_contact.auth_comp_id_1 
_pdbx_validate_close_contact.auth_seq_id_1 
_pdbx_validate_close_contact.PDB_ins_code_1 
_pdbx_validate_close_contact.label_alt_id_1 
_pdbx_validate_close_contact.auth_atom_id_2 
_pdbx_validate_close_contact.auth_asym_id_2 
_pdbx_validate_close_contact.auth_comp_id_2 
_pdbx_validate_close_contact.auth_seq_id_2 
_pdbx_validate_close_contact.PDB_ins_code_2 
_pdbx_validate_close_contact.label_alt_id_2 
_pdbx_validate_close_contact.dist 
1  1 N   A GLY 1   ? ? O A HOH 234 ? ? 1.83 
2  1 O   A HOH 252 ? ? O A HOH 345 ? ? 1.96 
3  1 O   A HOH 253 ? ? O A HOH 336 ? ? 1.96 
4  1 O   A GLY 166 ? ? O A HOH 393 ? ? 1.99 
5  1 O   A HOH 230 ? ? O A HOH 347 ? ? 2.02 
6  1 O   A HOH 401 ? ? O A HOH 402 ? ? 2.02 
7  1 O   A HOH 288 ? ? O A HOH 307 ? ? 2.04 
8  1 O   A HOH 293 ? ? O A HOH 361 ? ? 2.06 
9  1 O   A HOH 344 ? ? O A HOH 345 ? ? 2.08 
10 1 O   A HOH 232 ? ? O A HOH 358 ? ? 2.09 
11 1 O   A HOH 284 ? ? O A HOH 326 ? ? 2.11 
12 1 O   A HOH 332 ? ? O A HOH 349 ? ? 2.14 
13 1 ND1 A HIS 177 ? ? O A HOH 221 ? ? 2.18 
14 1 O   A ASN 165 ? ? O A HOH 392 ? ? 2.19 
# 
loop_
_pdbx_validate_symm_contact.id 
_pdbx_validate_symm_contact.PDB_model_num 
_pdbx_validate_symm_contact.auth_atom_id_1 
_pdbx_validate_symm_contact.auth_asym_id_1 
_pdbx_validate_symm_contact.auth_comp_id_1 
_pdbx_validate_symm_contact.auth_seq_id_1 
_pdbx_validate_symm_contact.PDB_ins_code_1 
_pdbx_validate_symm_contact.label_alt_id_1 
_pdbx_validate_symm_contact.site_symmetry_1 
_pdbx_validate_symm_contact.auth_atom_id_2 
_pdbx_validate_symm_contact.auth_asym_id_2 
_pdbx_validate_symm_contact.auth_comp_id_2 
_pdbx_validate_symm_contact.auth_seq_id_2 
_pdbx_validate_symm_contact.PDB_ins_code_2 
_pdbx_validate_symm_contact.label_alt_id_2 
_pdbx_validate_symm_contact.site_symmetry_2 
_pdbx_validate_symm_contact.dist 
1 1 O A HOH 319 ? ? 1_555 O A HOH 319 ? ? 2_656 1.74 
2 1 O A HOH 331 ? ? 1_555 O A HOH 331 ? ? 2_556 1.75 
# 
loop_
_pdbx_validate_rmsd_angle.id 
_pdbx_validate_rmsd_angle.PDB_model_num 
_pdbx_validate_rmsd_angle.auth_atom_id_1 
_pdbx_validate_rmsd_angle.auth_asym_id_1 
_pdbx_validate_rmsd_angle.auth_comp_id_1 
_pdbx_validate_rmsd_angle.auth_seq_id_1 
_pdbx_validate_rmsd_angle.PDB_ins_code_1 
_pdbx_validate_rmsd_angle.label_alt_id_1 
_pdbx_validate_rmsd_angle.auth_atom_id_2 
_pdbx_validate_rmsd_angle.auth_asym_id_2 
_pdbx_validate_rmsd_angle.auth_comp_id_2 
_pdbx_validate_rmsd_angle.auth_seq_id_2 
_pdbx_validate_rmsd_angle.PDB_ins_code_2 
_pdbx_validate_rmsd_angle.label_alt_id_2 
_pdbx_validate_rmsd_angle.auth_atom_id_3 
_pdbx_validate_rmsd_angle.auth_asym_id_3 
_pdbx_validate_rmsd_angle.auth_comp_id_3 
_pdbx_validate_rmsd_angle.auth_seq_id_3 
_pdbx_validate_rmsd_angle.PDB_ins_code_3 
_pdbx_validate_rmsd_angle.label_alt_id_3 
_pdbx_validate_rmsd_angle.angle_value 
_pdbx_validate_rmsd_angle.angle_target_value 
_pdbx_validate_rmsd_angle.angle_deviation 
_pdbx_validate_rmsd_angle.angle_standard_deviation 
_pdbx_validate_rmsd_angle.linker_flag 
1 1 CB A VAL 36  ? ? CA A VAL 36  ? ? C  A VAL 36  ? ? 96.82  111.40 -14.58 1.90 N 
2 1 CA A LEU 158 ? ? CB A LEU 158 ? ? CG A LEU 158 ? ? 133.67 115.30 18.37  2.30 N 
# 
loop_
_pdbx_validate_torsion.id 
_pdbx_validate_torsion.PDB_model_num 
_pdbx_validate_torsion.auth_comp_id 
_pdbx_validate_torsion.auth_asym_id 
_pdbx_validate_torsion.auth_seq_id 
_pdbx_validate_torsion.PDB_ins_code 
_pdbx_validate_torsion.label_alt_id 
_pdbx_validate_torsion.phi 
_pdbx_validate_torsion.psi 
1 1 ASP A 32  ? ? 42.58   -123.10 
2 1 LYS A 42  ? ? 39.89   55.85   
3 1 ASN A 111 ? ? 38.13   61.78   
4 1 PHE A 140 ? ? -174.30 146.67  
5 1 ASN A 165 ? ? 177.46  141.18  
# 
_pdbx_validate_planes.id              1 
_pdbx_validate_planes.PDB_model_num   1 
_pdbx_validate_planes.auth_comp_id    TYR 
_pdbx_validate_planes.auth_asym_id    A 
_pdbx_validate_planes.auth_seq_id     122 
_pdbx_validate_planes.PDB_ins_code    ? 
_pdbx_validate_planes.label_alt_id    ? 
_pdbx_validate_planes.rmsd            0.066 
_pdbx_validate_planes.type            'SIDE CHAIN' 
# 
_pdbx_molecule_features.prd_id    PRD_000568 
_pdbx_molecule_features.name      TG-0204998 
_pdbx_molecule_features.type      Peptide-like 
_pdbx_molecule_features.class     'Enzyme inhibitor' 
_pdbx_molecule_features.details   ? 
# 
_pdbx_molecule.instance_id   1 
_pdbx_molecule.prd_id        PRD_000568 
_pdbx_molecule.asym_id       B 
# 
_pdbx_struct_special_symmetry.id              1 
_pdbx_struct_special_symmetry.PDB_model_num   1 
_pdbx_struct_special_symmetry.auth_asym_id    A 
_pdbx_struct_special_symmetry.auth_comp_id    HOH 
_pdbx_struct_special_symmetry.auth_seq_id     341 
_pdbx_struct_special_symmetry.PDB_ins_code    ? 
_pdbx_struct_special_symmetry.label_asym_id   C 
_pdbx_struct_special_symmetry.label_comp_id   HOH 
_pdbx_struct_special_symmetry.label_seq_id    . 
# 
loop_
_pdbx_unobs_or_zero_occ_residues.id 
_pdbx_unobs_or_zero_occ_residues.PDB_model_num 
_pdbx_unobs_or_zero_occ_residues.polymer_flag 
_pdbx_unobs_or_zero_occ_residues.occupancy_flag 
_pdbx_unobs_or_zero_occ_residues.auth_asym_id 
_pdbx_unobs_or_zero_occ_residues.auth_comp_id 
_pdbx_unobs_or_zero_occ_residues.auth_seq_id 
_pdbx_unobs_or_zero_occ_residues.PDB_ins_code 
_pdbx_unobs_or_zero_occ_residues.label_asym_id 
_pdbx_unobs_or_zero_occ_residues.label_comp_id 
_pdbx_unobs_or_zero_occ_residues.label_seq_id 
1 1 Y 1 A ASP 181 ? A ASP 181 
2 1 Y 1 A GLU 182 ? A GLU 182 
3 1 Y 1 A GLN 183 ? A GLN 183 
# 
loop_
_chem_comp_atom.comp_id 
_chem_comp_atom.atom_id 
_chem_comp_atom.type_symbol 
_chem_comp_atom.pdbx_aromatic_flag 
_chem_comp_atom.pdbx_stereo_config 
_chem_comp_atom.pdbx_ordinal 
ALA N    N N N 1   
ALA CA   C N S 2   
ALA C    C N N 3   
ALA O    O N N 4   
ALA CB   C N N 5   
ALA OXT  O N N 6   
ALA H    H N N 7   
ALA H2   H N N 8   
ALA HA   H N N 9   
ALA HB1  H N N 10  
ALA HB2  H N N 11  
ALA HB3  H N N 12  
ALA HXT  H N N 13  
ARG N    N N N 14  
ARG CA   C N S 15  
ARG C    C N N 16  
ARG O    O N N 17  
ARG CB   C N N 18  
ARG CG   C N N 19  
ARG CD   C N N 20  
ARG NE   N N N 21  
ARG CZ   C N N 22  
ARG NH1  N N N 23  
ARG NH2  N N N 24  
ARG OXT  O N N 25  
ARG H    H N N 26  
ARG H2   H N N 27  
ARG HA   H N N 28  
ARG HB2  H N N 29  
ARG HB3  H N N 30  
ARG HG2  H N N 31  
ARG HG3  H N N 32  
ARG HD2  H N N 33  
ARG HD3  H N N 34  
ARG HE   H N N 35  
ARG HH11 H N N 36  
ARG HH12 H N N 37  
ARG HH21 H N N 38  
ARG HH22 H N N 39  
ARG HXT  H N N 40  
ASN N    N N N 41  
ASN CA   C N S 42  
ASN C    C N N 43  
ASN O    O N N 44  
ASN CB   C N N 45  
ASN CG   C N N 46  
ASN OD1  O N N 47  
ASN ND2  N N N 48  
ASN OXT  O N N 49  
ASN H    H N N 50  
ASN H2   H N N 51  
ASN HA   H N N 52  
ASN HB2  H N N 53  
ASN HB3  H N N 54  
ASN HD21 H N N 55  
ASN HD22 H N N 56  
ASN HXT  H N N 57  
ASP N    N N N 58  
ASP CA   C N S 59  
ASP C    C N N 60  
ASP O    O N N 61  
ASP CB   C N N 62  
ASP CG   C N N 63  
ASP OD1  O N N 64  
ASP OD2  O N N 65  
ASP OXT  O N N 66  
ASP H    H N N 67  
ASP H2   H N N 68  
ASP HA   H N N 69  
ASP HB2  H N N 70  
ASP HB3  H N N 71  
ASP HD2  H N N 72  
ASP HXT  H N N 73  
CYS N    N N N 74  
CYS CA   C N R 75  
CYS C    C N N 76  
CYS O    O N N 77  
CYS CB   C N N 78  
CYS SG   S N N 79  
CYS OXT  O N N 80  
CYS H    H N N 81  
CYS H2   H N N 82  
CYS HA   H N N 83  
CYS HB2  H N N 84  
CYS HB3  H N N 85  
CYS HG   H N N 86  
CYS HXT  H N N 87  
GLN N    N N N 88  
GLN CA   C N S 89  
GLN C    C N N 90  
GLN O    O N N 91  
GLN CB   C N N 92  
GLN CG   C N N 93  
GLN CD   C N N 94  
GLN OE1  O N N 95  
GLN NE2  N N N 96  
GLN OXT  O N N 97  
GLN H    H N N 98  
GLN H2   H N N 99  
GLN HA   H N N 100 
GLN HB2  H N N 101 
GLN HB3  H N N 102 
GLN HG2  H N N 103 
GLN HG3  H N N 104 
GLN HE21 H N N 105 
GLN HE22 H N N 106 
GLN HXT  H N N 107 
GLU N    N N N 108 
GLU CA   C N S 109 
GLU C    C N N 110 
GLU O    O N N 111 
GLU CB   C N N 112 
GLU CG   C N N 113 
GLU CD   C N N 114 
GLU OE1  O N N 115 
GLU OE2  O N N 116 
GLU OXT  O N N 117 
GLU H    H N N 118 
GLU H2   H N N 119 
GLU HA   H N N 120 
GLU HB2  H N N 121 
GLU HB3  H N N 122 
GLU HG2  H N N 123 
GLU HG3  H N N 124 
GLU HE2  H N N 125 
GLU HXT  H N N 126 
GLY N    N N N 127 
GLY CA   C N N 128 
GLY C    C N N 129 
GLY O    O N N 130 
GLY OXT  O N N 131 
GLY H    H N N 132 
GLY H2   H N N 133 
GLY HA2  H N N 134 
GLY HA3  H N N 135 
GLY HXT  H N N 136 
HIS N    N N N 137 
HIS CA   C N S 138 
HIS C    C N N 139 
HIS O    O N N 140 
HIS CB   C N N 141 
HIS CG   C Y N 142 
HIS ND1  N Y N 143 
HIS CD2  C Y N 144 
HIS CE1  C Y N 145 
HIS NE2  N Y N 146 
HIS OXT  O N N 147 
HIS H    H N N 148 
HIS H2   H N N 149 
HIS HA   H N N 150 
HIS HB2  H N N 151 
HIS HB3  H N N 152 
HIS HD1  H N N 153 
HIS HD2  H N N 154 
HIS HE1  H N N 155 
HIS HE2  H N N 156 
HIS HXT  H N N 157 
HOH O    O N N 158 
HOH H1   H N N 159 
HOH H2   H N N 160 
ILE N    N N N 161 
ILE CA   C N S 162 
ILE C    C N N 163 
ILE O    O N N 164 
ILE CB   C N S 165 
ILE CG1  C N N 166 
ILE CG2  C N N 167 
ILE CD1  C N N 168 
ILE OXT  O N N 169 
ILE H    H N N 170 
ILE H2   H N N 171 
ILE HA   H N N 172 
ILE HB   H N N 173 
ILE HG12 H N N 174 
ILE HG13 H N N 175 
ILE HG21 H N N 176 
ILE HG22 H N N 177 
ILE HG23 H N N 178 
ILE HD11 H N N 179 
ILE HD12 H N N 180 
ILE HD13 H N N 181 
ILE HXT  H N N 182 
LEU N    N N N 183 
LEU CA   C N S 184 
LEU C    C N N 185 
LEU O    O N N 186 
LEU CB   C N N 187 
LEU CG   C N N 188 
LEU CD1  C N N 189 
LEU CD2  C N N 190 
LEU OXT  O N N 191 
LEU H    H N N 192 
LEU H2   H N N 193 
LEU HA   H N N 194 
LEU HB2  H N N 195 
LEU HB3  H N N 196 
LEU HG   H N N 197 
LEU HD11 H N N 198 
LEU HD12 H N N 199 
LEU HD13 H N N 200 
LEU HD21 H N N 201 
LEU HD22 H N N 202 
LEU HD23 H N N 203 
LEU HXT  H N N 204 
LYS N    N N N 205 
LYS CA   C N S 206 
LYS C    C N N 207 
LYS O    O N N 208 
LYS CB   C N N 209 
LYS CG   C N N 210 
LYS CD   C N N 211 
LYS CE   C N N 212 
LYS NZ   N N N 213 
LYS OXT  O N N 214 
LYS H    H N N 215 
LYS H2   H N N 216 
LYS HA   H N N 217 
LYS HB2  H N N 218 
LYS HB3  H N N 219 
LYS HG2  H N N 220 
LYS HG3  H N N 221 
LYS HD2  H N N 222 
LYS HD3  H N N 223 
LYS HE2  H N N 224 
LYS HE3  H N N 225 
LYS HZ1  H N N 226 
LYS HZ2  H N N 227 
LYS HZ3  H N N 228 
LYS HXT  H N N 229 
MET N    N N N 230 
MET CA   C N S 231 
MET C    C N N 232 
MET O    O N N 233 
MET CB   C N N 234 
MET CG   C N N 235 
MET SD   S N N 236 
MET CE   C N N 237 
MET OXT  O N N 238 
MET H    H N N 239 
MET H2   H N N 240 
MET HA   H N N 241 
MET HB2  H N N 242 
MET HB3  H N N 243 
MET HG2  H N N 244 
MET HG3  H N N 245 
MET HE1  H N N 246 
MET HE2  H N N 247 
MET HE3  H N N 248 
MET HXT  H N N 249 
PHE N    N N N 250 
PHE CA   C N S 251 
PHE C    C N N 252 
PHE O    O N N 253 
PHE CB   C N N 254 
PHE CG   C Y N 255 
PHE CD1  C Y N 256 
PHE CD2  C Y N 257 
PHE CE1  C Y N 258 
PHE CE2  C Y N 259 
PHE CZ   C Y N 260 
PHE OXT  O N N 261 
PHE H    H N N 262 
PHE H2   H N N 263 
PHE HA   H N N 264 
PHE HB2  H N N 265 
PHE HB3  H N N 266 
PHE HD1  H N N 267 
PHE HD2  H N N 268 
PHE HE1  H N N 269 
PHE HE2  H N N 270 
PHE HZ   H N N 271 
PHE HXT  H N N 272 
PRO N    N N N 273 
PRO CA   C N S 274 
PRO C    C N N 275 
PRO O    O N N 276 
PRO CB   C N N 277 
PRO CG   C N N 278 
PRO CD   C N N 279 
PRO OXT  O N N 280 
PRO H    H N N 281 
PRO HA   H N N 282 
PRO HB2  H N N 283 
PRO HB3  H N N 284 
PRO HG2  H N N 285 
PRO HG3  H N N 286 
PRO HD2  H N N 287 
PRO HD3  H N N 288 
PRO HXT  H N N 289 
SER N    N N N 290 
SER CA   C N S 291 
SER C    C N N 292 
SER O    O N N 293 
SER CB   C N N 294 
SER OG   O N N 295 
SER OXT  O N N 296 
SER H    H N N 297 
SER H2   H N N 298 
SER HA   H N N 299 
SER HB2  H N N 300 
SER HB3  H N N 301 
SER HG   H N N 302 
SER HXT  H N N 303 
THR N    N N N 304 
THR CA   C N S 305 
THR C    C N N 306 
THR O    O N N 307 
THR CB   C N R 308 
THR OG1  O N N 309 
THR CG2  C N N 310 
THR OXT  O N N 311 
THR H    H N N 312 
THR H2   H N N 313 
THR HA   H N N 314 
THR HB   H N N 315 
THR HG1  H N N 316 
THR HG21 H N N 317 
THR HG22 H N N 318 
THR HG23 H N N 319 
THR HXT  H N N 320 
TRP N    N N N 321 
TRP CA   C N S 322 
TRP C    C N N 323 
TRP O    O N N 324 
TRP CB   C N N 325 
TRP CG   C Y N 326 
TRP CD1  C Y N 327 
TRP CD2  C Y N 328 
TRP NE1  N Y N 329 
TRP CE2  C Y N 330 
TRP CE3  C Y N 331 
TRP CZ2  C Y N 332 
TRP CZ3  C Y N 333 
TRP CH2  C Y N 334 
TRP OXT  O N N 335 
TRP H    H N N 336 
TRP H2   H N N 337 
TRP HA   H N N 338 
TRP HB2  H N N 339 
TRP HB3  H N N 340 
TRP HD1  H N N 341 
TRP HE1  H N N 342 
TRP HE3  H N N 343 
TRP HZ2  H N N 344 
TRP HZ3  H N N 345 
TRP HH2  H N N 346 
TRP HXT  H N N 347 
TYR N    N N N 348 
TYR CA   C N S 349 
TYR C    C N N 350 
TYR O    O N N 351 
TYR CB   C N N 352 
TYR CG   C Y N 353 
TYR CD1  C Y N 354 
TYR CD2  C Y N 355 
TYR CE1  C Y N 356 
TYR CE2  C Y N 357 
TYR CZ   C Y N 358 
TYR OH   O N N 359 
TYR OXT  O N N 360 
TYR H    H N N 361 
TYR H2   H N N 362 
TYR HA   H N N 363 
TYR HB2  H N N 364 
TYR HB3  H N N 365 
TYR HD1  H N N 366 
TYR HD2  H N N 367 
TYR HE1  H N N 368 
TYR HE2  H N N 369 
TYR HH   H N N 370 
TYR HXT  H N N 371 
VAL N    N N N 372 
VAL CA   C N S 373 
VAL C    C N N 374 
VAL O    O N N 375 
VAL CB   C N N 376 
VAL CG1  C N N 377 
VAL CG2  C N N 378 
VAL OXT  O N N 379 
VAL H    H N N 380 
VAL H2   H N N 381 
VAL HA   H N N 382 
VAL HB   H N N 383 
VAL HG11 H N N 384 
VAL HG12 H N N 385 
VAL HG13 H N N 386 
VAL HG21 H N N 387 
VAL HG22 H N N 388 
VAL HG23 H N N 389 
VAL HXT  H N N 390 
ZU3 C17  C N N 391 
ZU3 O19  O N N 392 
ZU3 O15  O N N 393 
ZU3 C13  C N N 394 
ZU3 C4   C Y N 395 
ZU3 C6   C Y N 396 
ZU3 C8   C Y N 397 
ZU3 C10  C Y N 398 
ZU3 C1   C Y N 399 
ZU3 C2   C Y N 400 
ZU3 N21  N N N 401 
ZU3 C23  C N S 402 
ZU3 C25  C N N 403 
ZU3 N27  N N N 404 
ZU3 C29  C N N 405 
ZU3 C31  C N N 406 
ZU3 O35  O N N 407 
ZU3 O43  O N N 408 
ZU3 C45  C N N 409 
ZU3 C76  C N N 410 
ZU3 C78  C N N 411 
ZU3 C80  C N N 412 
ZU3 N33  N N N 413 
ZU3 C37  C N S 414 
ZU3 C39  C N N 415 
ZU3 O47  O N N 416 
ZU3 C41  C N N 417 
ZU3 C51  C N N 418 
ZU3 C53  C N N 419 
ZU3 C55  C N N 420 
ZU3 N49  N N N 421 
ZU3 C57  C N R 422 
ZU3 C59  C N N 423 
ZU3 C61  C N S 424 
ZU3 C63  C N N 425 
ZU3 C65  C N N 426 
ZU3 O66  O N N 427 
ZU3 N69  N N N 428 
ZU3 C71  C N N 429 
ZU3 C73  C N N 430 
ZU3 C82  C N N 431 
ZU3 C84  C N N 432 
ZU3 C86  C N N 433 
ZU3 O88  O N N 434 
ZU3 H13  H N N 435 
ZU3 H13A H N N 436 
ZU3 H6   H N N 437 
ZU3 H8   H N N 438 
ZU3 H10  H N N 439 
ZU3 H1   H N N 440 
ZU3 H2   H N N 441 
ZU3 HN21 H N N 442 
ZU3 H23  H N N 443 
ZU3 H25  H N N 444 
ZU3 H25A H N N 445 
ZU3 HN27 H N N 446 
ZU3 H76  H N N 447 
ZU3 H76A H N N 448 
ZU3 H76B H N N 449 
ZU3 H78  H N N 450 
ZU3 H78A H N N 451 
ZU3 H78B H N N 452 
ZU3 H80  H N N 453 
ZU3 H80A H N N 454 
ZU3 H80B H N N 455 
ZU3 HN33 H N N 456 
ZU3 H37  H N N 457 
ZU3 H41  H N N 458 
ZU3 H41A H N N 459 
ZU3 H51  H N N 460 
ZU3 H53  H N N 461 
ZU3 H53A H N N 462 
ZU3 H53B H N N 463 
ZU3 H55  H N N 464 
ZU3 H55A H N N 465 
ZU3 H55B H N N 466 
ZU3 HN49 H N N 467 
ZU3 H57  H N N 468 
ZU3 H59  H N N 469 
ZU3 H59A H N N 470 
ZU3 H61  H N N 471 
ZU3 H63  H N N 472 
ZU3 H63A H N N 473 
ZU3 HN69 H N N 474 
ZU3 H71  H N N 475 
ZU3 H71A H N N 476 
ZU3 H73  H N N 477 
ZU3 H73A H N N 478 
ZU3 H82  H N N 479 
ZU3 H82A H N N 480 
ZU3 H86  H N N 481 
ZU3 H86A H N N 482 
ZU3 H86B H N N 483 
# 
loop_
_chem_comp_bond.comp_id 
_chem_comp_bond.atom_id_1 
_chem_comp_bond.atom_id_2 
_chem_comp_bond.value_order 
_chem_comp_bond.pdbx_aromatic_flag 
_chem_comp_bond.pdbx_stereo_config 
_chem_comp_bond.pdbx_ordinal 
ALA N   CA   sing N N 1   
ALA N   H    sing N N 2   
ALA N   H2   sing N N 3   
ALA CA  C    sing N N 4   
ALA CA  CB   sing N N 5   
ALA CA  HA   sing N N 6   
ALA C   O    doub N N 7   
ALA C   OXT  sing N N 8   
ALA CB  HB1  sing N N 9   
ALA CB  HB2  sing N N 10  
ALA CB  HB3  sing N N 11  
ALA OXT HXT  sing N N 12  
ARG N   CA   sing N N 13  
ARG N   H    sing N N 14  
ARG N   H2   sing N N 15  
ARG CA  C    sing N N 16  
ARG CA  CB   sing N N 17  
ARG CA  HA   sing N N 18  
ARG C   O    doub N N 19  
ARG C   OXT  sing N N 20  
ARG CB  CG   sing N N 21  
ARG CB  HB2  sing N N 22  
ARG CB  HB3  sing N N 23  
ARG CG  CD   sing N N 24  
ARG CG  HG2  sing N N 25  
ARG CG  HG3  sing N N 26  
ARG CD  NE   sing N N 27  
ARG CD  HD2  sing N N 28  
ARG CD  HD3  sing N N 29  
ARG NE  CZ   sing N N 30  
ARG NE  HE   sing N N 31  
ARG CZ  NH1  sing N N 32  
ARG CZ  NH2  doub N N 33  
ARG NH1 HH11 sing N N 34  
ARG NH1 HH12 sing N N 35  
ARG NH2 HH21 sing N N 36  
ARG NH2 HH22 sing N N 37  
ARG OXT HXT  sing N N 38  
ASN N   CA   sing N N 39  
ASN N   H    sing N N 40  
ASN N   H2   sing N N 41  
ASN CA  C    sing N N 42  
ASN CA  CB   sing N N 43  
ASN CA  HA   sing N N 44  
ASN C   O    doub N N 45  
ASN C   OXT  sing N N 46  
ASN CB  CG   sing N N 47  
ASN CB  HB2  sing N N 48  
ASN CB  HB3  sing N N 49  
ASN CG  OD1  doub N N 50  
ASN CG  ND2  sing N N 51  
ASN ND2 HD21 sing N N 52  
ASN ND2 HD22 sing N N 53  
ASN OXT HXT  sing N N 54  
ASP N   CA   sing N N 55  
ASP N   H    sing N N 56  
ASP N   H2   sing N N 57  
ASP CA  C    sing N N 58  
ASP CA  CB   sing N N 59  
ASP CA  HA   sing N N 60  
ASP C   O    doub N N 61  
ASP C   OXT  sing N N 62  
ASP CB  CG   sing N N 63  
ASP CB  HB2  sing N N 64  
ASP CB  HB3  sing N N 65  
ASP CG  OD1  doub N N 66  
ASP CG  OD2  sing N N 67  
ASP OD2 HD2  sing N N 68  
ASP OXT HXT  sing N N 69  
CYS N   CA   sing N N 70  
CYS N   H    sing N N 71  
CYS N   H2   sing N N 72  
CYS CA  C    sing N N 73  
CYS CA  CB   sing N N 74  
CYS CA  HA   sing N N 75  
CYS C   O    doub N N 76  
CYS C   OXT  sing N N 77  
CYS CB  SG   sing N N 78  
CYS CB  HB2  sing N N 79  
CYS CB  HB3  sing N N 80  
CYS SG  HG   sing N N 81  
CYS OXT HXT  sing N N 82  
GLN N   CA   sing N N 83  
GLN N   H    sing N N 84  
GLN N   H2   sing N N 85  
GLN CA  C    sing N N 86  
GLN CA  CB   sing N N 87  
GLN CA  HA   sing N N 88  
GLN C   O    doub N N 89  
GLN C   OXT  sing N N 90  
GLN CB  CG   sing N N 91  
GLN CB  HB2  sing N N 92  
GLN CB  HB3  sing N N 93  
GLN CG  CD   sing N N 94  
GLN CG  HG2  sing N N 95  
GLN CG  HG3  sing N N 96  
GLN CD  OE1  doub N N 97  
GLN CD  NE2  sing N N 98  
GLN NE2 HE21 sing N N 99  
GLN NE2 HE22 sing N N 100 
GLN OXT HXT  sing N N 101 
GLU N   CA   sing N N 102 
GLU N   H    sing N N 103 
GLU N   H2   sing N N 104 
GLU CA  C    sing N N 105 
GLU CA  CB   sing N N 106 
GLU CA  HA   sing N N 107 
GLU C   O    doub N N 108 
GLU C   OXT  sing N N 109 
GLU CB  CG   sing N N 110 
GLU CB  HB2  sing N N 111 
GLU CB  HB3  sing N N 112 
GLU CG  CD   sing N N 113 
GLU CG  HG2  sing N N 114 
GLU CG  HG3  sing N N 115 
GLU CD  OE1  doub N N 116 
GLU CD  OE2  sing N N 117 
GLU OE2 HE2  sing N N 118 
GLU OXT HXT  sing N N 119 
GLY N   CA   sing N N 120 
GLY N   H    sing N N 121 
GLY N   H2   sing N N 122 
GLY CA  C    sing N N 123 
GLY CA  HA2  sing N N 124 
GLY CA  HA3  sing N N 125 
GLY C   O    doub N N 126 
GLY C   OXT  sing N N 127 
GLY OXT HXT  sing N N 128 
HIS N   CA   sing N N 129 
HIS N   H    sing N N 130 
HIS N   H2   sing N N 131 
HIS CA  C    sing N N 132 
HIS CA  CB   sing N N 133 
HIS CA  HA   sing N N 134 
HIS C   O    doub N N 135 
HIS C   OXT  sing N N 136 
HIS CB  CG   sing N N 137 
HIS CB  HB2  sing N N 138 
HIS CB  HB3  sing N N 139 
HIS CG  ND1  sing Y N 140 
HIS CG  CD2  doub Y N 141 
HIS ND1 CE1  doub Y N 142 
HIS ND1 HD1  sing N N 143 
HIS CD2 NE2  sing Y N 144 
HIS CD2 HD2  sing N N 145 
HIS CE1 NE2  sing Y N 146 
HIS CE1 HE1  sing N N 147 
HIS NE2 HE2  sing N N 148 
HIS OXT HXT  sing N N 149 
HOH O   H1   sing N N 150 
HOH O   H2   sing N N 151 
ILE N   CA   sing N N 152 
ILE N   H    sing N N 153 
ILE N   H2   sing N N 154 
ILE CA  C    sing N N 155 
ILE CA  CB   sing N N 156 
ILE CA  HA   sing N N 157 
ILE C   O    doub N N 158 
ILE C   OXT  sing N N 159 
ILE CB  CG1  sing N N 160 
ILE CB  CG2  sing N N 161 
ILE CB  HB   sing N N 162 
ILE CG1 CD1  sing N N 163 
ILE CG1 HG12 sing N N 164 
ILE CG1 HG13 sing N N 165 
ILE CG2 HG21 sing N N 166 
ILE CG2 HG22 sing N N 167 
ILE CG2 HG23 sing N N 168 
ILE CD1 HD11 sing N N 169 
ILE CD1 HD12 sing N N 170 
ILE CD1 HD13 sing N N 171 
ILE OXT HXT  sing N N 172 
LEU N   CA   sing N N 173 
LEU N   H    sing N N 174 
LEU N   H2   sing N N 175 
LEU CA  C    sing N N 176 
LEU CA  CB   sing N N 177 
LEU CA  HA   sing N N 178 
LEU C   O    doub N N 179 
LEU C   OXT  sing N N 180 
LEU CB  CG   sing N N 181 
LEU CB  HB2  sing N N 182 
LEU CB  HB3  sing N N 183 
LEU CG  CD1  sing N N 184 
LEU CG  CD2  sing N N 185 
LEU CG  HG   sing N N 186 
LEU CD1 HD11 sing N N 187 
LEU CD1 HD12 sing N N 188 
LEU CD1 HD13 sing N N 189 
LEU CD2 HD21 sing N N 190 
LEU CD2 HD22 sing N N 191 
LEU CD2 HD23 sing N N 192 
LEU OXT HXT  sing N N 193 
LYS N   CA   sing N N 194 
LYS N   H    sing N N 195 
LYS N   H2   sing N N 196 
LYS CA  C    sing N N 197 
LYS CA  CB   sing N N 198 
LYS CA  HA   sing N N 199 
LYS C   O    doub N N 200 
LYS C   OXT  sing N N 201 
LYS CB  CG   sing N N 202 
LYS CB  HB2  sing N N 203 
LYS CB  HB3  sing N N 204 
LYS CG  CD   sing N N 205 
LYS CG  HG2  sing N N 206 
LYS CG  HG3  sing N N 207 
LYS CD  CE   sing N N 208 
LYS CD  HD2  sing N N 209 
LYS CD  HD3  sing N N 210 
LYS CE  NZ   sing N N 211 
LYS CE  HE2  sing N N 212 
LYS CE  HE3  sing N N 213 
LYS NZ  HZ1  sing N N 214 
LYS NZ  HZ2  sing N N 215 
LYS NZ  HZ3  sing N N 216 
LYS OXT HXT  sing N N 217 
MET N   CA   sing N N 218 
MET N   H    sing N N 219 
MET N   H2   sing N N 220 
MET CA  C    sing N N 221 
MET CA  CB   sing N N 222 
MET CA  HA   sing N N 223 
MET C   O    doub N N 224 
MET C   OXT  sing N N 225 
MET CB  CG   sing N N 226 
MET CB  HB2  sing N N 227 
MET CB  HB3  sing N N 228 
MET CG  SD   sing N N 229 
MET CG  HG2  sing N N 230 
MET CG  HG3  sing N N 231 
MET SD  CE   sing N N 232 
MET CE  HE1  sing N N 233 
MET CE  HE2  sing N N 234 
MET CE  HE3  sing N N 235 
MET OXT HXT  sing N N 236 
PHE N   CA   sing N N 237 
PHE N   H    sing N N 238 
PHE N   H2   sing N N 239 
PHE CA  C    sing N N 240 
PHE CA  CB   sing N N 241 
PHE CA  HA   sing N N 242 
PHE C   O    doub N N 243 
PHE C   OXT  sing N N 244 
PHE CB  CG   sing N N 245 
PHE CB  HB2  sing N N 246 
PHE CB  HB3  sing N N 247 
PHE CG  CD1  doub Y N 248 
PHE CG  CD2  sing Y N 249 
PHE CD1 CE1  sing Y N 250 
PHE CD1 HD1  sing N N 251 
PHE CD2 CE2  doub Y N 252 
PHE CD2 HD2  sing N N 253 
PHE CE1 CZ   doub Y N 254 
PHE CE1 HE1  sing N N 255 
PHE CE2 CZ   sing Y N 256 
PHE CE2 HE2  sing N N 257 
PHE CZ  HZ   sing N N 258 
PHE OXT HXT  sing N N 259 
PRO N   CA   sing N N 260 
PRO N   CD   sing N N 261 
PRO N   H    sing N N 262 
PRO CA  C    sing N N 263 
PRO CA  CB   sing N N 264 
PRO CA  HA   sing N N 265 
PRO C   O    doub N N 266 
PRO C   OXT  sing N N 267 
PRO CB  CG   sing N N 268 
PRO CB  HB2  sing N N 269 
PRO CB  HB3  sing N N 270 
PRO CG  CD   sing N N 271 
PRO CG  HG2  sing N N 272 
PRO CG  HG3  sing N N 273 
PRO CD  HD2  sing N N 274 
PRO CD  HD3  sing N N 275 
PRO OXT HXT  sing N N 276 
SER N   CA   sing N N 277 
SER N   H    sing N N 278 
SER N   H2   sing N N 279 
SER CA  C    sing N N 280 
SER CA  CB   sing N N 281 
SER CA  HA   sing N N 282 
SER C   O    doub N N 283 
SER C   OXT  sing N N 284 
SER CB  OG   sing N N 285 
SER CB  HB2  sing N N 286 
SER CB  HB3  sing N N 287 
SER OG  HG   sing N N 288 
SER OXT HXT  sing N N 289 
THR N   CA   sing N N 290 
THR N   H    sing N N 291 
THR N   H2   sing N N 292 
THR CA  C    sing N N 293 
THR CA  CB   sing N N 294 
THR CA  HA   sing N N 295 
THR C   O    doub N N 296 
THR C   OXT  sing N N 297 
THR CB  OG1  sing N N 298 
THR CB  CG2  sing N N 299 
THR CB  HB   sing N N 300 
THR OG1 HG1  sing N N 301 
THR CG2 HG21 sing N N 302 
THR CG2 HG22 sing N N 303 
THR CG2 HG23 sing N N 304 
THR OXT HXT  sing N N 305 
TRP N   CA   sing N N 306 
TRP N   H    sing N N 307 
TRP N   H2   sing N N 308 
TRP CA  C    sing N N 309 
TRP CA  CB   sing N N 310 
TRP CA  HA   sing N N 311 
TRP C   O    doub N N 312 
TRP C   OXT  sing N N 313 
TRP CB  CG   sing N N 314 
TRP CB  HB2  sing N N 315 
TRP CB  HB3  sing N N 316 
TRP CG  CD1  doub Y N 317 
TRP CG  CD2  sing Y N 318 
TRP CD1 NE1  sing Y N 319 
TRP CD1 HD1  sing N N 320 
TRP CD2 CE2  doub Y N 321 
TRP CD2 CE3  sing Y N 322 
TRP NE1 CE2  sing Y N 323 
TRP NE1 HE1  sing N N 324 
TRP CE2 CZ2  sing Y N 325 
TRP CE3 CZ3  doub Y N 326 
TRP CE3 HE3  sing N N 327 
TRP CZ2 CH2  doub Y N 328 
TRP CZ2 HZ2  sing N N 329 
TRP CZ3 CH2  sing Y N 330 
TRP CZ3 HZ3  sing N N 331 
TRP CH2 HH2  sing N N 332 
TRP OXT HXT  sing N N 333 
TYR N   CA   sing N N 334 
TYR N   H    sing N N 335 
TYR N   H2   sing N N 336 
TYR CA  C    sing N N 337 
TYR CA  CB   sing N N 338 
TYR CA  HA   sing N N 339 
TYR C   O    doub N N 340 
TYR C   OXT  sing N N 341 
TYR CB  CG   sing N N 342 
TYR CB  HB2  sing N N 343 
TYR CB  HB3  sing N N 344 
TYR CG  CD1  doub Y N 345 
TYR CG  CD2  sing Y N 346 
TYR CD1 CE1  sing Y N 347 
TYR CD1 HD1  sing N N 348 
TYR CD2 CE2  doub Y N 349 
TYR CD2 HD2  sing N N 350 
TYR CE1 CZ   doub Y N 351 
TYR CE1 HE1  sing N N 352 
TYR CE2 CZ   sing Y N 353 
TYR CE2 HE2  sing N N 354 
TYR CZ  OH   sing N N 355 
TYR OH  HH   sing N N 356 
TYR OXT HXT  sing N N 357 
VAL N   CA   sing N N 358 
VAL N   H    sing N N 359 
VAL N   H2   sing N N 360 
VAL CA  C    sing N N 361 
VAL CA  CB   sing N N 362 
VAL CA  HA   sing N N 363 
VAL C   O    doub N N 364 
VAL C   OXT  sing N N 365 
VAL CB  CG1  sing N N 366 
VAL CB  CG2  sing N N 367 
VAL CB  HB   sing N N 368 
VAL CG1 HG11 sing N N 369 
VAL CG1 HG12 sing N N 370 
VAL CG1 HG13 sing N N 371 
VAL CG2 HG21 sing N N 372 
VAL CG2 HG22 sing N N 373 
VAL CG2 HG23 sing N N 374 
VAL OXT HXT  sing N N 375 
ZU3 C1  C2   doub Y N 376 
ZU3 C1  C10  sing Y N 377 
ZU3 C2  C4   sing Y N 378 
ZU3 C4  C6   doub Y N 379 
ZU3 C4  C13  sing N N 380 
ZU3 C6  C8   sing Y N 381 
ZU3 C8  C10  doub Y N 382 
ZU3 C13 O15  sing N N 383 
ZU3 O15 C17  sing N N 384 
ZU3 C17 O19  doub N N 385 
ZU3 C17 N21  sing N N 386 
ZU3 N21 C23  sing N N 387 
ZU3 C23 C25  sing N N 388 
ZU3 C23 C31  sing N N 389 
ZU3 C25 N27  sing N N 390 
ZU3 N27 C29  sing N N 391 
ZU3 C29 O43  doub N N 392 
ZU3 C29 C45  sing N N 393 
ZU3 C31 N33  sing N N 394 
ZU3 C31 O35  doub N N 395 
ZU3 N33 C37  sing N N 396 
ZU3 C37 C39  sing N N 397 
ZU3 C37 C41  sing N N 398 
ZU3 C39 O47  doub N N 399 
ZU3 C39 N49  sing N N 400 
ZU3 C41 C51  sing N N 401 
ZU3 C45 C76  sing N N 402 
ZU3 C45 C78  sing N N 403 
ZU3 C45 C80  sing N N 404 
ZU3 N49 C57  sing N N 405 
ZU3 C51 C53  sing N N 406 
ZU3 C51 C55  sing N N 407 
ZU3 C57 C59  sing N N 408 
ZU3 C57 C63  sing N N 409 
ZU3 C59 C61  sing N N 410 
ZU3 C61 C65  sing N N 411 
ZU3 C61 C73  sing N N 412 
ZU3 C63 C82  sing N N 413 
ZU3 C65 O66  doub N N 414 
ZU3 C65 N69  sing N N 415 
ZU3 N69 C71  sing N N 416 
ZU3 C71 C73  sing N N 417 
ZU3 C82 C84  sing N N 418 
ZU3 C84 C86  sing N N 419 
ZU3 C84 O88  doub N N 420 
ZU3 C1  H1   sing N N 421 
ZU3 C2  H2   sing N N 422 
ZU3 C6  H6   sing N N 423 
ZU3 C8  H8   sing N N 424 
ZU3 C10 H10  sing N N 425 
ZU3 C13 H13  sing N N 426 
ZU3 C13 H13A sing N N 427 
ZU3 N21 HN21 sing N N 428 
ZU3 C23 H23  sing N N 429 
ZU3 C25 H25  sing N N 430 
ZU3 C25 H25A sing N N 431 
ZU3 N27 HN27 sing N N 432 
ZU3 N33 HN33 sing N N 433 
ZU3 C37 H37  sing N N 434 
ZU3 C41 H41  sing N N 435 
ZU3 C41 H41A sing N N 436 
ZU3 N49 HN49 sing N N 437 
ZU3 C51 H51  sing N N 438 
ZU3 C53 H53  sing N N 439 
ZU3 C53 H53A sing N N 440 
ZU3 C53 H53B sing N N 441 
ZU3 C55 H55  sing N N 442 
ZU3 C55 H55A sing N N 443 
ZU3 C55 H55B sing N N 444 
ZU3 C57 H57  sing N N 445 
ZU3 C59 H59  sing N N 446 
ZU3 C59 H59A sing N N 447 
ZU3 C61 H61  sing N N 448 
ZU3 C63 H63  sing N N 449 
ZU3 C63 H63A sing N N 450 
ZU3 N69 HN69 sing N N 451 
ZU3 C71 H71  sing N N 452 
ZU3 C71 H71A sing N N 453 
ZU3 C73 H73  sing N N 454 
ZU3 C73 H73A sing N N 455 
ZU3 C76 H76  sing N N 456 
ZU3 C76 H76A sing N N 457 
ZU3 C76 H76B sing N N 458 
ZU3 C78 H78  sing N N 459 
ZU3 C78 H78A sing N N 460 
ZU3 C78 H78B sing N N 461 
ZU3 C80 H80  sing N N 462 
ZU3 C80 H80A sing N N 463 
ZU3 C80 H80B sing N N 464 
ZU3 C82 H82  sing N N 465 
ZU3 C82 H82A sing N N 466 
ZU3 C86 H86  sing N N 467 
ZU3 C86 H86A sing N N 468 
ZU3 C86 H86B sing N N 469 
# 
_pdbx_initial_refinement_model.id               1 
_pdbx_initial_refinement_model.entity_id_list   ? 
_pdbx_initial_refinement_model.type             'experimental model' 
_pdbx_initial_refinement_model.source_name      PDB 
_pdbx_initial_refinement_model.accession_code   2ZTX 
_pdbx_initial_refinement_model.details          'PDB ENTRY 2ZTX' 
# 
_atom_sites.entry_id                    2ZU3 
_atom_sites.fract_transf_matrix[1][1]   0.00764048 
_atom_sites.fract_transf_matrix[1][2]   0.00292672 
_atom_sites.fract_transf_matrix[1][3]   0.01194351 
_atom_sites.fract_transf_matrix[2][1]   -0.00940218 
_atom_sites.fract_transf_matrix[2][2]   0.01189384 
_atom_sites.fract_transf_matrix[2][3]   0.00310020 
_atom_sites.fract_transf_matrix[3][1]   -0.00852972 
_atom_sites.fract_transf_matrix[3][2]   -0.01287272 
_atom_sites.fract_transf_matrix[3][3]   0.02351721 
_atom_sites.fract_transf_vector[1]      0.288682 
_atom_sites.fract_transf_vector[2]      0.006264 
_atom_sites.fract_transf_vector[3]      0.485467 
# 
loop_
_atom_type.symbol 
C 
N 
O 
S 
# 
loop_
_atom_site.group_PDB 
_atom_site.id 
_atom_site.type_symbol 
_atom_site.label_atom_id 
_atom_site.label_alt_id 
_atom_site.label_comp_id 
_atom_site.label_asym_id 
_atom_site.label_entity_id 
_atom_site.label_seq_id 
_atom_site.pdbx_PDB_ins_code 
_atom_site.Cartn_x 
_atom_site.Cartn_y 
_atom_site.Cartn_z 
_atom_site.occupancy 
_atom_site.B_iso_or_equiv 
_atom_site.pdbx_formal_charge 
_atom_site.auth_seq_id 
_atom_site.auth_comp_id 
_atom_site.auth_asym_id 
_atom_site.auth_atom_id 
_atom_site.pdbx_PDB_model_num 
ATOM   1    N N   . GLY A 1 1   ? 18.296  -6.004  7.408   1.00 25.11 ? 1   GLY A N   1 
ATOM   2    C CA  . GLY A 1 1   ? 19.218  -5.366  6.427   1.00 26.23 ? 1   GLY A CA  1 
ATOM   3    C C   . GLY A 1 1   ? 18.793  -5.717  5.010   1.00 27.00 ? 1   GLY A C   1 
ATOM   4    O O   . GLY A 1 1   ? 18.635  -4.829  4.172   1.00 26.87 ? 1   GLY A O   1 
ATOM   5    N N   . PRO A 1 2   ? 18.616  -7.011  4.710   1.00 27.41 ? 2   PRO A N   1 
ATOM   6    C CA  . PRO A 1 2   ? 18.198  -7.433  3.351   1.00 27.37 ? 2   PRO A CA  1 
ATOM   7    C C   . PRO A 1 2   ? 16.825  -6.835  3.009   1.00 25.93 ? 2   PRO A C   1 
ATOM   8    O O   . PRO A 1 2   ? 16.609  -6.410  1.889   1.00 25.29 ? 2   PRO A O   1 
ATOM   9    C CB  . PRO A 1 2   ? 18.131  -8.961  3.461   1.00 26.56 ? 2   PRO A CB  1 
ATOM   10   C CG  . PRO A 1 2   ? 19.268  -9.249  4.509   1.00 29.04 ? 2   PRO A CG  1 
ATOM   11   C CD  . PRO A 1 2   ? 19.064  -8.167  5.535   1.00 27.93 ? 2   PRO A CD  1 
ATOM   12   N N   . ALA A 1 3   ? 15.909  -6.818  3.978   1.00 24.93 ? 3   ALA A N   1 
ATOM   13   C CA  . ALA A 1 3   ? 14.581  -6.254  3.769   1.00 24.36 ? 3   ALA A CA  1 
ATOM   14   C C   . ALA A 1 3   ? 14.703  -4.757  3.383   1.00 24.30 ? 3   ALA A C   1 
ATOM   15   O O   . ALA A 1 3   ? 14.048  -4.258  2.430   1.00 23.79 ? 3   ALA A O   1 
ATOM   16   C CB  . ALA A 1 3   ? 13.796  -6.373  5.027   1.00 23.92 ? 3   ALA A CB  1 
ATOM   17   N N   . PHE A 1 4   ? 15.518  -4.050  4.150   1.00 23.23 ? 4   PHE A N   1 
ATOM   18   C CA  . PHE A 1 4   ? 15.751  -2.627  3.933   1.00 23.13 ? 4   PHE A CA  1 
ATOM   19   C C   . PHE A 1 4   ? 16.324  -2.352  2.550   1.00 23.14 ? 4   PHE A C   1 
ATOM   20   O O   . PHE A 1 4   ? 15.858  -1.454  1.851   1.00 20.04 ? 4   PHE A O   1 
ATOM   21   C CB  . PHE A 1 4   ? 16.685  -2.108  5.027   1.00 24.74 ? 4   PHE A CB  1 
ATOM   22   C CG  . PHE A 1 4   ? 17.041  -0.615  4.919   1.00 24.98 ? 4   PHE A CG  1 
ATOM   23   C CD1 . PHE A 1 4   ? 18.334  -0.206  4.512   1.00 25.17 ? 4   PHE A CD1 1 
ATOM   24   C CD2 . PHE A 1 4   ? 16.120  0.372   5.284   1.00 25.79 ? 4   PHE A CD2 1 
ATOM   25   C CE1 . PHE A 1 4   ? 18.698  1.159   4.478   1.00 24.23 ? 4   PHE A CE1 1 
ATOM   26   C CE2 . PHE A 1 4   ? 16.491  1.768   5.251   1.00 27.11 ? 4   PHE A CE2 1 
ATOM   27   C CZ  . PHE A 1 4   ? 17.788  2.146   4.843   1.00 19.75 ? 4   PHE A CZ  1 
ATOM   28   N N   . GLU A 1 5   ? 17.326  -3.129  2.139   1.00 23.28 ? 5   GLU A N   1 
ATOM   29   C CA  . GLU A 1 5   ? 17.936  -2.921  0.815   1.00 24.54 ? 5   GLU A CA  1 
ATOM   30   C C   . GLU A 1 5   ? 16.905  -3.185  -0.294  1.00 24.67 ? 5   GLU A C   1 
ATOM   31   O O   . GLU A 1 5   ? 16.826  -2.447  -1.272  1.00 23.33 ? 5   GLU A O   1 
ATOM   32   C CB  . GLU A 1 5   ? 19.179  -3.821  0.628   1.00 27.42 ? 5   GLU A CB  1 
ATOM   33   C CG  . GLU A 1 5   ? 20.305  -3.472  1.575   1.00 29.60 ? 5   GLU A CG  1 
ATOM   34   C CD  . GLU A 1 5   ? 21.673  -3.959  1.096   1.00 34.12 ? 5   GLU A CD  1 
ATOM   35   O OE1 . GLU A 1 5   ? 21.733  -4.718  0.093   1.00 35.11 ? 5   GLU A OE1 1 
ATOM   36   O OE2 . GLU A 1 5   ? 22.691  -3.577  1.727   1.00 33.82 ? 5   GLU A OE2 1 
ATOM   37   N N   . PHE A 1 6   ? 16.100  -4.225  -0.109  1.00 24.00 ? 6   PHE A N   1 
ATOM   38   C CA  . PHE A 1 6   ? 15.068  -4.554  -1.065  1.00 24.99 ? 6   PHE A CA  1 
ATOM   39   C C   . PHE A 1 6   ? 14.052  -3.401  -1.124  1.00 23.66 ? 6   PHE A C   1 
ATOM   40   O O   . PHE A 1 6   ? 13.674  -2.923  -2.196  1.00 22.64 ? 6   PHE A O   1 
ATOM   41   C CB  . PHE A 1 6   ? 14.352  -5.841  -0.656  1.00 24.23 ? 6   PHE A CB  1 
ATOM   42   C CG  . PHE A 1 6   ? 13.180  -6.176  -1.554  1.00 26.95 ? 6   PHE A CG  1 
ATOM   43   C CD1 . PHE A 1 6   ? 13.389  -6.736  -2.802  1.00 27.71 ? 6   PHE A CD1 1 
ATOM   44   C CD2 . PHE A 1 6   ? 11.865  -5.910  -1.156  1.00 25.18 ? 6   PHE A CD2 1 
ATOM   45   C CE1 . PHE A 1 6   ? 12.310  -7.037  -3.626  1.00 26.75 ? 6   PHE A CE1 1 
ATOM   46   C CE2 . PHE A 1 6   ? 10.798  -6.204  -1.966  1.00 24.97 ? 6   PHE A CE2 1 
ATOM   47   C CZ  . PHE A 1 6   ? 11.003  -6.762  -3.185  1.00 26.80 ? 6   PHE A CZ  1 
ATOM   48   N N   . ALA A 1 7   ? 13.623  -2.948  0.039   1.00 20.67 ? 7   ALA A N   1 
ATOM   49   C CA  . ALA A 1 7   ? 12.671  -1.838  0.149   1.00 21.42 ? 7   ALA A CA  1 
ATOM   50   C C   . ALA A 1 7   ? 13.098  -0.551  -0.527  1.00 20.87 ? 7   ALA A C   1 
ATOM   51   O O   . ALA A 1 7   ? 12.298  0.070   -1.226  1.00 21.90 ? 7   ALA A O   1 
ATOM   52   C CB  . ALA A 1 7   ? 12.393  -1.541  1.628   1.00 21.40 ? 7   ALA A CB  1 
ATOM   53   N N   . VAL A 1 8   ? 14.362  -0.182  -0.342  1.00 21.34 ? 8   VAL A N   1 
ATOM   54   C CA  . VAL A 1 8   ? 14.918  1.072   -0.874  1.00 23.09 ? 8   VAL A CA  1 
ATOM   55   C C   . VAL A 1 8   ? 14.891  1.013   -2.396  1.00 22.92 ? 8   VAL A C   1 
ATOM   56   O O   . VAL A 1 8   ? 14.462  1.965   -3.021  1.00 22.62 ? 8   VAL A O   1 
ATOM   57   C CB  . VAL A 1 8   ? 16.358  1.344   -0.369  1.00 21.26 ? 8   VAL A CB  1 
ATOM   58   C CG1 . VAL A 1 8   ? 16.988  2.597   -1.139  1.00 21.81 ? 8   VAL A CG1 1 
ATOM   59   C CG2 . VAL A 1 8   ? 16.314  1.681   1.136   1.00 23.28 ? 8   VAL A CG2 1 
ATOM   60   N N   . ALA A 1 9   ? 15.354  -0.098  -2.959  1.00 23.32 ? 9   ALA A N   1 
ATOM   61   C CA  . ALA A 1 9   ? 15.357  -0.289  -4.438  1.00 25.30 ? 9   ALA A CA  1 
ATOM   62   C C   . ALA A 1 9   ? 13.937  -0.280  -4.990  1.00 24.58 ? 9   ALA A C   1 
ATOM   63   O O   . ALA A 1 9   ? 13.668  0.350   -6.035  1.00 26.65 ? 9   ALA A O   1 
ATOM   64   C CB  . ALA A 1 9   ? 16.075  -1.622  -4.829  1.00 25.34 ? 9   ALA A CB  1 
ATOM   65   N N   . MET A 1 10  ? 13.025  -0.990  -4.313  1.00 22.69 ? 10  MET A N   1 
ATOM   66   C CA  . MET A 1 10  ? 11.626  -1.034  -4.746  1.00 22.20 ? 10  MET A CA  1 
ATOM   67   C C   . MET A 1 10  ? 10.960  0.335   -4.733  1.00 22.94 ? 10  MET A C   1 
ATOM   68   O O   . MET A 1 10  ? 10.242  0.698   -5.692  1.00 23.24 ? 10  MET A O   1 
ATOM   69   C CB  . MET A 1 10  ? 10.820  -2.001  -3.863  1.00 21.43 ? 10  MET A CB  1 
ATOM   70   C CG  . MET A 1 10  ? 9.343   -2.079  -4.189  1.00 21.54 ? 10  MET A CG  1 
ATOM   71   S SD  . MET A 1 10  ? 8.984   -2.620  -5.917  1.00 23.36 ? 10  MET A SD  1 
ATOM   72   C CE  . MET A 1 10  ? 9.226   -4.310  -5.649  1.00 24.08 ? 10  MET A CE  1 
ATOM   73   N N   . MET A 1 11  ? 11.173  1.100   -3.653  1.00 20.95 ? 11  MET A N   1 
ATOM   74   C CA  . MET A 1 11  ? 10.570  2.420   -3.566  1.00 21.23 ? 11  MET A CA  1 
ATOM   75   C C   . MET A 1 11  ? 11.148  3.357   -4.658  1.00 23.21 ? 11  MET A C   1 
ATOM   76   O O   . MET A 1 11  ? 10.428  4.203   -5.242  1.00 24.09 ? 11  MET A O   1 
ATOM   77   C CB  . MET A 1 11  ? 10.856  3.025   -2.175  1.00 22.24 ? 11  MET A CB  1 
ATOM   78   C CG  . MET A 1 11  ? 10.114  2.313   -1.059  1.00 21.45 ? 11  MET A CG  1 
ATOM   79   S SD  . MET A 1 11  ? 8.317   2.082   -1.321  1.00 25.55 ? 11  MET A SD  1 
ATOM   80   C CE  . MET A 1 11  ? 7.818   3.657   -0.740  1.00 25.04 ? 11  MET A CE  1 
ATOM   81   N N   . LYS A 1 12  ? 12.424  3.211   -4.936  1.00 22.72 ? 12  LYS A N   1 
ATOM   82   C CA  . LYS A 1 12  ? 13.061  4.078   -5.936  1.00 26.48 ? 12  LYS A CA  1 
ATOM   83   C C   . LYS A 1 12  ? 12.473  3.826   -7.343  1.00 26.82 ? 12  LYS A C   1 
ATOM   84   O O   . LYS A 1 12  ? 12.249  4.761   -8.121  1.00 29.01 ? 12  LYS A O   1 
ATOM   85   C CB  . LYS A 1 12  ? 14.563  3.821   -5.932  1.00 29.73 ? 12  LYS A CB  1 
ATOM   86   C CG  . LYS A 1 12  ? 15.331  4.724   -6.905  1.00 33.92 ? 12  LYS A CG  1 
ATOM   87   C CD  . LYS A 1 12  ? 16.739  4.206   -7.139  1.00 39.49 ? 12  LYS A CD  1 
ATOM   88   C CE  . LYS A 1 12  ? 17.495  5.077   -8.152  1.00 41.27 ? 12  LYS A CE  1 
ATOM   89   N NZ  . LYS A 1 12  ? 18.634  4.327   -8.798  1.00 43.90 ? 12  LYS A NZ  1 
ATOM   90   N N   . ARG A 1 13  ? 12.203  2.571   -7.646  1.00 26.82 ? 13  ARG A N   1 
ATOM   91   C CA  . ARG A 1 13  ? 11.660  2.153   -8.930  1.00 28.45 ? 13  ARG A CA  1 
ATOM   92   C C   . ARG A 1 13  ? 10.129  2.235   -9.089  1.00 27.78 ? 13  ARG A C   1 
ATOM   93   O O   . ARG A 1 13  ? 9.614   2.613   -10.164 1.00 28.63 ? 13  ARG A O   1 
ATOM   94   C CB  . ARG A 1 13  ? 12.074  0.699   -9.205  1.00 31.76 ? 13  ARG A CB  1 
ATOM   95   C CG  . ARG A 1 13  ? 13.015  0.511   -10.391 1.00 40.81 ? 13  ARG A CG  1 
ATOM   96   C CD  . ARG A 1 13  ? 12.371  1.062   -11.668 1.00 45.80 ? 13  ARG A CD  1 
ATOM   97   N NE  . ARG A 1 13  ? 12.718  0.373   -12.926 1.00 48.42 ? 13  ARG A NE  1 
ATOM   98   C CZ  . ARG A 1 13  ? 12.078  0.588   -14.083 1.00 51.01 ? 13  ARG A CZ  1 
ATOM   99   N NH1 . ARG A 1 13  ? 11.067  1.471   -14.143 1.00 51.57 ? 13  ARG A NH1 1 
ATOM   100  N NH2 . ARG A 1 13  ? 12.428  -0.088  -15.180 1.00 52.06 ? 13  ARG A NH2 1 
ATOM   101  N N   . ASN A 1 14  ? 9.380   1.894   -8.049  1.00 26.37 ? 14  ASN A N   1 
ATOM   102  C CA  . ASN A 1 14  ? 7.934   1.838   -8.214  1.00 24.92 ? 14  ASN A CA  1 
ATOM   103  C C   . ASN A 1 14  ? 7.047   2.765   -7.390  1.00 24.48 ? 14  ASN A C   1 
ATOM   104  O O   . ASN A 1 14  ? 5.854   2.851   -7.634  1.00 24.60 ? 14  ASN A O   1 
ATOM   105  C CB  . ASN A 1 14  ? 7.455   0.410   -8.030  1.00 24.53 ? 14  ASN A CB  1 
ATOM   106  C CG  . ASN A 1 14  ? 7.723   -0.442  -9.255  1.00 24.89 ? 14  ASN A CG  1 
ATOM   107  O OD1 . ASN A 1 14  ? 8.867   -0.753  -9.554  1.00 27.86 ? 14  ASN A OD1 1 
ATOM   108  N ND2 . ASN A 1 14  ? 6.669   -0.816  -9.957  1.00 23.13 ? 14  ASN A ND2 1 
ATOM   109  N N   . SER A 1 15  ? 7.616   3.478   -6.443  1.00 25.08 ? 15  SER A N   1 
ATOM   110  C CA  . SER A 1 15  ? 6.774   4.356   -5.642  1.00 24.51 ? 15  SER A CA  1 
ATOM   111  C C   . SER A 1 15  ? 6.755   5.831   -6.065  1.00 25.13 ? 15  SER A C   1 
ATOM   112  O O   . SER A 1 15  ? 7.660   6.334   -6.747  1.00 24.37 ? 15  SER A O   1 
ATOM   113  C CB  . SER A 1 15  ? 7.174   4.259   -4.150  1.00 24.15 ? 15  SER A CB  1 
ATOM   114  O OG  . SER A 1 15  ? 8.264   5.133   -3.842  1.00 23.40 ? 15  SER A OG  1 
ATOM   115  N N   . SER A 1 16  ? 5.702   6.517   -5.636  1.00 24.10 ? 16  SER A N   1 
ATOM   116  C CA  . SER A 1 16  ? 5.559   7.923   -5.883  1.00 25.36 ? 16  SER A CA  1 
ATOM   117  C C   . SER A 1 16  ? 4.764   8.555   -4.748  1.00 25.19 ? 16  SER A C   1 
ATOM   118  O O   . SER A 1 16  ? 4.175   7.861   -3.937  1.00 25.38 ? 16  SER A O   1 
ATOM   119  C CB  . SER A 1 16  ? 4.870   8.154   -7.243  1.00 25.34 ? 16  SER A CB  1 
ATOM   120  O OG  . SER A 1 16  ? 3.619   7.500   -7.314  1.00 27.88 ? 16  SER A OG  1 
ATOM   121  N N   . THR A 1 17  ? 4.746   9.878   -4.698  1.00 26.82 ? 17  THR A N   1 
ATOM   122  C CA  . THR A 1 17  ? 4.002   10.578  -3.657  1.00 28.13 ? 17  THR A CA  1 
ATOM   123  C C   . THR A 1 17  ? 2.761   11.121  -4.347  1.00 29.62 ? 17  THR A C   1 
ATOM   124  O O   . THR A 1 17  ? 2.839   11.757  -5.412  1.00 28.91 ? 17  THR A O   1 
ATOM   125  C CB  . THR A 1 17  ? 4.822   11.714  -3.079  1.00 32.15 ? 17  THR A CB  1 
ATOM   126  O OG1 . THR A 1 17  ? 5.033   12.718  -4.079  1.00 39.12 ? 17  THR A OG1 1 
ATOM   127  C CG2 . THR A 1 17  ? 6.175   11.212  -2.653  1.00 28.90 ? 17  THR A CG2 1 
ATOM   128  N N   . VAL A 1 18  ? 1.604   10.890  -3.749  1.00 28.04 ? 18  VAL A N   1 
ATOM   129  C CA  . VAL A 1 18  ? 0.381   11.308  -4.404  1.00 26.94 ? 18  VAL A CA  1 
ATOM   130  C C   . VAL A 1 18  ? -0.449  12.136  -3.458  1.00 28.59 ? 18  VAL A C   1 
ATOM   131  O O   . VAL A 1 18  ? -0.468  11.895  -2.244  1.00 26.36 ? 18  VAL A O   1 
ATOM   132  C CB  . VAL A 1 18  ? -0.434  10.078  -4.798  1.00 27.10 ? 18  VAL A CB  1 
ATOM   133  C CG1 . VAL A 1 18  ? -1.883  10.455  -5.024  1.00 29.14 ? 18  VAL A CG1 1 
ATOM   134  C CG2 . VAL A 1 18  ? 0.150   9.455   -6.068  1.00 26.41 ? 18  VAL A CG2 1 
ATOM   135  N N   . LYS A 1 19  ? -1.158  13.105  -4.022  1.00 27.37 ? 19  LYS A N   1 
ATOM   136  C CA  . LYS A 1 19  ? -2.030  13.919  -3.219  1.00 27.16 ? 19  LYS A CA  1 
ATOM   137  C C   . LYS A 1 19  ? -3.416  13.808  -3.842  1.00 27.39 ? 19  LYS A C   1 
ATOM   138  O O   . LYS A 1 19  ? -3.531  13.881  -5.070  1.00 25.57 ? 19  LYS A O   1 
ATOM   139  C CB  . LYS A 1 19  ? -1.535  15.361  -3.243  1.00 30.83 ? 19  LYS A CB  1 
ATOM   140  C CG  . LYS A 1 19  ? -2.106  16.213  -2.151  1.00 37.41 ? 19  LYS A CG  1 
ATOM   141  C CD  . LYS A 1 19  ? -1.341  17.556  -2.065  1.00 42.00 ? 19  LYS A CD  1 
ATOM   142  C CE  . LYS A 1 19  ? -2.081  18.543  -1.139  1.00 45.04 ? 19  LYS A CE  1 
ATOM   143  N NZ  . LYS A 1 19  ? -1.429  19.916  -1.149  1.00 48.33 ? 19  LYS A NZ  1 
ATOM   144  N N   . THR A 1 20  ? -4.422  13.516  -3.002  1.00 26.52 ? 20  THR A N   1 
ATOM   145  C CA  . THR A 1 20  ? -5.838  13.505  -3.414  1.00 24.74 ? 20  THR A CA  1 
ATOM   146  C C   . THR A 1 20  ? -6.462  14.622  -2.543  1.00 24.48 ? 20  THR A C   1 
ATOM   147  O O   . THR A 1 20  ? -5.791  15.217  -1.679  1.00 23.63 ? 20  THR A O   1 
ATOM   148  C CB  . THR A 1 20  ? -6.612  12.190  -3.095  1.00 24.06 ? 20  THR A CB  1 
ATOM   149  O OG1 . THR A 1 20  ? -6.680  12.024  -1.671  1.00 23.13 ? 20  THR A OG1 1 
ATOM   150  C CG2 . THR A 1 20  ? -5.952  10.989  -3.730  1.00 21.16 ? 20  THR A CG2 1 
ATOM   151  N N   . GLU A 1 21  ? -7.749  14.902  -2.718  1.00 24.23 ? 21  GLU A N   1 
ATOM   152  C CA  . GLU A 1 21  ? -8.363  15.958  -1.883  1.00 25.18 ? 21  GLU A CA  1 
ATOM   153  C C   . GLU A 1 21  ? -8.452  15.497  -0.424  1.00 25.65 ? 21  GLU A C   1 
ATOM   154  O O   . GLU A 1 21  ? -8.789  16.273  0.470   1.00 24.95 ? 21  GLU A O   1 
ATOM   155  C CB  . GLU A 1 21  ? -9.788  16.273  -2.358  1.00 26.20 ? 21  GLU A CB  1 
ATOM   156  C CG  . GLU A 1 21  ? -9.840  16.923  -3.706  1.00 29.06 ? 21  GLU A CG  1 
ATOM   157  C CD  . GLU A 1 21  ? -9.949  15.963  -4.843  1.00 33.70 ? 21  GLU A CD  1 
ATOM   158  O OE1 . GLU A 1 21  ? -10.374 16.381  -5.951  1.00 35.67 ? 21  GLU A OE1 1 
ATOM   159  O OE2 . GLU A 1 21  ? -9.587  14.779  -4.665  1.00 37.11 ? 21  GLU A OE2 1 
ATOM   160  N N   . TYR A 1 22  ? -8.167  14.226  -0.188  1.00 25.08 ? 22  TYR A N   1 
ATOM   161  C CA  . TYR A 1 22  ? -8.266  13.724  1.171   1.00 25.00 ? 22  TYR A CA  1 
ATOM   162  C C   . TYR A 1 22  ? -6.915  13.576  1.888   1.00 26.26 ? 22  TYR A C   1 
ATOM   163  O O   . TYR A 1 22  ? -6.869  13.210  3.071   1.00 26.17 ? 22  TYR A O   1 
ATOM   164  C CB  . TYR A 1 22  ? -9.017  12.393  1.177   1.00 25.32 ? 22  TYR A CB  1 
ATOM   165  C CG  . TYR A 1 22  ? -10.506 12.578  1.048   1.00 25.65 ? 22  TYR A CG  1 
ATOM   166  C CD1 . TYR A 1 22  ? -11.092 12.854  -0.190  1.00 22.80 ? 22  TYR A CD1 1 
ATOM   167  C CD2 . TYR A 1 22  ? -11.328 12.597  2.195   1.00 23.97 ? 22  TYR A CD2 1 
ATOM   168  C CE1 . TYR A 1 22  ? -12.418 13.147  -0.293  1.00 22.47 ? 22  TYR A CE1 1 
ATOM   169  C CE2 . TYR A 1 22  ? -12.694 12.902  2.094   1.00 24.61 ? 22  TYR A CE2 1 
ATOM   170  C CZ  . TYR A 1 22  ? -13.225 13.176  0.826   1.00 22.85 ? 22  TYR A CZ  1 
ATOM   171  O OH  . TYR A 1 22  ? -14.558 13.472  0.701   1.00 22.58 ? 22  TYR A OH  1 
ATOM   172  N N   . GLY A 1 23  ? -5.839  13.901  1.183   1.00 26.09 ? 23  GLY A N   1 
ATOM   173  C CA  . GLY A 1 23  ? -4.532  13.818  1.791   1.00 25.72 ? 23  GLY A CA  1 
ATOM   174  C C   . GLY A 1 23  ? -3.417  13.467  0.852   1.00 24.96 ? 23  GLY A C   1 
ATOM   175  O O   . GLY A 1 23  ? -3.593  13.271  -0.348  1.00 25.27 ? 23  GLY A O   1 
ATOM   176  N N   . GLU A 1 24  ? -2.251  13.328  1.462   1.00 24.92 ? 24  GLU A N   1 
ATOM   177  C CA  . GLU A 1 24  ? -1.022  12.971  0.772   1.00 25.12 ? 24  GLU A CA  1 
ATOM   178  C C   . GLU A 1 24  ? -0.694  11.514  1.093   1.00 23.15 ? 24  GLU A C   1 
ATOM   179  O O   . GLU A 1 24  ? -0.679  11.129  2.250   1.00 23.88 ? 24  GLU A O   1 
ATOM   180  C CB  . GLU A 1 24  ? 0.104   13.898  1.243   1.00 25.34 ? 24  GLU A CB  1 
ATOM   181  C CG  . GLU A 1 24  ? 1.426   13.518  0.646   1.00 30.94 ? 24  GLU A CG  1 
ATOM   182  C CD  . GLU A 1 24  ? 2.504   14.561  0.842   1.00 32.29 ? 24  GLU A CD  1 
ATOM   183  O OE1 . GLU A 1 24  ? 2.551   15.250  1.883   1.00 38.20 ? 24  GLU A OE1 1 
ATOM   184  O OE2 . GLU A 1 24  ? 3.331   14.675  -0.054  1.00 34.50 ? 24  GLU A OE2 1 
ATOM   185  N N   . PHE A 1 25  ? -0.440  10.708  0.074   1.00 21.28 ? 25  PHE A N   1 
ATOM   186  C CA  . PHE A 1 25  ? -0.140  9.307   0.299   1.00 22.69 ? 25  PHE A CA  1 
ATOM   187  C C   . PHE A 1 25  ? 1.038   8.742   -0.472  1.00 23.12 ? 25  PHE A C   1 
ATOM   188  O O   . PHE A 1 25  ? 1.420   9.191   -1.558  1.00 25.96 ? 25  PHE A O   1 
ATOM   189  C CB  . PHE A 1 25  ? -1.350  8.421   -0.061  1.00 22.26 ? 25  PHE A CB  1 
ATOM   190  C CG  . PHE A 1 25  ? -2.632  8.836   0.598   1.00 25.76 ? 25  PHE A CG  1 
ATOM   191  C CD1 . PHE A 1 25  ? -3.350  9.941   0.149   1.00 22.19 ? 25  PHE A CD1 1 
ATOM   192  C CD2 . PHE A 1 25  ? -3.111  8.131   1.739   1.00 25.26 ? 25  PHE A CD2 1 
ATOM   193  C CE1 . PHE A 1 25  ? -4.520  10.336  0.819   1.00 24.05 ? 25  PHE A CE1 1 
ATOM   194  C CE2 . PHE A 1 25  ? -4.262  8.531   2.389   1.00 25.15 ? 25  PHE A CE2 1 
ATOM   195  C CZ  . PHE A 1 25  ? -4.968  9.623   1.937   1.00 24.50 ? 25  PHE A CZ  1 
ATOM   196  N N   . THR A 1 26  ? 1.599   7.687   0.073   1.00 23.81 ? 26  THR A N   1 
ATOM   197  C CA  . THR A 1 26  ? 2.621   6.938   -0.656  1.00 22.52 ? 26  THR A CA  1 
ATOM   198  C C   . THR A 1 26  ? 1.827   6.108   -1.681  1.00 22.93 ? 26  THR A C   1 
ATOM   199  O O   . THR A 1 26  ? 0.812   5.496   -1.347  1.00 22.50 ? 26  THR A O   1 
ATOM   200  C CB  . THR A 1 26  ? 3.341   5.954   0.260   1.00 21.64 ? 26  THR A CB  1 
ATOM   201  O OG1 . THR A 1 26  ? 4.043   6.686   1.256   1.00 21.15 ? 26  THR A OG1 1 
ATOM   202  C CG2 . THR A 1 26  ? 4.317   5.091   -0.528  1.00 20.68 ? 26  THR A CG2 1 
ATOM   203  N N   . MET A 1 27  ? 2.246   6.113   -2.937  1.00 21.92 ? 27  MET A N   1 
ATOM   204  C CA  . MET A 1 27  ? 1.553   5.276   -3.912  1.00 22.81 ? 27  MET A CA  1 
ATOM   205  C C   . MET A 1 27  ? 2.533   4.276   -4.587  1.00 21.86 ? 27  MET A C   1 
ATOM   206  O O   . MET A 1 27  ? 3.665   4.645   -4.940  1.00 24.44 ? 27  MET A O   1 
ATOM   207  C CB  . MET A 1 27  ? 0.838   6.132   -4.989  1.00 22.29 ? 27  MET A CB  1 
ATOM   208  C CG  . MET A 1 27  ? 0.150   5.263   -6.011  1.00 20.86 ? 27  MET A CG  1 
ATOM   209  S SD  . MET A 1 27  ? -0.934  6.148   -7.186  1.00 23.75 ? 27  MET A SD  1 
ATOM   210  C CE  . MET A 1 27  ? 0.318   6.687   -8.324  1.00 20.62 ? 27  MET A CE  1 
ATOM   211  N N   . LEU A 1 28  ? 2.115   3.018   -4.721  1.00 19.89 ? 28  LEU A N   1 
ATOM   212  C CA  . LEU A 1 28  ? 2.929   2.004   -5.361  1.00 21.65 ? 28  LEU A CA  1 
ATOM   213  C C   . LEU A 1 28  ? 2.355   1.623   -6.736  1.00 20.81 ? 28  LEU A C   1 
ATOM   214  O O   . LEU A 1 28  ? 1.217   1.199   -6.831  1.00 19.12 ? 28  LEU A O   1 
ATOM   215  C CB  . LEU A 1 28  ? 3.046   0.730   -4.483  1.00 20.62 ? 28  LEU A CB  1 
ATOM   216  C CG  . LEU A 1 28  ? 4.002   -0.359  -5.014  1.00 21.19 ? 28  LEU A CG  1 
ATOM   217  C CD1 . LEU A 1 28  ? 5.446   0.043   -4.929  1.00 23.52 ? 28  LEU A CD1 1 
ATOM   218  C CD2 . LEU A 1 28  ? 3.775   -1.646  -4.236  1.00 22.45 ? 28  LEU A CD2 1 
ATOM   219  N N   . GLY A 1 29  ? 3.149   1.800   -7.787  1.00 23.73 ? 29  GLY A N   1 
ATOM   220  C CA  . GLY A 1 29  ? 2.725   1.412   -9.131  1.00 25.82 ? 29  GLY A CA  1 
ATOM   221  C C   . GLY A 1 29  ? 3.020   -0.089  -9.252  1.00 26.85 ? 29  GLY A C   1 
ATOM   222  O O   . GLY A 1 29  ? 4.091   -0.561  -8.818  1.00 26.62 ? 29  GLY A O   1 
ATOM   223  N N   . ILE A 1 30  ? 2.068   -0.836  -9.808  1.00 26.35 ? 30  ILE A N   1 
ATOM   224  C CA  . ILE A 1 30  ? 2.164   -2.308  -9.914  1.00 27.16 ? 30  ILE A CA  1 
ATOM   225  C C   . ILE A 1 30  ? 2.558   -2.855  -11.310 1.00 27.76 ? 30  ILE A C   1 
ATOM   226  O O   . ILE A 1 30  ? 3.476   -3.658  -11.439 1.00 26.79 ? 30  ILE A O   1 
ATOM   227  C CB  . ILE A 1 30  ? 0.823   -2.935  -9.464  1.00 23.41 ? 30  ILE A CB  1 
ATOM   228  C CG1 . ILE A 1 30  ? 0.377   -2.311  -8.137  1.00 24.60 ? 30  ILE A CG1 1 
ATOM   229  C CG2 . ILE A 1 30  ? 0.948   -4.441  -9.313  1.00 26.86 ? 30  ILE A CG2 1 
ATOM   230  C CD1 . ILE A 1 30  ? 1.272   -2.629  -6.941  1.00 24.95 ? 30  ILE A CD1 1 
ATOM   231  N N   . TYR A 1 31  ? 1.843   -2.430  -12.348 1.00 28.73 ? 31  TYR A N   1 
ATOM   232  C CA  . TYR A 1 31  ? 2.197   -2.870  -13.705 1.00 28.10 ? 31  TYR A CA  1 
ATOM   233  C C   . TYR A 1 31  ? 1.451   -1.929  -14.654 1.00 29.79 ? 31  TYR A C   1 
ATOM   234  O O   . TYR A 1 31  ? 0.483   -1.271  -14.246 1.00 28.22 ? 31  TYR A O   1 
ATOM   235  C CB  . TYR A 1 31  ? 1.794   -4.339  -13.920 1.00 28.76 ? 31  TYR A CB  1 
ATOM   236  C CG  . TYR A 1 31  ? 0.344   -4.587  -14.276 1.00 29.05 ? 31  TYR A CG  1 
ATOM   237  C CD1 . TYR A 1 31  ? -0.661  -4.442  -13.327 1.00 31.93 ? 31  TYR A CD1 1 
ATOM   238  C CD2 . TYR A 1 31  ? -0.030  -4.971  -15.574 1.00 31.19 ? 31  TYR A CD2 1 
ATOM   239  C CE1 . TYR A 1 31  ? -2.000  -4.675  -13.639 1.00 32.81 ? 31  TYR A CE1 1 
ATOM   240  C CE2 . TYR A 1 31  ? -1.372  -5.201  -15.909 1.00 31.44 ? 31  TYR A CE2 1 
ATOM   241  C CZ  . TYR A 1 31  ? -2.358  -5.057  -14.944 1.00 34.17 ? 31  TYR A CZ  1 
ATOM   242  O OH  . TYR A 1 31  ? -3.709  -5.307  -15.213 1.00 34.73 ? 31  TYR A OH  1 
ATOM   243  N N   . ASP A 1 32  ? 1.892   -1.846  -15.910 1.00 31.72 ? 32  ASP A N   1 
ATOM   244  C CA  . ASP A 1 32  ? 1.225   -0.934  -16.855 1.00 33.69 ? 32  ASP A CA  1 
ATOM   245  C C   . ASP A 1 32  ? 0.899   0.420   -16.213 1.00 30.80 ? 32  ASP A C   1 
ATOM   246  O O   . ASP A 1 32  ? 1.801   1.094   -15.749 1.00 32.58 ? 32  ASP A O   1 
ATOM   247  C CB  . ASP A 1 32  ? -0.031  -1.587  -17.403 1.00 36.11 ? 32  ASP A CB  1 
ATOM   248  C CG  . ASP A 1 32  ? 0.295   -2.703  -18.322 1.00 41.87 ? 32  ASP A CG  1 
ATOM   249  O OD1 . ASP A 1 32  ? 1.520   -2.955  -18.563 1.00 43.68 ? 32  ASP A OD1 1 
ATOM   250  O OD2 . ASP A 1 32  ? -0.666  -3.333  -18.807 1.00 45.84 ? 32  ASP A OD2 1 
ATOM   251  N N   . ARG A 1 33  ? -0.354  0.844   -16.207 1.00 30.21 ? 33  ARG A N   1 
ATOM   252  C CA  . ARG A 1 33  ? -0.666  2.124   -15.564 1.00 29.73 ? 33  ARG A CA  1 
ATOM   253  C C   . ARG A 1 33  ? -1.547  1.948   -14.336 1.00 28.48 ? 33  ARG A C   1 
ATOM   254  O O   . ARG A 1 33  ? -2.243  2.881   -13.915 1.00 25.84 ? 33  ARG A O   1 
ATOM   255  C CB  . ARG A 1 33  ? -1.366  3.084   -16.537 1.00 31.77 ? 33  ARG A CB  1 
ATOM   256  C CG  . ARG A 1 33  ? -0.441  3.648   -17.602 1.00 34.58 ? 33  ARG A CG  1 
ATOM   257  C CD  . ARG A 1 33  ? -0.486  2.756   -18.805 1.00 39.35 ? 33  ARG A CD  1 
ATOM   258  N NE  . ARG A 1 33  ? 0.408   3.197   -19.865 1.00 41.14 ? 33  ARG A NE  1 
ATOM   259  C CZ  . ARG A 1 33  ? 0.353   2.736   -21.117 1.00 42.82 ? 33  ARG A CZ  1 
ATOM   260  N NH1 . ARG A 1 33  ? -0.568  1.833   -21.460 1.00 39.22 ? 33  ARG A NH1 1 
ATOM   261  N NH2 . ARG A 1 33  ? 1.250   3.156   -22.014 1.00 43.41 ? 33  ARG A NH2 1 
ATOM   262  N N   . TRP A 1 34  ? -1.535  0.734   -13.796 1.00 27.75 ? 34  TRP A N   1 
ATOM   263  C CA  . TRP A 1 34  ? -2.296  0.428   -12.587 1.00 28.26 ? 34  TRP A CA  1 
ATOM   264  C C   . TRP A 1 34  ? -1.443  0.572   -11.298 1.00 25.37 ? 34  TRP A C   1 
ATOM   265  O O   . TRP A 1 34  ? -0.347  -0.026  -11.209 1.00 25.31 ? 34  TRP A O   1 
ATOM   266  C CB  . TRP A 1 34  ? -2.795  -0.985  -12.640 1.00 28.63 ? 34  TRP A CB  1 
ATOM   267  C CG  . TRP A 1 34  ? -3.935  -1.161  -13.517 1.00 33.47 ? 34  TRP A CG  1 
ATOM   268  C CD1 . TRP A 1 34  ? -3.906  -1.563  -14.803 1.00 30.84 ? 34  TRP A CD1 1 
ATOM   269  C CD2 . TRP A 1 34  ? -5.300  -0.930  -13.182 1.00 33.53 ? 34  TRP A CD2 1 
ATOM   270  N NE1 . TRP A 1 34  ? -5.178  -1.608  -15.308 1.00 33.78 ? 34  TRP A NE1 1 
ATOM   271  C CE2 . TRP A 1 34  ? -6.060  -1.217  -14.339 1.00 33.99 ? 34  TRP A CE2 1 
ATOM   272  C CE3 . TRP A 1 34  ? -5.958  -0.504  -12.016 1.00 34.24 ? 34  TRP A CE3 1 
ATOM   273  C CZ2 . TRP A 1 34  ? -7.443  -1.086  -14.376 1.00 34.72 ? 34  TRP A CZ2 1 
ATOM   274  C CZ3 . TRP A 1 34  ? -7.338  -0.377  -12.042 1.00 35.75 ? 34  TRP A CZ3 1 
ATOM   275  C CH2 . TRP A 1 34  ? -8.075  -0.669  -13.224 1.00 36.09 ? 34  TRP A CH2 1 
ATOM   276  N N   . ALA A 1 35  ? -1.978  1.331   -10.326 1.00 24.98 ? 35  ALA A N   1 
ATOM   277  C CA  . ALA A 1 35  ? -1.335  1.548   -9.005  1.00 23.18 ? 35  ALA A CA  1 
ATOM   278  C C   . ALA A 1 35  ? -2.332  1.212   -7.892  1.00 24.42 ? 35  ALA A C   1 
ATOM   279  O O   . ALA A 1 35  ? -3.473  0.889   -8.177  1.00 23.11 ? 35  ALA A O   1 
ATOM   280  C CB  . ALA A 1 35  ? -0.845  3.022   -8.850  1.00 20.22 ? 35  ALA A CB  1 
ATOM   281  N N   . VAL A 1 36  ? -1.885  1.289   -6.626  1.00 23.49 ? 36  VAL A N   1 
ATOM   282  C CA  . VAL A 1 36  ? -2.767  0.993   -5.493  1.00 25.59 ? 36  VAL A CA  1 
ATOM   283  C C   . VAL A 1 36  ? -2.645  2.149   -4.495  1.00 23.80 ? 36  VAL A C   1 
ATOM   284  O O   . VAL A 1 36  ? -1.548  2.690   -4.292  1.00 24.67 ? 36  VAL A O   1 
ATOM   285  C CB  . VAL A 1 36  ? -2.307  -0.145  -4.518  1.00 27.94 ? 36  VAL A CB  1 
ATOM   286  C CG1 . VAL A 1 36  ? -3.499  -0.979  -4.067  1.00 25.60 ? 36  VAL A CG1 1 
ATOM   287  C CG2 . VAL A 1 36  ? -1.057  -0.810  -4.975  1.00 31.54 ? 36  VAL A CG2 1 
ATOM   288  N N   . LEU A 1 37  ? -3.748  2.437   -3.808  1.00 24.35 ? 37  LEU A N   1 
ATOM   289  C CA  . LEU A 1 37  ? -3.831  3.431   -2.746  1.00 22.39 ? 37  LEU A CA  1 
ATOM   290  C C   . LEU A 1 37  ? -4.732  2.857   -1.658  1.00 22.75 ? 37  LEU A C   1 
ATOM   291  O O   . LEU A 1 37  ? -5.504  1.947   -1.936  1.00 22.44 ? 37  LEU A O   1 
ATOM   292  C CB  . LEU A 1 37  ? -4.522  4.731   -3.212  1.00 22.93 ? 37  LEU A CB  1 
ATOM   293  C CG  . LEU A 1 37  ? -3.643  5.630   -4.073  1.00 21.67 ? 37  LEU A CG  1 
ATOM   294  C CD1 . LEU A 1 37  ? -4.521  6.776   -4.547  1.00 24.71 ? 37  LEU A CD1 1 
ATOM   295  C CD2 . LEU A 1 37  ? -2.449  6.195   -3.248  1.00 23.25 ? 37  LEU A CD2 1 
ATOM   296  N N   . PRO A 1 38  ? -4.546  3.302   -0.384  1.00 22.56 ? 38  PRO A N   1 
ATOM   297  C CA  . PRO A 1 38  ? -5.426  2.811   0.685   1.00 24.30 ? 38  PRO A CA  1 
ATOM   298  C C   . PRO A 1 38  ? -6.781  3.356   0.199   1.00 25.02 ? 38  PRO A C   1 
ATOM   299  O O   . PRO A 1 38  ? -6.808  4.418   -0.438  1.00 22.44 ? 38  PRO A O   1 
ATOM   300  C CB  . PRO A 1 38  ? -5.006  3.610   1.901   1.00 24.14 ? 38  PRO A CB  1 
ATOM   301  C CG  . PRO A 1 38  ? -3.602  4.082   1.595   1.00 24.45 ? 38  PRO A CG  1 
ATOM   302  C CD  . PRO A 1 38  ? -3.581  4.294   0.114   1.00 22.79 ? 38  PRO A CD  1 
ATOM   303  N N   . ARG A 1 39  ? -7.879  2.658   0.495   1.00 24.71 ? 39  ARG A N   1 
ATOM   304  C CA  . ARG A 1 39  ? -9.227  3.077   0.051   1.00 26.67 ? 39  ARG A CA  1 
ATOM   305  C C   . ARG A 1 39  ? -9.613  4.476   0.547   1.00 26.70 ? 39  ARG A C   1 
ATOM   306  O O   . ARG A 1 39  ? -10.295 5.218   -0.155  1.00 26.62 ? 39  ARG A O   1 
ATOM   307  C CB  . ARG A 1 39  ? -10.287 2.061   0.536   1.00 28.06 ? 39  ARG A CB  1 
ATOM   308  C CG  . ARG A 1 39  ? -11.738 2.417   0.164   1.00 30.18 ? 39  ARG A CG  1 
ATOM   309  C CD  . ARG A 1 39  ? -12.727 1.331   0.597   1.00 32.37 ? 39  ARG A CD  1 
ATOM   310  N NE  . ARG A 1 39  ? -14.020 1.551   -0.062  1.00 38.38 ? 39  ARG A NE  1 
ATOM   311  C CZ  . ARG A 1 39  ? -15.056 0.695   -0.015  1.00 40.84 ? 39  ARG A CZ  1 
ATOM   312  N NH1 . ARG A 1 39  ? -14.961 -0.453  0.671   1.00 39.16 ? 39  ARG A NH1 1 
ATOM   313  N NH2 . ARG A 1 39  ? -16.191 0.980   -0.665  1.00 39.14 ? 39  ARG A NH2 1 
ATOM   314  N N   . HIS A 1 40  ? -9.169  4.840   1.744   1.00 26.15 ? 40  HIS A N   1 
ATOM   315  C CA  . HIS A 1 40  ? -9.496  6.164   2.269   1.00 26.46 ? 40  HIS A CA  1 
ATOM   316  C C   . HIS A 1 40  ? -8.791  7.323   1.595   1.00 25.36 ? 40  HIS A C   1 
ATOM   317  O O   . HIS A 1 40  ? -8.984  8.467   2.002   1.00 25.18 ? 40  HIS A O   1 
ATOM   318  C CB  . HIS A 1 40  ? -9.236  6.253   3.768   1.00 28.72 ? 40  HIS A CB  1 
ATOM   319  C CG  . HIS A 1 40  ? -7.854  5.861   4.156   1.00 31.66 ? 40  HIS A CG  1 
ATOM   320  N ND1 . HIS A 1 40  ? -7.535  4.583   4.585   1.00 33.04 ? 40  HIS A ND1 1 
ATOM   321  C CD2 . HIS A 1 40  ? -6.694  6.560   4.142   1.00 31.27 ? 40  HIS A CD2 1 
ATOM   322  C CE1 . HIS A 1 40  ? -6.235  4.518   4.825   1.00 32.42 ? 40  HIS A CE1 1 
ATOM   323  N NE2 . HIS A 1 40  ? -5.704  5.705   4.562   1.00 34.10 ? 40  HIS A NE2 1 
ATOM   324  N N   . ALA A 1 41  ? -7.926  7.040   0.622   1.00 23.63 ? 41  ALA A N   1 
ATOM   325  C CA  . ALA A 1 41  ? -7.295  8.133   -0.130  1.00 24.26 ? 41  ALA A CA  1 
ATOM   326  C C   . ALA A 1 41  ? -8.420  8.677   -1.054  1.00 24.63 ? 41  ALA A C   1 
ATOM   327  O O   . ALA A 1 41  ? -8.309  9.807   -1.525  1.00 26.04 ? 41  ALA A O   1 
ATOM   328  C CB  . ALA A 1 41  ? -6.084  7.627   -0.984  1.00 18.56 ? 41  ALA A CB  1 
ATOM   329  N N   . LYS A 1 42  ? -9.486  7.901   -1.310  1.00 23.97 ? 42  LYS A N   1 
ATOM   330  C CA  . LYS A 1 42  ? -10.625 8.389   -2.164  1.00 25.78 ? 42  LYS A CA  1 
ATOM   331  C C   . LYS A 1 42  ? -10.220 9.233   -3.420  1.00 27.52 ? 42  LYS A C   1 
ATOM   332  O O   . LYS A 1 42  ? -10.689 10.382  -3.589  1.00 27.52 ? 42  LYS A O   1 
ATOM   333  C CB  . LYS A 1 42  ? -11.571 9.260   -1.328  1.00 24.95 ? 42  LYS A CB  1 
ATOM   334  C CG  . LYS A 1 42  ? -12.268 8.524   -0.216  1.00 28.73 ? 42  LYS A CG  1 
ATOM   335  C CD  . LYS A 1 42  ? -12.923 9.555   0.693   1.00 26.85 ? 42  LYS A CD  1 
ATOM   336  C CE  . LYS A 1 42  ? -12.997 8.994   2.116   1.00 29.20 ? 42  LYS A CE  1 
ATOM   337  N NZ  . LYS A 1 42  ? -13.976 7.909   2.071   1.00 28.54 ? 42  LYS A NZ  1 
ATOM   338  N N   . PRO A 1 43  ? -9.359  8.681   -4.304  1.00 26.16 ? 43  PRO A N   1 
ATOM   339  C CA  . PRO A 1 43  ? -8.920  9.409   -5.506  1.00 25.67 ? 43  PRO A CA  1 
ATOM   340  C C   . PRO A 1 43  ? -10.122 9.918   -6.329  1.00 26.25 ? 43  PRO A C   1 
ATOM   341  O O   . PRO A 1 43  ? -11.122 9.226   -6.508  1.00 26.67 ? 43  PRO A O   1 
ATOM   342  C CB  . PRO A 1 43  ? -8.064  8.373   -6.262  1.00 23.45 ? 43  PRO A CB  1 
ATOM   343  C CG  . PRO A 1 43  ? -8.642  7.047   -5.805  1.00 24.43 ? 43  PRO A CG  1 
ATOM   344  C CD  . PRO A 1 43  ? -8.877  7.293   -4.310  1.00 24.18 ? 43  PRO A CD  1 
ATOM   345  N N   . GLY A 1 44  ? -10.039 11.151  -6.781  1.00 27.15 ? 44  GLY A N   1 
ATOM   346  C CA  . GLY A 1 44  ? -11.115 11.668  -7.595  1.00 27.73 ? 44  GLY A CA  1 
ATOM   347  C C   . GLY A 1 44  ? -10.709 11.479  -9.065  1.00 30.18 ? 44  GLY A C   1 
ATOM   348  O O   . GLY A 1 44  ? -9.876  10.618  -9.380  1.00 28.62 ? 44  GLY A O   1 
ATOM   349  N N   . PRO A 1 45  ? -11.316 12.252  -9.991  1.00 30.59 ? 45  PRO A N   1 
ATOM   350  C CA  . PRO A 1 45  ? -11.027 12.190  -11.439 1.00 31.73 ? 45  PRO A CA  1 
ATOM   351  C C   . PRO A 1 45  ? -9.571  12.509  -11.806 1.00 30.95 ? 45  PRO A C   1 
ATOM   352  O O   . PRO A 1 45  ? -9.098  12.077  -12.850 1.00 33.35 ? 45  PRO A O   1 
ATOM   353  C CB  . PRO A 1 45  ? -12.033 13.163  -12.055 1.00 31.03 ? 45  PRO A CB  1 
ATOM   354  C CG  . PRO A 1 45  ? -12.367 14.126  -10.919 1.00 33.64 ? 45  PRO A CG  1 
ATOM   355  C CD  . PRO A 1 45  ? -12.356 13.250  -9.667  1.00 30.51 ? 45  PRO A CD  1 
ATOM   356  N N   . THR A 1 46  ? -8.861  13.285  -10.985 1.00 31.46 ? 46  THR A N   1 
ATOM   357  C CA  . THR A 1 46  ? -7.444  13.514  -11.219 1.00 32.45 ? 46  THR A CA  1 
ATOM   358  C C   . THR A 1 46  ? -6.759  13.444  -9.850  1.00 31.12 ? 46  THR A C   1 
ATOM   359  O O   . THR A 1 46  ? -7.428  13.626  -8.826  1.00 30.08 ? 46  THR A O   1 
ATOM   360  C CB  . THR A 1 46  ? -7.121  14.915  -11.808 1.00 35.58 ? 46  THR A CB  1 
ATOM   361  O OG1 . THR A 1 46  ? -7.096  15.889  -10.754 1.00 39.00 ? 46  THR A OG1 1 
ATOM   362  C CG2 . THR A 1 46  ? -8.161  15.333  -12.863 1.00 36.31 ? 46  THR A CG2 1 
ATOM   363  N N   . ILE A 1 47  ? -5.448  13.191  -9.844  1.00 30.05 ? 47  ILE A N   1 
ATOM   364  C CA  . ILE A 1 47  ? -4.640  13.185  -8.609  1.00 29.05 ? 47  ILE A CA  1 
ATOM   365  C C   . ILE A 1 47  ? -3.385  13.970  -8.904  1.00 30.85 ? 47  ILE A C   1 
ATOM   366  O O   . ILE A 1 47  ? -3.134  14.338  -10.068 1.00 30.55 ? 47  ILE A O   1 
ATOM   367  C CB  . ILE A 1 47  ? -4.198  11.753  -8.163  1.00 28.55 ? 47  ILE A CB  1 
ATOM   368  C CG1 . ILE A 1 47  ? -3.301  11.085  -9.241  1.00 25.04 ? 47  ILE A CG1 1 
ATOM   369  C CG2 . ILE A 1 47  ? -5.454  10.917  -7.861  1.00 25.14 ? 47  ILE A CG2 1 
ATOM   370  C CD1 . ILE A 1 47  ? -2.803  9.695   -8.851  1.00 27.11 ? 47  ILE A CD1 1 
ATOM   371  N N   . LEU A 1 48  ? -2.638  14.289  -7.865  1.00 30.74 ? 48  LEU A N   1 
ATOM   372  C CA  . LEU A 1 48  ? -1.358  14.968  -8.084  1.00 32.48 ? 48  LEU A CA  1 
ATOM   373  C C   . LEU A 1 48  ? -0.359  13.851  -7.854  1.00 31.92 ? 48  LEU A C   1 
ATOM   374  O O   . LEU A 1 48  ? -0.358  13.302  -6.768  1.00 30.38 ? 48  LEU A O   1 
ATOM   375  C CB  . LEU A 1 48  ? -1.113  16.050  -7.035  1.00 34.89 ? 48  LEU A CB  1 
ATOM   376  C CG  . LEU A 1 48  ? -1.086  17.511  -7.465  1.00 38.61 ? 48  LEU A CG  1 
ATOM   377  C CD1 . LEU A 1 48  ? -0.481  18.337  -6.349  1.00 40.42 ? 48  LEU A CD1 1 
ATOM   378  C CD2 . LEU A 1 48  ? -0.235  17.662  -8.709  1.00 40.31 ? 48  LEU A CD2 1 
ATOM   379  N N   . MET A 1 49  ? 0.462   13.500  -8.847  1.00 29.70 ? 49  MET A N   1 
ATOM   380  C CA  . MET A 1 49  ? 1.474   12.448  -8.688  1.00 29.62 ? 49  MET A CA  1 
ATOM   381  C C   . MET A 1 49  ? 2.841   13.143  -8.827  1.00 31.17 ? 49  MET A C   1 
ATOM   382  O O   . MET A 1 49  ? 3.139   13.651  -9.915  1.00 30.58 ? 49  MET A O   1 
ATOM   383  C CB  . MET A 1 49  ? 1.313   11.430  -9.806  1.00 29.30 ? 49  MET A CB  1 
ATOM   384  C CG  . MET A 1 49  ? 2.192   10.205  -9.715  1.00 28.73 ? 49  MET A CG  1 
ATOM   385  S SD  . MET A 1 49  ? 1.837   9.065   -11.035 1.00 31.67 ? 49  MET A SD  1 
ATOM   386  C CE  . MET A 1 49  ? 3.229   7.864   -10.897 1.00 30.81 ? 49  MET A CE  1 
ATOM   387  N N   . ASN A 1 50  ? 3.661   13.158  -7.771  1.00 28.08 ? 50  ASN A N   1 
ATOM   388  C CA  . ASN A 1 50  ? 4.950   13.864  -7.822  1.00 29.61 ? 50  ASN A CA  1 
ATOM   389  C C   . ASN A 1 50  ? 4.731   15.294  -8.310  1.00 30.77 ? 50  ASN A C   1 
ATOM   390  O O   . ASN A 1 50  ? 5.429   15.781  -9.191  1.00 31.06 ? 50  ASN A O   1 
ATOM   391  C CB  . ASN A 1 50  ? 5.952   13.155  -8.740  1.00 30.10 ? 50  ASN A CB  1 
ATOM   392  C CG  . ASN A 1 50  ? 6.271   11.759  -8.278  1.00 31.39 ? 50  ASN A CG  1 
ATOM   393  O OD1 . ASN A 1 50  ? 6.263   11.449  -7.065  1.00 31.47 ? 50  ASN A OD1 1 
ATOM   394  N ND2 . ASN A 1 50  ? 6.561   10.902  -9.224  1.00 32.30 ? 50  ASN A ND2 1 
ATOM   395  N N   . ASP A 1 51  ? 3.732   15.952  -7.724  1.00 31.97 ? 51  ASP A N   1 
ATOM   396  C CA  . ASP A 1 51  ? 3.333   17.326  -8.053  1.00 33.01 ? 51  ASP A CA  1 
ATOM   397  C C   . ASP A 1 51  ? 2.801   17.579  -9.448  1.00 32.32 ? 51  ASP A C   1 
ATOM   398  O O   . ASP A 1 51  ? 2.724   18.713  -9.862  1.00 31.18 ? 51  ASP A O   1 
ATOM   399  C CB  . ASP A 1 51  ? 4.450   18.337  -7.804  1.00 34.93 ? 51  ASP A CB  1 
ATOM   400  C CG  . ASP A 1 51  ? 5.013   18.248  -6.413  1.00 37.76 ? 51  ASP A CG  1 
ATOM   401  O OD1 . ASP A 1 51  ? 4.216   18.173  -5.458  1.00 38.28 ? 51  ASP A OD1 1 
ATOM   402  O OD2 . ASP A 1 51  ? 6.257   18.266  -6.282  1.00 39.96 ? 51  ASP A OD2 1 
ATOM   403  N N   . GLN A 1 52  ? 2.456   16.561  -10.193 1.00 33.21 ? 52  GLN A N   1 
ATOM   404  C CA  . GLN A 1 52  ? 1.860   16.873  -11.476 1.00 35.20 ? 52  GLN A CA  1 
ATOM   405  C C   . GLN A 1 52  ? 0.522   16.178  -11.635 1.00 34.83 ? 52  GLN A C   1 
ATOM   406  O O   . GLN A 1 52  ? 0.371   15.013  -11.303 1.00 32.94 ? 52  GLN A O   1 
ATOM   407  C CB  . GLN A 1 52  ? 2.787   16.549  -12.638 1.00 36.81 ? 52  GLN A CB  1 
ATOM   408  C CG  . GLN A 1 52  ? 3.412   15.224  -12.564 1.00 41.91 ? 52  GLN A CG  1 
ATOM   409  C CD  . GLN A 1 52  ? 4.826   15.261  -13.144 1.00 45.40 ? 52  GLN A CD  1 
ATOM   410  O OE1 . GLN A 1 52  ? 5.005   15.689  -14.297 1.00 45.03 ? 52  GLN A OE1 1 
ATOM   411  N NE2 . GLN A 1 52  ? 5.837   14.816  -12.347 1.00 43.38 ? 52  GLN A NE2 1 
ATOM   412  N N   . GLU A 1 53  ? -0.452  16.926  -12.148 1.00 35.79 ? 53  GLU A N   1 
ATOM   413  C CA  . GLU A 1 53  ? -1.787  16.394  -12.348 1.00 38.09 ? 53  GLU A CA  1 
ATOM   414  C C   . GLU A 1 53  ? -1.795  15.219  -13.264 1.00 37.76 ? 53  GLU A C   1 
ATOM   415  O O   . GLU A 1 53  ? -1.182  15.248  -14.332 1.00 37.81 ? 53  GLU A O   1 
ATOM   416  C CB  . GLU A 1 53  ? -2.731  17.445  -12.921 1.00 40.79 ? 53  GLU A CB  1 
ATOM   417  C CG  . GLU A 1 53  ? -3.432  18.252  -11.861 1.00 46.45 ? 53  GLU A CG  1 
ATOM   418  C CD  . GLU A 1 53  ? -4.758  18.847  -12.360 1.00 49.70 ? 53  GLU A CD  1 
ATOM   419  O OE1 . GLU A 1 53  ? -5.519  18.140  -13.076 1.00 50.19 ? 53  GLU A OE1 1 
ATOM   420  O OE2 . GLU A 1 53  ? -5.035  20.016  -12.015 1.00 50.90 ? 53  GLU A OE2 1 
ATOM   421  N N   . VAL A 1 54  ? -2.495  14.173  -12.837 1.00 35.80 ? 54  VAL A N   1 
ATOM   422  C CA  . VAL A 1 54  ? -2.626  12.961  -13.624 1.00 35.40 ? 54  VAL A CA  1 
ATOM   423  C C   . VAL A 1 54  ? -4.110  12.544  -13.575 1.00 34.75 ? 54  VAL A C   1 
ATOM   424  O O   . VAL A 1 54  ? -4.706  12.501  -12.497 1.00 34.03 ? 54  VAL A O   1 
ATOM   425  C CB  . VAL A 1 54  ? -1.727  11.762  -13.055 1.00 34.48 ? 54  VAL A CB  1 
ATOM   426  C CG1 . VAL A 1 54  ? -1.851  10.543  -13.960 1.00 32.98 ? 54  VAL A CG1 1 
ATOM   427  C CG2 . VAL A 1 54  ? -0.250  12.178  -12.930 1.00 32.69 ? 54  VAL A CG2 1 
ATOM   428  N N   . GLY A 1 55  ? -4.703  12.248  -14.734 1.00 34.19 ? 55  GLY A N   1 
ATOM   429  C CA  . GLY A 1 55  ? -6.095  11.822  -14.763 1.00 33.52 ? 55  GLY A CA  1 
ATOM   430  C C   . GLY A 1 55  ? -6.216  10.368  -14.368 1.00 33.69 ? 55  GLY A C   1 
ATOM   431  O O   . GLY A 1 55  ? -5.350  9.547   -14.671 1.00 33.01 ? 55  GLY A O   1 
ATOM   432  N N   . VAL A 1 56  ? -7.308  10.046  -13.683 1.00 33.78 ? 56  VAL A N   1 
ATOM   433  C CA  . VAL A 1 56  ? -7.594  8.693   -13.226 1.00 34.38 ? 56  VAL A CA  1 
ATOM   434  C C   . VAL A 1 56  ? -8.679  8.167   -14.183 1.00 36.67 ? 56  VAL A C   1 
ATOM   435  O O   . VAL A 1 56  ? -9.796  8.699   -14.241 1.00 37.66 ? 56  VAL A O   1 
ATOM   436  C CB  . VAL A 1 56  ? -8.111  8.749   -11.727 1.00 33.45 ? 56  VAL A CB  1 
ATOM   437  C CG1 . VAL A 1 56  ? -8.627  7.402   -11.276 1.00 31.98 ? 56  VAL A CG1 1 
ATOM   438  C CG2 . VAL A 1 56  ? -6.979  9.265   -10.815 1.00 29.96 ? 56  VAL A CG2 1 
ATOM   439  N N   . LEU A 1 57  ? -8.335  7.159   -14.974 1.00 37.68 ? 57  LEU A N   1 
ATOM   440  C CA  . LEU A 1 57  ? -9.273  6.583   -15.940 1.00 38.65 ? 57  LEU A CA  1 
ATOM   441  C C   . LEU A 1 57  ? -10.196 5.595   -15.277 1.00 38.54 ? 57  LEU A C   1 
ATOM   442  O O   . LEU A 1 57  ? -11.339 5.454   -15.662 1.00 40.01 ? 57  LEU A O   1 
ATOM   443  C CB  . LEU A 1 57  ? -8.505  5.926   -17.102 1.00 39.46 ? 57  LEU A CB  1 
ATOM   444  C CG  . LEU A 1 57  ? -7.569  6.968   -17.726 1.00 40.56 ? 57  LEU A CG  1 
ATOM   445  C CD1 . LEU A 1 57  ? -6.601  6.350   -18.722 1.00 42.29 ? 57  LEU A CD1 1 
ATOM   446  C CD2 . LEU A 1 57  ? -8.436  8.003   -18.381 1.00 41.88 ? 57  LEU A CD2 1 
ATOM   447  N N   . ASP A 1 58  ? -9.714  4.919   -14.253 1.00 38.29 ? 58  ASP A N   1 
ATOM   448  C CA  . ASP A 1 58  ? -10.562 3.960   -13.561 1.00 38.05 ? 58  ASP A CA  1 
ATOM   449  C C   . ASP A 1 58  ? -10.086 3.763   -12.097 1.00 37.20 ? 58  ASP A C   1 
ATOM   450  O O   . ASP A 1 58  ? -8.926  3.951   -11.785 1.00 35.26 ? 58  ASP A O   1 
ATOM   451  C CB  . ASP A 1 58  ? -10.564 2.646   -14.347 1.00 41.16 ? 58  ASP A CB  1 
ATOM   452  C CG  . ASP A 1 58  ? -11.692 1.713   -13.933 1.00 41.50 ? 58  ASP A CG  1 
ATOM   453  O OD1 . ASP A 1 58  ? -12.683 2.196   -13.334 1.00 44.88 ? 58  ASP A OD1 1 
ATOM   454  O OD2 . ASP A 1 58  ? -11.596 0.501   -14.212 1.00 43.40 ? 58  ASP A OD2 1 
ATOM   455  N N   . ALA A 1 59  ? -11.000 3.428   -11.207 1.00 36.26 ? 59  ALA A N   1 
ATOM   456  C CA  . ALA A 1 59  ? -10.646 3.228   -9.803  1.00 37.14 ? 59  ALA A CA  1 
ATOM   457  C C   . ALA A 1 59  ? -11.582 2.183   -9.209  1.00 37.18 ? 59  ALA A C   1 
ATOM   458  O O   . ALA A 1 59  ? -12.797 2.367   -9.234  1.00 38.86 ? 59  ALA A O   1 
ATOM   459  C CB  . ALA A 1 59  ? -10.755 4.555   -9.007  1.00 35.88 ? 59  ALA A CB  1 
ATOM   460  N N   . LYS A 1 60  ? -11.020 1.105   -8.673  1.00 36.03 ? 60  LYS A N   1 
ATOM   461  C CA  . LYS A 1 60  ? -11.820 0.041   -8.104  1.00 35.94 ? 60  LYS A CA  1 
ATOM   462  C C   . LYS A 1 60  ? -11.587 -0.165  -6.615  1.00 35.98 ? 60  LYS A C   1 
ATOM   463  O O   . LYS A 1 60  ? -10.485 -0.485  -6.187  1.00 34.98 ? 60  LYS A O   1 
ATOM   464  C CB  . LYS A 1 60  ? -11.498 -1.237  -8.843  1.00 39.96 ? 60  LYS A CB  1 
ATOM   465  C CG  . LYS A 1 60  ? -11.393 -1.035  -10.344 1.00 42.91 ? 60  LYS A CG  1 
ATOM   466  C CD  . LYS A 1 60  ? -11.245 -2.358  -11.072 1.00 48.01 ? 60  LYS A CD  1 
ATOM   467  C CE  . LYS A 1 60  ? -9.861  -2.968  -10.847 1.00 51.64 ? 60  LYS A CE  1 
ATOM   468  N NZ  . LYS A 1 60  ? -9.779  -4.462  -11.092 1.00 54.60 ? 60  LYS A NZ  1 
ATOM   469  N N   . GLU A 1 61  ? -12.630 0.057   -5.828  1.00 35.21 ? 61  GLU A N   1 
ATOM   470  C CA  . GLU A 1 61  ? -12.580 -0.143  -4.398  1.00 35.55 ? 61  GLU A CA  1 
ATOM   471  C C   . GLU A 1 61  ? -12.770 -1.647  -4.138  1.00 35.97 ? 61  GLU A C   1 
ATOM   472  O O   . GLU A 1 61  ? -13.861 -2.197  -4.346  1.00 35.68 ? 61  GLU A O   1 
ATOM   473  C CB  . GLU A 1 61  ? -13.689 0.651   -3.765  1.00 37.36 ? 61  GLU A CB  1 
ATOM   474  C CG  . GLU A 1 61  ? -13.513 2.153   -3.946  1.00 40.17 ? 61  GLU A CG  1 
ATOM   475  C CD  . GLU A 1 61  ? -14.652 2.957   -3.317  1.00 44.36 ? 61  GLU A CD  1 
ATOM   476  O OE1 . GLU A 1 61  ? -15.623 3.313   -4.050  1.00 46.29 ? 61  GLU A OE1 1 
ATOM   477  O OE2 . GLU A 1 61  ? -14.570 3.217   -2.094  1.00 44.36 ? 61  GLU A OE2 1 
ATOM   478  N N   . LEU A 1 62  ? -11.721 -2.306  -3.645  1.00 33.41 ? 62  LEU A N   1 
ATOM   479  C CA  . LEU A 1 62  ? -11.763 -3.739  -3.435  1.00 31.61 ? 62  LEU A CA  1 
ATOM   480  C C   . LEU A 1 62  ? -12.538 -4.267  -2.225  1.00 30.18 ? 62  LEU A C   1 
ATOM   481  O O   . LEU A 1 62  ? -12.390 -3.810  -1.081  1.00 30.04 ? 62  LEU A O   1 
ATOM   482  C CB  . LEU A 1 62  ? -10.328 -4.282  -3.426  1.00 31.78 ? 62  LEU A CB  1 
ATOM   483  C CG  . LEU A 1 62  ? -9.589  -4.720  -4.696  1.00 32.97 ? 62  LEU A CG  1 
ATOM   484  C CD1 . LEU A 1 62  ? -9.987  -4.014  -5.937  1.00 33.04 ? 62  LEU A CD1 1 
ATOM   485  C CD2 . LEU A 1 62  ? -8.086  -4.579  -4.411  1.00 32.34 ? 62  LEU A CD2 1 
ATOM   486  N N   . VAL A 1 63  ? -13.328 -5.291  -2.508  1.00 29.85 ? 63  VAL A N   1 
ATOM   487  C CA  . VAL A 1 63  ? -14.180 -5.944  -1.534  1.00 31.21 ? 63  VAL A CA  1 
ATOM   488  C C   . VAL A 1 63  ? -14.171 -7.466  -1.771  1.00 31.39 ? 63  VAL A C   1 
ATOM   489  O O   . VAL A 1 63  ? -13.968 -7.899  -2.898  1.00 32.14 ? 63  VAL A O   1 
ATOM   490  C CB  . VAL A 1 63  ? -15.579 -5.350  -1.705  1.00 32.83 ? 63  VAL A CB  1 
ATOM   491  C CG1 . VAL A 1 63  ? -16.582 -6.309  -1.276  1.00 36.88 ? 63  VAL A CG1 1 
ATOM   492  C CG2 . VAL A 1 63  ? -15.690 -4.067  -0.927  1.00 29.64 ? 63  VAL A CG2 1 
ATOM   493  N N   . ASP A 1 64  ? -14.358 -8.307  -0.742  1.00 32.85 ? 64  ASP A N   1 
ATOM   494  C CA  . ASP A 1 64  ? -14.341 -9.745  -1.028  1.00 34.15 ? 64  ASP A CA  1 
ATOM   495  C C   . ASP A 1 64  ? -15.674 -10.270 -1.548  1.00 36.50 ? 64  ASP A C   1 
ATOM   496  O O   . ASP A 1 64  ? -16.606 -9.490  -1.777  1.00 36.54 ? 64  ASP A O   1 
ATOM   497  C CB  . ASP A 1 64  ? -13.834 -10.584 0.169   1.00 34.94 ? 64  ASP A CB  1 
ATOM   498  C CG  . ASP A 1 64  ? -14.813 -10.664 1.330   1.00 35.22 ? 64  ASP A CG  1 
ATOM   499  O OD1 . ASP A 1 64  ? -14.436 -11.294 2.340   1.00 37.69 ? 64  ASP A OD1 1 
ATOM   500  O OD2 . ASP A 1 64  ? -15.925 -10.128 1.259   1.00 35.38 ? 64  ASP A OD2 1 
ATOM   501  N N   . LYS A 1 65  ? -15.740 -11.585 -1.770  1.00 38.89 ? 65  LYS A N   1 
ATOM   502  C CA  . LYS A 1 65  ? -16.936 -12.270 -2.300  1.00 40.38 ? 65  LYS A CA  1 
ATOM   503  C C   . LYS A 1 65  ? -18.214 -11.923 -1.550  1.00 39.96 ? 65  LYS A C   1 
ATOM   504  O O   . LYS A 1 65  ? -19.307 -11.975 -2.120  1.00 39.61 ? 65  LYS A O   1 
ATOM   505  C CB  . LYS A 1 65  ? -16.739 -13.787 -2.226  1.00 42.58 ? 65  LYS A CB  1 
ATOM   506  C CG  . LYS A 1 65  ? -16.890 -14.340 -0.794  1.00 44.94 ? 65  LYS A CG  1 
ATOM   507  C CD  . LYS A 1 65  ? -16.746 -15.836 -0.766  1.00 47.01 ? 65  LYS A CD  1 
ATOM   508  C CE  . LYS A 1 65  ? -15.320 -16.229 -1.126  1.00 48.99 ? 65  LYS A CE  1 
ATOM   509  N NZ  . LYS A 1 65  ? -15.153 -17.694 -1.072  1.00 50.18 ? 65  LYS A NZ  1 
ATOM   510  N N   . ASP A 1 66  ? -18.074 -11.593 -0.269  1.00 39.00 ? 66  ASP A N   1 
ATOM   511  C CA  . ASP A 1 66  ? -19.213 -11.238 0.541   1.00 39.47 ? 66  ASP A CA  1 
ATOM   512  C C   . ASP A 1 66  ? -19.363 -9.756  0.805   1.00 39.07 ? 66  ASP A C   1 
ATOM   513  O O   . ASP A 1 66  ? -20.019 -9.376  1.775   1.00 37.91 ? 66  ASP A O   1 
ATOM   514  C CB  . ASP A 1 66  ? -19.169 -12.001 1.847   1.00 40.26 ? 66  ASP A CB  1 
ATOM   515  C CG  . ASP A 1 66  ? -19.742 -13.378 1.699   1.00 41.67 ? 66  ASP A CG  1 
ATOM   516  O OD1 . ASP A 1 66  ? -20.875 -13.476 1.167   1.00 44.24 ? 66  ASP A OD1 1 
ATOM   517  O OD2 . ASP A 1 66  ? -19.082 -14.356 2.099   1.00 41.41 ? 66  ASP A OD2 1 
ATOM   518  N N   . GLY A 1 67  ? -18.732 -8.939  -0.058  1.00 38.62 ? 67  GLY A N   1 
ATOM   519  C CA  . GLY A 1 67  ? -18.779 -7.489  0.045   1.00 36.85 ? 67  GLY A CA  1 
ATOM   520  C C   . GLY A 1 67  ? -17.985 -6.850  1.183   1.00 37.09 ? 67  GLY A C   1 
ATOM   521  O O   . GLY A 1 67  ? -18.102 -5.651  1.425   1.00 38.82 ? 67  GLY A O   1 
ATOM   522  N N   . THR A 1 68  ? -17.183 -7.625  1.891   1.00 35.26 ? 68  THR A N   1 
ATOM   523  C CA  . THR A 1 68  ? -16.449 -7.079  3.004   1.00 33.31 ? 68  THR A CA  1 
ATOM   524  C C   . THR A 1 68  ? -15.295 -6.235  2.520   1.00 32.61 ? 68  THR A C   1 
ATOM   525  O O   . THR A 1 68  ? -14.564 -6.654  1.653   1.00 33.01 ? 68  THR A O   1 
ATOM   526  C CB  . THR A 1 68  ? -15.914 -8.195  3.872   1.00 34.47 ? 68  THR A CB  1 
ATOM   527  O OG1 . THR A 1 68  ? -16.980 -9.124  4.145   1.00 33.99 ? 68  THR A OG1 1 
ATOM   528  C CG2 . THR A 1 68  ? -15.316 -7.630  5.160   1.00 33.33 ? 68  THR A CG2 1 
ATOM   529  N N   . ASN A 1 69  ? -15.157 -5.048  3.099   1.00 32.38 ? 69  ASN A N   1 
ATOM   530  C CA  . ASN A 1 69  ? -14.085 -4.081  2.781   1.00 30.73 ? 69  ASN A CA  1 
ATOM   531  C C   . ASN A 1 69  ? -12.653 -4.670  2.862   1.00 28.59 ? 69  ASN A C   1 
ATOM   532  O O   . ASN A 1 69  ? -12.304 -5.412  3.792   1.00 29.53 ? 69  ASN A O   1 
ATOM   533  C CB  . ASN A 1 69  ? -14.185 -2.909  3.759   1.00 29.35 ? 69  ASN A CB  1 
ATOM   534  C CG  . ASN A 1 69  ? -13.062 -1.899  3.582   1.00 29.83 ? 69  ASN A CG  1 
ATOM   535  O OD1 . ASN A 1 69  ? -12.416 -1.485  4.567   1.00 29.10 ? 69  ASN A OD1 1 
ATOM   536  N ND2 . ASN A 1 69  ? -12.827 -1.492  2.340   1.00 22.78 ? 69  ASN A ND2 1 
ATOM   537  N N   . LEU A 1 70  ? -11.816 -4.336  1.888   1.00 28.76 ? 70  LEU A N   1 
ATOM   538  C CA  . LEU A 1 70  ? -10.429 -4.790  1.925   1.00 25.72 ? 70  LEU A CA  1 
ATOM   539  C C   . LEU A 1 70  ? -9.489  -3.609  2.039   1.00 24.88 ? 70  LEU A C   1 
ATOM   540  O O   . LEU A 1 70  ? -8.261  -3.794  2.096   1.00 25.74 ? 70  LEU A O   1 
ATOM   541  C CB  . LEU A 1 70  ? -10.082 -5.636  0.686   1.00 25.38 ? 70  LEU A CB  1 
ATOM   542  C CG  . LEU A 1 70  ? -10.865 -6.943  0.566   1.00 25.76 ? 70  LEU A CG  1 
ATOM   543  C CD1 . LEU A 1 70  ? -10.653 -7.546  -0.802  1.00 24.40 ? 70  LEU A CD1 1 
ATOM   544  C CD2 . LEU A 1 70  ? -10.372 -7.913  1.615   1.00 26.14 ? 70  LEU A CD2 1 
ATOM   545  N N   . GLU A 1 71  ? -10.072 -2.406  2.089   1.00 23.46 ? 71  GLU A N   1 
ATOM   546  C CA  . GLU A 1 71  ? -9.368  -1.145  2.271   1.00 24.00 ? 71  GLU A CA  1 
ATOM   547  C C   . GLU A 1 71  ? -8.319  -0.772  1.228   1.00 24.92 ? 71  GLU A C   1 
ATOM   548  O O   . GLU A 1 71  ? -7.366  -0.074  1.521   1.00 23.84 ? 71  GLU A O   1 
ATOM   549  C CB  . GLU A 1 71  ? -8.749  -1.072  3.694   1.00 25.69 ? 71  GLU A CB  1 
ATOM   550  C CG  . GLU A 1 71  ? -8.429  0.352   4.126   1.00 29.32 ? 71  GLU A CG  1 
ATOM   551  C CD  . GLU A 1 71  ? -9.694  1.229   4.207   1.00 33.11 ? 71  GLU A CD  1 
ATOM   552  O OE1 . GLU A 1 71  ? -10.800 0.674   4.488   1.00 32.76 ? 71  GLU A OE1 1 
ATOM   553  O OE2 . GLU A 1 71  ? -9.574  2.461   3.992   1.00 34.99 ? 71  GLU A OE2 1 
ATOM   554  N N   . LEU A 1 72  ? -8.521  -1.188  -0.015  1.00 24.76 ? 72  LEU A N   1 
ATOM   555  C CA  . LEU A 1 72  ? -7.587  -0.827  -1.059  1.00 23.55 ? 72  LEU A CA  1 
ATOM   556  C C   . LEU A 1 72  ? -8.419  -0.346  -2.252  1.00 23.89 ? 72  LEU A C   1 
ATOM   557  O O   . LEU A 1 72  ? -9.534  -0.831  -2.479  1.00 22.77 ? 72  LEU A O   1 
ATOM   558  C CB  . LEU A 1 72  ? -6.771  -2.053  -1.555  1.00 23.65 ? 72  LEU A CB  1 
ATOM   559  C CG  . LEU A 1 72  ? -5.775  -2.733  -0.595  1.00 24.79 ? 72  LEU A CG  1 
ATOM   560  C CD1 . LEU A 1 72  ? -5.331  -4.102  -1.197  1.00 25.61 ? 72  LEU A CD1 1 
ATOM   561  C CD2 . LEU A 1 72  ? -4.567  -1.834  -0.385  1.00 25.62 ? 72  LEU A CD2 1 
ATOM   562  N N   . THR A 1 73  ? -7.832  0.583   -3.005  1.00 24.06 ? 73  THR A N   1 
ATOM   563  C CA  . THR A 1 73  ? -8.420  1.095   -4.234  1.00 26.30 ? 73  THR A CA  1 
ATOM   564  C C   . THR A 1 73  ? -7.361  0.977   -5.302  1.00 26.70 ? 73  THR A C   1 
ATOM   565  O O   . THR A 1 73  ? -6.217  1.410   -5.124  1.00 27.09 ? 73  THR A O   1 
ATOM   566  C CB  . THR A 1 73  ? -8.847  2.568   -4.072  1.00 25.92 ? 73  THR A CB  1 
ATOM   567  O OG1 . THR A 1 73  ? -9.923  2.616   -3.127  1.00 26.31 ? 73  THR A OG1 1 
ATOM   568  C CG2 . THR A 1 73  ? -9.303  3.164   -5.405  1.00 26.28 ? 73  THR A CG2 1 
ATOM   569  N N   . LEU A 1 74  ? -7.737  0.346   -6.405  1.00 27.31 ? 74  LEU A N   1 
ATOM   570  C CA  . LEU A 1 74  ? -6.844  0.181   -7.536  1.00 28.89 ? 74  LEU A CA  1 
ATOM   571  C C   . LEU A 1 74  ? -7.145  1.292   -8.550  1.00 29.31 ? 74  LEU A C   1 
ATOM   572  O O   . LEU A 1 74  ? -8.298  1.597   -8.800  1.00 31.11 ? 74  LEU A O   1 
ATOM   573  C CB  . LEU A 1 74  ? -7.062  -1.223  -8.135  1.00 30.08 ? 74  LEU A CB  1 
ATOM   574  C CG  . LEU A 1 74  ? -6.277  -2.427  -7.566  1.00 31.77 ? 74  LEU A CG  1 
ATOM   575  C CD1 . LEU A 1 74  ? -6.076  -2.356  -6.101  1.00 30.93 ? 74  LEU A CD1 1 
ATOM   576  C CD2 . LEU A 1 74  ? -6.935  -3.723  -7.995  1.00 30.73 ? 74  LEU A CD2 1 
ATOM   577  N N   . LEU A 1 75  ? -6.126  1.963   -9.084  1.00 29.50 ? 75  LEU A N   1 
ATOM   578  C CA  . LEU A 1 75  ? -6.405  3.014   -10.068 1.00 30.20 ? 75  LEU A CA  1 
ATOM   579  C C   . LEU A 1 75  ? -5.552  2.919   -11.309 1.00 30.01 ? 75  LEU A C   1 
ATOM   580  O O   . LEU A 1 75  ? -4.408  2.496   -11.253 1.00 30.52 ? 75  LEU A O   1 
ATOM   581  C CB  . LEU A 1 75  ? -6.303  4.454   -9.518  1.00 31.01 ? 75  LEU A CB  1 
ATOM   582  C CG  . LEU A 1 75  ? -5.530  4.968   -8.319  1.00 31.58 ? 75  LEU A CG  1 
ATOM   583  C CD1 . LEU A 1 75  ? -4.296  4.171   -8.165  1.00 33.85 ? 75  LEU A CD1 1 
ATOM   584  C CD2 . LEU A 1 75  ? -5.203  6.441   -8.461  1.00 31.31 ? 75  LEU A CD2 1 
ATOM   585  N N   . LYS A 1 76  ? -6.156  3.284   -12.441 1.00 30.13 ? 76  LYS A N   1 
ATOM   586  C CA  . LYS A 1 76  ? -5.473  3.243   -13.719 1.00 31.45 ? 76  LYS A CA  1 
ATOM   587  C C   . LYS A 1 76  ? -5.212  4.692   -14.061 1.00 31.44 ? 76  LYS A C   1 
ATOM   588  O O   . LYS A 1 76  ? -6.134  5.519   -14.103 1.00 31.86 ? 76  LYS A O   1 
ATOM   589  C CB  . LYS A 1 76  ? -6.343  2.572   -14.790 1.00 34.19 ? 76  LYS A CB  1 
ATOM   590  C CG  . LYS A 1 76  ? -5.592  2.388   -16.141 1.00 38.68 ? 76  LYS A CG  1 
ATOM   591  C CD  . LYS A 1 76  ? -6.361  1.519   -17.154 1.00 41.15 ? 76  LYS A CD  1 
ATOM   592  C CE  . LYS A 1 76  ? -5.475  1.099   -18.349 1.00 43.95 ? 76  LYS A CE  1 
ATOM   593  N NZ  . LYS A 1 76  ? -4.194  0.361   -17.980 1.00 46.67 ? 76  LYS A NZ  1 
ATOM   594  N N   . LEU A 1 77  ? -3.952  4.999   -14.290 1.00 32.34 ? 77  LEU A N   1 
ATOM   595  C CA  . LEU A 1 77  ? -3.547  6.358   -14.550 1.00 35.02 ? 77  LEU A CA  1 
ATOM   596  C C   . LEU A 1 77  ? -3.477  6.692   -16.022 1.00 36.79 ? 77  LEU A C   1 
ATOM   597  O O   . LEU A 1 77  ? -3.069  5.858   -16.851 1.00 37.78 ? 77  LEU A O   1 
ATOM   598  C CB  . LEU A 1 77  ? -2.186  6.631   -13.897 1.00 33.88 ? 77  LEU A CB  1 
ATOM   599  C CG  . LEU A 1 77  ? -2.178  6.345   -12.377 1.00 34.95 ? 77  LEU A CG  1 
ATOM   600  C CD1 . LEU A 1 77  ? -0.751  6.449   -11.858 1.00 33.67 ? 77  LEU A CD1 1 
ATOM   601  C CD2 . LEU A 1 77  ? -3.134  7.328   -11.630 1.00 34.77 ? 77  LEU A CD2 1 
ATOM   602  N N   . ASN A 1 78  ? -3.852  7.928   -16.332 1.00 37.34 ? 78  ASN A N   1 
ATOM   603  C CA  . ASN A 1 78  ? -3.800  8.383   -17.709 1.00 38.27 ? 78  ASN A CA  1 
ATOM   604  C C   . ASN A 1 78  ? -2.403  8.911   -17.947 1.00 37.88 ? 78  ASN A C   1 
ATOM   605  O O   . ASN A 1 78  ? -2.173  10.107  -17.840 1.00 38.78 ? 78  ASN A O   1 
ATOM   606  C CB  . ASN A 1 78  ? -4.827  9.491   -17.945 1.00 40.39 ? 78  ASN A CB  1 
ATOM   607  C CG  . ASN A 1 78  ? -5.095  9.720   -19.445 1.00 44.20 ? 78  ASN A CG  1 
ATOM   608  O OD1 . ASN A 1 78  ? -4.167  9.702   -20.260 1.00 44.75 ? 78  ASN A OD1 1 
ATOM   609  N ND2 . ASN A 1 78  ? -6.356  9.930   -19.800 1.00 46.28 ? 78  ASN A ND2 1 
ATOM   610  N N   . ARG A 1 79  ? -1.457  8.021   -18.241 1.00 37.99 ? 79  ARG A N   1 
ATOM   611  C CA  . ARG A 1 79  ? -0.083  8.449   -18.497 1.00 38.93 ? 79  ARG A CA  1 
ATOM   612  C C   . ARG A 1 79  ? 0.585   7.469   -19.436 1.00 38.68 ? 79  ARG A C   1 
ATOM   613  O O   . ARG A 1 79  ? 0.189   6.299   -19.533 1.00 38.87 ? 79  ARG A O   1 
ATOM   614  C CB  . ARG A 1 79  ? 0.743   8.606   -17.193 1.00 39.55 ? 79  ARG A CB  1 
ATOM   615  C CG  . ARG A 1 79  ? 1.351   7.331   -16.622 1.00 40.42 ? 79  ARG A CG  1 
ATOM   616  C CD  . ARG A 1 79  ? 1.692   7.474   -15.105 1.00 37.13 ? 79  ARG A CD  1 
ATOM   617  N NE  . ARG A 1 79  ? 3.006   8.051   -14.846 1.00 36.26 ? 79  ARG A NE  1 
ATOM   618  C CZ  . ARG A 1 79  ? 4.078   7.345   -14.494 1.00 33.72 ? 79  ARG A CZ  1 
ATOM   619  N NH1 . ARG A 1 79  ? 3.979   6.030   -14.360 1.00 35.25 ? 79  ARG A NH1 1 
ATOM   620  N NH2 . ARG A 1 79  ? 5.247   7.949   -14.260 1.00 35.97 ? 79  ARG A NH2 1 
ATOM   621  N N   . ASN A 1 80  ? 1.593   7.960   -20.143 1.00 38.74 ? 80  ASN A N   1 
ATOM   622  C CA  . ASN A 1 80  ? 2.276   7.136   -21.110 1.00 40.06 ? 80  ASN A CA  1 
ATOM   623  C C   . ASN A 1 80  ? 3.300   6.177   -20.527 1.00 39.68 ? 80  ASN A C   1 
ATOM   624  O O   . ASN A 1 80  ? 3.361   5.027   -20.937 1.00 40.52 ? 80  ASN A O   1 
ATOM   625  C CB  . ASN A 1 80  ? 2.889   8.035   -22.185 1.00 41.50 ? 80  ASN A CB  1 
ATOM   626  C CG  . ASN A 1 80  ? 1.816   8.748   -23.002 1.00 44.05 ? 80  ASN A CG  1 
ATOM   627  O OD1 . ASN A 1 80  ? 0.826   8.127   -23.401 1.00 44.94 ? 80  ASN A OD1 1 
ATOM   628  N ND2 . ASN A 1 80  ? 1.997   10.052  -23.249 1.00 44.53 ? 80  ASN A ND2 1 
ATOM   629  N N   . GLU A 1 81  ? 4.101   6.634   -19.576 1.00 38.58 ? 81  GLU A N   1 
ATOM   630  C CA  . GLU A 1 81  ? 5.091   5.745   -18.975 1.00 39.65 ? 81  GLU A CA  1 
ATOM   631  C C   . GLU A 1 81  ? 4.357   4.602   -18.290 1.00 38.10 ? 81  GLU A C   1 
ATOM   632  O O   . GLU A 1 81  ? 3.257   4.798   -17.765 1.00 36.70 ? 81  GLU A O   1 
ATOM   633  C CB  . GLU A 1 81  ? 5.961   6.490   -17.941 1.00 42.07 ? 81  GLU A CB  1 
ATOM   634  C CG  . GLU A 1 81  ? 7.000   5.589   -17.249 1.00 46.19 ? 81  GLU A CG  1 
ATOM   635  C CD  . GLU A 1 81  ? 8.153   6.362   -16.593 1.00 50.83 ? 81  GLU A CD  1 
ATOM   636  O OE1 . GLU A 1 81  ? 7.918   7.440   -15.975 1.00 51.90 ? 81  GLU A OE1 1 
ATOM   637  O OE2 . GLU A 1 81  ? 9.309   5.871   -16.689 1.00 53.34 ? 81  GLU A OE2 1 
ATOM   638  N N   . LYS A 1 82  ? 4.964   3.417   -18.322 1.00 37.43 ? 82  LYS A N   1 
ATOM   639  C CA  . LYS A 1 82  ? 4.394   2.220   -17.710 1.00 37.47 ? 82  LYS A CA  1 
ATOM   640  C C   . LYS A 1 82  ? 5.192   1.878   -16.466 1.00 34.48 ? 82  LYS A C   1 
ATOM   641  O O   . LYS A 1 82  ? 6.396   2.092   -16.445 1.00 35.16 ? 82  LYS A O   1 
ATOM   642  C CB  . LYS A 1 82  ? 4.487   1.028   -18.643 1.00 39.41 ? 82  LYS A CB  1 
ATOM   643  C CG  . LYS A 1 82  ? 3.605   1.134   -19.822 1.00 43.45 ? 82  LYS A CG  1 
ATOM   644  C CD  . LYS A 1 82  ? 3.666   -0.137  -20.661 1.00 47.27 ? 82  LYS A CD  1 
ATOM   645  C CE  . LYS A 1 82  ? 2.872   0.060   -21.976 1.00 47.66 ? 82  LYS A CE  1 
ATOM   646  N NZ  . LYS A 1 82  ? 2.368   -1.229  -22.570 1.00 48.91 ? 82  LYS A NZ  1 
ATOM   647  N N   . PHE A 1 83  ? 4.527   1.340   -15.450 1.00 31.54 ? 83  PHE A N   1 
ATOM   648  C CA  . PHE A 1 83  ? 5.234   0.953   -14.220 1.00 30.26 ? 83  PHE A CA  1 
ATOM   649  C C   . PHE A 1 83  ? 6.004   -0.327  -14.475 1.00 30.16 ? 83  PHE A C   1 
ATOM   650  O O   . PHE A 1 83  ? 5.548   -1.204  -15.219 1.00 31.93 ? 83  PHE A O   1 
ATOM   651  C CB  . PHE A 1 83  ? 4.246   0.658   -13.086 1.00 27.90 ? 83  PHE A CB  1 
ATOM   652  C CG  . PHE A 1 83  ? 3.483   1.862   -12.601 1.00 26.13 ? 83  PHE A CG  1 
ATOM   653  C CD1 . PHE A 1 83  ? 4.159   2.959   -12.081 1.00 24.42 ? 83  PHE A CD1 1 
ATOM   654  C CD2 . PHE A 1 83  ? 2.094   1.883   -12.651 1.00 25.64 ? 83  PHE A CD2 1 
ATOM   655  C CE1 . PHE A 1 83  ? 3.469   4.042   -11.623 1.00 25.21 ? 83  PHE A CE1 1 
ATOM   656  C CE2 . PHE A 1 83  ? 1.378   2.995   -12.176 1.00 23.94 ? 83  PHE A CE2 1 
ATOM   657  C CZ  . PHE A 1 83  ? 2.059   4.073   -11.662 1.00 26.11 ? 83  PHE A CZ  1 
ATOM   658  N N   . ARG A 1 84  ? 7.167   -0.460  -13.848 1.00 30.01 ? 84  ARG A N   1 
ATOM   659  C CA  . ARG A 1 84  ? 7.923   -1.688  -13.981 1.00 30.32 ? 84  ARG A CA  1 
ATOM   660  C C   . ARG A 1 84  ? 7.008   -2.750  -13.315 1.00 29.61 ? 84  ARG A C   1 
ATOM   661  O O   . ARG A 1 84  ? 6.517   -2.540  -12.209 1.00 30.77 ? 84  ARG A O   1 
ATOM   662  C CB  . ARG A 1 84  ? 9.256   -1.502  -13.268 1.00 31.46 ? 84  ARG A CB  1 
ATOM   663  C CG  . ARG A 1 84  ? 10.184  -2.690  -13.307 1.00 31.98 ? 84  ARG A CG  1 
ATOM   664  C CD  . ARG A 1 84  ? 10.069  -3.582  -12.058 1.00 35.04 ? 84  ARG A CD  1 
ATOM   665  N NE  . ARG A 1 84  ? 10.273  -2.883  -10.775 1.00 35.19 ? 84  ARG A NE  1 
ATOM   666  C CZ  . ARG A 1 84  ? 11.154  -3.244  -9.841  1.00 32.27 ? 84  ARG A CZ  1 
ATOM   667  N NH1 . ARG A 1 84  ? 11.954  -4.291  -10.038 1.00 34.01 ? 84  ARG A NH1 1 
ATOM   668  N NH2 . ARG A 1 84  ? 11.203  -2.609  -8.675  1.00 29.43 ? 84  ARG A NH2 1 
ATOM   669  N N   . ASP A 1 85  ? 6.752   -3.864  -13.997 1.00 28.84 ? 85  ASP A N   1 
ATOM   670  C CA  . ASP A 1 85  ? 5.866   -4.931  -13.502 1.00 27.75 ? 85  ASP A CA  1 
ATOM   671  C C   . ASP A 1 85  ? 6.376   -5.571  -12.215 1.00 27.58 ? 85  ASP A C   1 
ATOM   672  O O   . ASP A 1 85  ? 7.355   -6.289  -12.247 1.00 27.52 ? 85  ASP A O   1 
ATOM   673  C CB  . ASP A 1 85  ? 5.729   -6.040  -14.540 1.00 27.21 ? 85  ASP A CB  1 
ATOM   674  C CG  . ASP A 1 85  ? 4.623   -7.012  -14.208 1.00 30.03 ? 85  ASP A CG  1 
ATOM   675  O OD1 . ASP A 1 85  ? 4.137   -7.030  -13.054 1.00 26.10 ? 85  ASP A OD1 1 
ATOM   676  O OD2 . ASP A 1 85  ? 4.210   -7.782  -15.109 1.00 32.68 ? 85  ASP A OD2 1 
ATOM   677  N N   . ILE A 1 86  ? 5.719   -5.343  -11.080 1.00 28.50 ? 86  ILE A N   1 
ATOM   678  C CA  . ILE A 1 86  ? 6.201   -5.983  -9.856  1.00 26.34 ? 86  ILE A CA  1 
ATOM   679  C C   . ILE A 1 86  ? 5.221   -7.068  -9.352  1.00 26.73 ? 86  ILE A C   1 
ATOM   680  O O   . ILE A 1 86  ? 5.277   -7.517  -8.191  1.00 24.84 ? 86  ILE A O   1 
ATOM   681  C CB  . ILE A 1 86  ? 6.523   -4.938  -8.705  1.00 27.43 ? 86  ILE A CB  1 
ATOM   682  C CG1 . ILE A 1 86  ? 5.289   -4.108  -8.284  1.00 27.10 ? 86  ILE A CG1 1 
ATOM   683  C CG2 . ILE A 1 86  ? 7.641   -4.017  -9.158  1.00 28.48 ? 86  ILE A CG2 1 
ATOM   684  C CD1 . ILE A 1 86  ? 5.509   -3.286  -6.942  1.00 22.35 ? 86  ILE A CD1 1 
ATOM   685  N N   . ARG A 1 87  ? 4.341   -7.514  -10.232 1.00 24.91 ? 87  ARG A N   1 
ATOM   686  C CA  . ARG A 1 87  ? 3.393   -8.559  -9.838  1.00 25.52 ? 87  ARG A CA  1 
ATOM   687  C C   . ARG A 1 87  ? 4.080   -9.859  -9.323  1.00 26.56 ? 87  ARG A C   1 
ATOM   688  O O   . ARG A 1 87  ? 3.530   -10.554 -8.467  1.00 25.10 ? 87  ARG A O   1 
ATOM   689  C CB  . ARG A 1 87  ? 2.400   -8.846  -10.969 1.00 27.23 ? 87  ARG A CB  1 
ATOM   690  C CG  . ARG A 1 87  ? 1.329   -7.743  -11.178 1.00 28.83 ? 87  ARG A CG  1 
ATOM   691  C CD  . ARG A 1 87  ? 0.472   -8.041  -12.403 1.00 29.52 ? 87  ARG A CD  1 
ATOM   692  N NE  . ARG A 1 87  ? 1.322   -8.031  -13.579 1.00 30.85 ? 87  ARG A NE  1 
ATOM   693  C CZ  . ARG A 1 87  ? 0.896   -8.247  -14.820 1.00 33.59 ? 87  ARG A CZ  1 
ATOM   694  N NH1 . ARG A 1 87  ? -0.385  -8.504  -15.043 1.00 31.98 ? 87  ARG A NH1 1 
ATOM   695  N NH2 . ARG A 1 87  ? 1.761   -8.152  -15.830 1.00 34.29 ? 87  ARG A NH2 1 
ATOM   696  N N   . GLY A 1 88  ? 5.283   -10.174 -9.810  1.00 25.62 ? 88  GLY A N   1 
ATOM   697  C CA  . GLY A 1 88  ? 5.980   -11.363 -9.330  1.00 25.84 ? 88  GLY A CA  1 
ATOM   698  C C   . GLY A 1 88  ? 6.358   -11.265 -7.844  1.00 25.53 ? 88  GLY A C   1 
ATOM   699  O O   . GLY A 1 88  ? 6.662   -12.286 -7.196  1.00 24.95 ? 88  GLY A O   1 
ATOM   700  N N   . PHE A 1 89  ? 6.341   -10.038 -7.306  1.00 25.25 ? 89  PHE A N   1 
ATOM   701  C CA  . PHE A 1 89  ? 6.656   -9.817  -5.883  1.00 23.52 ? 89  PHE A CA  1 
ATOM   702  C C   . PHE A 1 89  ? 5.426   -9.900  -4.991  1.00 23.79 ? 89  PHE A C   1 
ATOM   703  O O   . PHE A 1 89  ? 5.546   -9.822  -3.739  1.00 23.20 ? 89  PHE A O   1 
ATOM   704  C CB  . PHE A 1 89  ? 7.321   -8.467  -5.676  1.00 24.51 ? 89  PHE A CB  1 
ATOM   705  C CG  . PHE A 1 89  ? 8.702   -8.354  -6.307  1.00 24.09 ? 89  PHE A CG  1 
ATOM   706  C CD1 . PHE A 1 89  ? 9.797   -9.013  -5.755  1.00 24.29 ? 89  PHE A CD1 1 
ATOM   707  C CD2 . PHE A 1 89  ? 8.888   -7.625  -7.498  1.00 26.00 ? 89  PHE A CD2 1 
ATOM   708  C CE1 . PHE A 1 89  ? 11.090  -8.964  -6.369  1.00 24.22 ? 89  PHE A CE1 1 
ATOM   709  C CE2 . PHE A 1 89  ? 10.163  -7.575  -8.115  1.00 24.42 ? 89  PHE A CE2 1 
ATOM   710  C CZ  . PHE A 1 89  ? 11.258  -8.239  -7.550  1.00 25.35 ? 89  PHE A CZ  1 
ATOM   711  N N   . LEU A 1 90  ? 4.256   -10.065 -5.604  1.00 20.69 ? 90  LEU A N   1 
ATOM   712  C CA  . LEU A 1 90  ? 3.005   -10.124 -4.859  1.00 23.33 ? 90  LEU A CA  1 
ATOM   713  C C   . LEU A 1 90  ? 2.620   -11.581 -4.613  1.00 24.11 ? 90  LEU A C   1 
ATOM   714  O O   . LEU A 1 90  ? 2.607   -12.386 -5.531  1.00 22.73 ? 90  LEU A O   1 
ATOM   715  C CB  . LEU A 1 90  ? 1.867   -9.417  -5.600  1.00 21.55 ? 90  LEU A CB  1 
ATOM   716  C CG  . LEU A 1 90  ? 2.057   -7.935  -5.932  1.00 23.11 ? 90  LEU A CG  1 
ATOM   717  C CD1 . LEU A 1 90  ? 0.756   -7.411  -6.623  1.00 23.38 ? 90  LEU A CD1 1 
ATOM   718  C CD2 . LEU A 1 90  ? 2.392   -7.109  -4.650  1.00 22.61 ? 90  LEU A CD2 1 
ATOM   719  N N   . ALA A 1 91  ? 2.328   -11.931 -3.362  1.00 23.04 ? 91  ALA A N   1 
ATOM   720  C CA  . ALA A 1 91  ? 1.951   -13.322 -3.087  1.00 24.43 ? 91  ALA A CA  1 
ATOM   721  C C   . ALA A 1 91  ? 0.510   -13.656 -3.467  1.00 25.80 ? 91  ALA A C   1 
ATOM   722  O O   . ALA A 1 91  ? -0.318  -12.774 -3.690  1.00 28.29 ? 91  ALA A O   1 
ATOM   723  C CB  . ALA A 1 91  ? 2.171   -13.633 -1.578  1.00 25.49 ? 91  ALA A CB  1 
ATOM   724  N N   . LYS A 1 92  ? 0.204   -14.951 -3.552  1.00 27.43 ? 92  LYS A N   1 
ATOM   725  C CA  . LYS A 1 92  ? -1.153  -15.414 -3.870  1.00 27.99 ? 92  LYS A CA  1 
ATOM   726  C C   . LYS A 1 92  ? -2.042  -15.381 -2.642  1.00 29.06 ? 92  LYS A C   1 
ATOM   727  O O   . LYS A 1 92  ? -3.276  -15.367 -2.751  1.00 28.72 ? 92  LYS A O   1 
ATOM   728  C CB  . LYS A 1 92  ? -1.119  -16.852 -4.413  1.00 31.66 ? 92  LYS A CB  1 
ATOM   729  C CG  . LYS A 1 92  ? -0.645  -16.943 -5.859  1.00 33.00 ? 92  LYS A CG  1 
ATOM   730  C CD  . LYS A 1 92  ? -0.546  -18.393 -6.295  1.00 36.11 ? 92  LYS A CD  1 
ATOM   731  C CE  . LYS A 1 92  ? -0.582  -18.539 -7.818  1.00 39.09 ? 92  LYS A CE  1 
ATOM   732  N NZ  . LYS A 1 92  ? 0.410   -17.680 -8.528  1.00 42.25 ? 92  LYS A NZ  1 
ATOM   733  N N   . GLU A 1 93  ? -1.419  -15.380 -1.475  1.00 28.98 ? 93  GLU A N   1 
ATOM   734  C CA  . GLU A 1 93  ? -2.162  -15.336 -0.232  1.00 30.49 ? 93  GLU A CA  1 
ATOM   735  C C   . GLU A 1 93  ? -1.354  -14.542 0.776   1.00 30.59 ? 93  GLU A C   1 
ATOM   736  O O   . GLU A 1 93  ? -0.177  -14.278 0.561   1.00 30.17 ? 93  GLU A O   1 
ATOM   737  C CB  . GLU A 1 93  ? -2.442  -16.747 0.302   1.00 32.88 ? 93  GLU A CB  1 
ATOM   738  C CG  . GLU A 1 93  ? -1.229  -17.505 0.814   1.00 37.47 ? 93  GLU A CG  1 
ATOM   739  C CD  . GLU A 1 93  ? -1.549  -18.969 1.180   1.00 41.58 ? 93  GLU A CD  1 
ATOM   740  O OE1 . GLU A 1 93  ? -2.375  -19.195 2.098   1.00 44.18 ? 93  GLU A OE1 1 
ATOM   741  O OE2 . GLU A 1 93  ? -0.988  -19.896 0.538   1.00 44.40 ? 93  GLU A OE2 1 
ATOM   742  N N   . GLU A 1 94  ? -2.014  -14.170 1.865   1.00 30.48 ? 94  GLU A N   1 
ATOM   743  C CA  . GLU A 1 94  ? -1.445  -13.367 2.928   1.00 30.54 ? 94  GLU A CA  1 
ATOM   744  C C   . GLU A 1 94  ? -0.112  -13.877 3.408   1.00 29.79 ? 94  GLU A C   1 
ATOM   745  O O   . GLU A 1 94  ? -0.019  -15.003 3.838   1.00 28.13 ? 94  GLU A O   1 
ATOM   746  C CB  . GLU A 1 94  ? -2.403  -13.294 4.135   1.00 31.63 ? 94  GLU A CB  1 
ATOM   747  C CG  . GLU A 1 94  ? -3.708  -12.563 3.868   1.00 33.40 ? 94  GLU A CG  1 
ATOM   748  C CD  . GLU A 1 94  ? -4.802  -13.434 3.242   1.00 34.14 ? 94  GLU A CD  1 
ATOM   749  O OE1 . GLU A 1 94  ? -5.985  -13.076 3.391   1.00 36.17 ? 94  GLU A OE1 1 
ATOM   750  O OE2 . GLU A 1 94  ? -4.514  -14.468 2.600   1.00 33.60 ? 94  GLU A OE2 1 
ATOM   751  N N   . VAL A 1 95  ? 0.906   -13.029 3.347   1.00 28.52 ? 95  VAL A N   1 
ATOM   752  C CA  . VAL A 1 95  ? 2.220   -13.456 3.798   1.00 29.98 ? 95  VAL A CA  1 
ATOM   753  C C   . VAL A 1 95  ? 2.537   -13.102 5.244   1.00 29.28 ? 95  VAL A C   1 
ATOM   754  O O   . VAL A 1 95  ? 2.151   -12.045 5.756   1.00 29.90 ? 95  VAL A O   1 
ATOM   755  C CB  . VAL A 1 95  ? 3.350   -12.847 2.954   1.00 29.73 ? 95  VAL A CB  1 
ATOM   756  C CG1 . VAL A 1 95  ? 3.203   -13.231 1.462   1.00 32.99 ? 95  VAL A CG1 1 
ATOM   757  C CG2 . VAL A 1 95  ? 3.301   -11.429 3.075   1.00 35.91 ? 95  VAL A CG2 1 
ATOM   758  N N   . GLU A 1 96  ? 3.279   -13.993 5.885   1.00 28.33 ? 96  GLU A N   1 
ATOM   759  C CA  . GLU A 1 96  ? 3.727   -13.788 7.257   1.00 28.84 ? 96  GLU A CA  1 
ATOM   760  C C   . GLU A 1 96  ? 5.247   -13.908 7.214   1.00 28.91 ? 96  GLU A C   1 
ATOM   761  O O   . GLU A 1 96  ? 5.768   -14.860 6.638   1.00 31.76 ? 96  GLU A O   1 
ATOM   762  C CB  . GLU A 1 96  ? 3.147   -14.860 8.138   1.00 29.87 ? 96  GLU A CB  1 
ATOM   763  C CG  . GLU A 1 96  ? 1.659   -14.684 8.341   1.00 33.82 ? 96  GLU A CG  1 
ATOM   764  C CD  . GLU A 1 96  ? 1.127   -15.617 9.398   1.00 35.90 ? 96  GLU A CD  1 
ATOM   765  O OE1 . GLU A 1 96  ? 1.403   -16.820 9.259   1.00 39.72 ? 96  GLU A OE1 1 
ATOM   766  O OE2 . GLU A 1 96  ? 0.455   -15.164 10.344  1.00 35.59 ? 96  GLU A OE2 1 
ATOM   767  N N   . VAL A 1 97  ? 5.956   -12.950 7.791   1.00 27.32 ? 97  VAL A N   1 
ATOM   768  C CA  . VAL A 1 97  ? 7.403   -12.973 7.789   1.00 27.65 ? 97  VAL A CA  1 
ATOM   769  C C   . VAL A 1 97  ? 7.903   -12.591 9.193   1.00 26.44 ? 97  VAL A C   1 
ATOM   770  O O   . VAL A 1 97  ? 7.158   -12.047 9.975   1.00 25.49 ? 97  VAL A O   1 
ATOM   771  C CB  . VAL A 1 97  ? 7.911   -11.957 6.791   1.00 28.57 ? 97  VAL A CB  1 
ATOM   772  C CG1 . VAL A 1 97  ? 7.582   -10.563 7.312   1.00 28.68 ? 97  VAL A CG1 1 
ATOM   773  C CG2 . VAL A 1 97  ? 9.363   -12.087 6.576   1.00 29.59 ? 97  VAL A CG2 1 
ATOM   774  N N   . ASN A 1 98  ? 9.152   -12.909 9.501   1.00 27.20 ? 98  ASN A N   1 
ATOM   775  C CA  . ASN A 1 98  ? 9.740   -12.576 10.809  1.00 29.54 ? 98  ASN A CA  1 
ATOM   776  C C   . ASN A 1 98  ? 10.357  -11.160 10.813  1.00 29.80 ? 98  ASN A C   1 
ATOM   777  O O   . ASN A 1 98  ? 10.487  -10.535 11.854  1.00 30.67 ? 98  ASN A O   1 
ATOM   778  C CB  . ASN A 1 98  ? 10.848  -13.584 11.161  1.00 31.40 ? 98  ASN A CB  1 
ATOM   779  C CG  . ASN A 1 98  ? 10.302  -14.958 11.466  1.00 34.41 ? 98  ASN A CG  1 
ATOM   780  O OD1 . ASN A 1 98  ? 10.855  -15.968 11.023  1.00 38.27 ? 98  ASN A OD1 1 
ATOM   781  N ND2 . ASN A 1 98  ? 9.204   -15.005 12.235  1.00 35.07 ? 98  ASN A ND2 1 
ATOM   782  N N   . GLU A 1 99  ? 10.769  -10.671 9.650   1.00 29.29 ? 99  GLU A N   1 
ATOM   783  C CA  . GLU A 1 99  ? 11.358  -9.331  9.587   1.00 30.67 ? 99  GLU A CA  1 
ATOM   784  C C   . GLU A 1 99  ? 10.802  -8.544  8.415   1.00 29.03 ? 99  GLU A C   1 
ATOM   785  O O   . GLU A 1 99  ? 11.063  -8.907  7.253   1.00 30.79 ? 99  GLU A O   1 
ATOM   786  C CB  . GLU A 1 99  ? 12.875  -9.414  9.428   1.00 32.72 ? 99  GLU A CB  1 
ATOM   787  C CG  . GLU A 1 99  ? 13.596  -9.901  10.704  1.00 38.10 ? 99  GLU A CG  1 
ATOM   788  C CD  . GLU A 1 99  ? 13.371  -8.971  11.893  1.00 41.55 ? 99  GLU A CD  1 
ATOM   789  O OE1 . GLU A 1 99  ? 13.119  -7.760  11.682  1.00 43.80 ? 99  GLU A OE1 1 
ATOM   790  O OE2 . GLU A 1 99  ? 13.465  -9.442  13.048  1.00 43.91 ? 99  GLU A OE2 1 
ATOM   791  N N   . ALA A 1 100 ? 10.040  -7.495  8.691   1.00 27.83 ? 100 ALA A N   1 
ATOM   792  C CA  . ALA A 1 100 ? 9.530   -6.684  7.584   1.00 27.50 ? 100 ALA A CA  1 
ATOM   793  C C   . ALA A 1 100 ? 9.917   -5.220  7.812   1.00 25.51 ? 100 ALA A C   1 
ATOM   794  O O   . ALA A 1 100 ? 10.225  -4.833  8.931   1.00 24.17 ? 100 ALA A O   1 
ATOM   795  C CB  . ALA A 1 100 ? 8.024   -6.807  7.483   1.00 25.91 ? 100 ALA A CB  1 
ATOM   796  N N   . VAL A 1 101 ? 9.910   -4.431  6.733   1.00 23.18 ? 101 VAL A N   1 
ATOM   797  C CA  . VAL A 1 101 ? 10.174  -2.995  6.799   1.00 20.70 ? 101 VAL A CA  1 
ATOM   798  C C   . VAL A 1 101 ? 8.957   -2.291  6.208   1.00 21.95 ? 101 VAL A C   1 
ATOM   799  O O   . VAL A 1 101 ? 8.357   -2.805  5.243   1.00 20.35 ? 101 VAL A O   1 
ATOM   800  C CB  . VAL A 1 101 ? 11.408  -2.616  5.977   1.00 22.77 ? 101 VAL A CB  1 
ATOM   801  C CG1 . VAL A 1 101 ? 11.517  -1.124  5.858   1.00 25.19 ? 101 VAL A CG1 1 
ATOM   802  C CG2 . VAL A 1 101 ? 12.692  -3.162  6.687   1.00 24.20 ? 101 VAL A CG2 1 
ATOM   803  N N   . LEU A 1 102 ? 8.544   -1.163  6.790   1.00 19.70 ? 102 LEU A N   1 
ATOM   804  C CA  . LEU A 1 102 ? 7.426   -0.376  6.204   1.00 20.48 ? 102 LEU A CA  1 
ATOM   805  C C   . LEU A 1 102 ? 8.085   0.855   5.607   1.00 20.95 ? 102 LEU A C   1 
ATOM   806  O O   . LEU A 1 102 ? 8.807   1.550   6.309   1.00 21.40 ? 102 LEU A O   1 
ATOM   807  C CB  . LEU A 1 102 ? 6.454   0.058   7.278   1.00 22.53 ? 102 LEU A CB  1 
ATOM   808  C CG  . LEU A 1 102 ? 5.255   0.853   6.745   1.00 23.20 ? 102 LEU A CG  1 
ATOM   809  C CD1 . LEU A 1 102 ? 4.405   -0.002  5.784   1.00 22.98 ? 102 LEU A CD1 1 
ATOM   810  C CD2 . LEU A 1 102 ? 4.457   1.372   7.944   1.00 22.89 ? 102 LEU A CD2 1 
ATOM   811  N N   . ALA A 1 103 ? 7.858   1.107   4.316   1.00 19.71 ? 103 ALA A N   1 
ATOM   812  C CA  . ALA A 1 103 ? 8.462   2.248   3.573   1.00 20.78 ? 103 ALA A CA  1 
ATOM   813  C C   . ALA A 1 103 ? 7.442   3.340   3.235   1.00 19.37 ? 103 ALA A C   1 
ATOM   814  O O   . ALA A 1 103 ? 6.416   3.033   2.676   1.00 19.03 ? 103 ALA A O   1 
ATOM   815  C CB  . ALA A 1 103 ? 9.103   1.724   2.260   1.00 19.10 ? 103 ALA A CB  1 
ATOM   816  N N   . ILE A 1 104 ? 7.758   4.596   3.564   1.00 20.26 ? 104 ILE A N   1 
ATOM   817  C CA  . ILE A 1 104 ? 6.858   5.745   3.351   1.00 20.68 ? 104 ILE A CA  1 
ATOM   818  C C   . ILE A 1 104 ? 7.544   6.783   2.515   1.00 22.91 ? 104 ILE A C   1 
ATOM   819  O O   . ILE A 1 104 ? 8.729   7.011   2.681   1.00 21.52 ? 104 ILE A O   1 
ATOM   820  C CB  . ILE A 1 104 ? 6.445   6.312   4.678   1.00 23.41 ? 104 ILE A CB  1 
ATOM   821  C CG1 . ILE A 1 104 ? 5.759   5.207   5.462   1.00 27.02 ? 104 ILE A CG1 1 
ATOM   822  C CG2 . ILE A 1 104 ? 5.389   7.410   4.519   1.00 24.85 ? 104 ILE A CG2 1 
ATOM   823  C CD1 . ILE A 1 104 ? 6.000   5.340   6.839   1.00 29.93 ? 104 ILE A CD1 1 
ATOM   824  N N   . ASN A 1 105 ? 6.818   7.400   1.578   1.00 23.64 ? 105 ASN A N   1 
ATOM   825  C CA  . ASN A 1 105 ? 7.443   8.387   0.703   1.00 25.25 ? 105 ASN A CA  1 
ATOM   826  C C   . ASN A 1 105 ? 6.482   9.526   0.400   1.00 25.34 ? 105 ASN A C   1 
ATOM   827  O O   . ASN A 1 105 ? 5.761   9.483   -0.610  1.00 25.44 ? 105 ASN A O   1 
ATOM   828  C CB  . ASN A 1 105 ? 7.867   7.720   -0.607  1.00 29.38 ? 105 ASN A CB  1 
ATOM   829  C CG  . ASN A 1 105 ? 8.658   8.654   -1.506  1.00 34.99 ? 105 ASN A CG  1 
ATOM   830  O OD1 . ASN A 1 105 ? 9.366   9.550   -1.022  1.00 38.17 ? 105 ASN A OD1 1 
ATOM   831  N ND2 . ASN A 1 105 ? 8.570   8.425   -2.831  1.00 35.91 ? 105 ASN A ND2 1 
ATOM   832  N N   . THR A 1 106 ? 6.444   10.506  1.291   1.00 25.56 ? 106 THR A N   1 
ATOM   833  C CA  . THR A 1 106 ? 5.579   11.684  1.109   1.00 25.93 ? 106 THR A CA  1 
ATOM   834  C C   . THR A 1 106 ? 6.350   12.940  1.553   1.00 28.62 ? 106 THR A C   1 
ATOM   835  O O   . THR A 1 106 ? 7.489   12.831  2.023   1.00 30.70 ? 106 THR A O   1 
ATOM   836  C CB  . THR A 1 106 ? 4.289   11.602  1.979   1.00 25.97 ? 106 THR A CB  1 
ATOM   837  O OG1 . THR A 1 106 ? 4.651   11.713  3.372   1.00 24.13 ? 106 THR A OG1 1 
ATOM   838  C CG2 . THR A 1 106 ? 3.503   10.302  1.707   1.00 22.54 ? 106 THR A CG2 1 
ATOM   839  N N   . SER A 1 107 ? 5.734   14.131  1.440   1.00 29.21 ? 107 SER A N   1 
ATOM   840  C CA  . SER A 1 107 ? 6.375   15.387  1.893   1.00 30.25 ? 107 SER A CA  1 
ATOM   841  C C   . SER A 1 107 ? 6.593   15.334  3.388   1.00 31.09 ? 107 SER A C   1 
ATOM   842  O O   . SER A 1 107 ? 7.584   15.837  3.883   1.00 32.11 ? 107 SER A O   1 
ATOM   843  C CB  . SER A 1 107 ? 5.490   16.601  1.645   1.00 31.41 ? 107 SER A CB  1 
ATOM   844  O OG  . SER A 1 107 ? 5.231   16.725  0.269   1.00 36.51 ? 107 SER A OG  1 
ATOM   845  N N   . LYS A 1 108 ? 5.649   14.745  4.119   1.00 29.87 ? 108 LYS A N   1 
ATOM   846  C CA  . LYS A 1 108 ? 5.789   14.633  5.573   1.00 30.26 ? 108 LYS A CA  1 
ATOM   847  C C   . LYS A 1 108 ? 6.859   13.604  6.006   1.00 30.06 ? 108 LYS A C   1 
ATOM   848  O O   . LYS A 1 108 ? 7.581   13.840  6.976   1.00 30.98 ? 108 LYS A O   1 
ATOM   849  C CB  . LYS A 1 108 ? 4.441   14.243  6.189   1.00 31.65 ? 108 LYS A CB  1 
ATOM   850  C CG  . LYS A 1 108 ? 4.334   14.533  7.656   1.00 35.03 ? 108 LYS A CG  1 
ATOM   851  C CD  . LYS A 1 108 ? 3.164   13.787  8.298   1.00 39.32 ? 108 LYS A CD  1 
ATOM   852  C CE  . LYS A 1 108 ? 3.167   14.002  9.806   1.00 42.98 ? 108 LYS A CE  1 
ATOM   853  N NZ  . LYS A 1 108 ? 2.366   12.996  10.640  1.00 44.45 ? 108 LYS A NZ  1 
ATOM   854  N N   . PHE A 1 109 ? 6.906   12.448  5.335   1.00 29.28 ? 109 PHE A N   1 
ATOM   855  C CA  . PHE A 1 109 ? 7.888   11.375  5.617   1.00 25.23 ? 109 PHE A CA  1 
ATOM   856  C C   . PHE A 1 109 ? 8.626   11.062  4.296   1.00 26.11 ? 109 PHE A C   1 
ATOM   857  O O   . PHE A 1 109 ? 8.311   10.073  3.597   1.00 23.52 ? 109 PHE A O   1 
ATOM   858  C CB  . PHE A 1 109 ? 7.193   10.103  6.108   1.00 26.66 ? 109 PHE A CB  1 
ATOM   859  C CG  . PHE A 1 109 ? 6.361   10.290  7.342   1.00 27.40 ? 109 PHE A CG  1 
ATOM   860  C CD1 . PHE A 1 109 ? 4.963   10.261  7.275   1.00 29.58 ? 109 PHE A CD1 1 
ATOM   861  C CD2 . PHE A 1 109 ? 6.958   10.458  8.595   1.00 28.50 ? 109 PHE A CD2 1 
ATOM   862  C CE1 . PHE A 1 109 ? 4.155   10.389  8.443   1.00 30.21 ? 109 PHE A CE1 1 
ATOM   863  C CE2 . PHE A 1 109 ? 6.181   10.587  9.759   1.00 27.78 ? 109 PHE A CE2 1 
ATOM   864  C CZ  . PHE A 1 109 ? 4.775   10.552  9.704   1.00 29.76 ? 109 PHE A CZ  1 
ATOM   865  N N   . PRO A 1 110 ? 9.641   11.870  3.962   1.00 24.72 ? 110 PRO A N   1 
ATOM   866  C CA  . PRO A 1 110 ? 10.404  11.674  2.725   1.00 27.10 ? 110 PRO A CA  1 
ATOM   867  C C   . PRO A 1 110 ? 11.377  10.470  2.807   1.00 26.81 ? 110 PRO A C   1 
ATOM   868  O O   . PRO A 1 110 ? 12.332  10.498  3.586   1.00 29.57 ? 110 PRO A O   1 
ATOM   869  C CB  . PRO A 1 110 ? 11.168  13.008  2.547   1.00 27.08 ? 110 PRO A CB  1 
ATOM   870  C CG  . PRO A 1 110 ? 10.643  13.972  3.620   1.00 28.45 ? 110 PRO A CG  1 
ATOM   871  C CD  . PRO A 1 110 ? 10.133  13.039  4.727   1.00 28.24 ? 110 PRO A CD  1 
ATOM   872  N N   . ASN A 1 111 ? 11.136  9.463   1.984   1.00 25.86 ? 111 ASN A N   1 
ATOM   873  C CA  . ASN A 1 111 ? 11.903  8.227   1.939   1.00 26.64 ? 111 ASN A CA  1 
ATOM   874  C C   . ASN A 1 111 ? 12.349  7.719   3.332   1.00 25.05 ? 111 ASN A C   1 
ATOM   875  O O   . ASN A 1 111 ? 13.529  7.611   3.631   1.00 23.35 ? 111 ASN A O   1 
ATOM   876  C CB  . ASN A 1 111 ? 13.095  8.363   0.972   1.00 31.54 ? 111 ASN A CB  1 
ATOM   877  C CG  . ASN A 1 111 ? 13.345  7.076   0.216   1.00 34.54 ? 111 ASN A CG  1 
ATOM   878  O OD1 . ASN A 1 111 ? 12.378  6.429   -0.229  1.00 39.52 ? 111 ASN A OD1 1 
ATOM   879  N ND2 . ASN A 1 111 ? 14.613  6.684   0.054   1.00 35.17 ? 111 ASN A ND2 1 
ATOM   880  N N   . MET A 1 112 ? 11.364  7.416   4.175   1.00 23.54 ? 112 MET A N   1 
ATOM   881  C CA  . MET A 1 112 ? 11.638  6.929   5.523   1.00 23.59 ? 112 MET A CA  1 
ATOM   882  C C   . MET A 1 112 ? 11.249  5.489   5.632   1.00 22.18 ? 112 MET A C   1 
ATOM   883  O O   . MET A 1 112 ? 10.328  5.055   4.949   1.00 25.61 ? 112 MET A O   1 
ATOM   884  C CB  . MET A 1 112 ? 10.909  7.780   6.533   1.00 22.66 ? 112 MET A CB  1 
ATOM   885  C CG  . MET A 1 112 ? 11.423  9.201   6.422   1.00 28.59 ? 112 MET A CG  1 
ATOM   886  S SD  . MET A 1 112 ? 10.819  10.261  7.662   1.00 32.63 ? 112 MET A SD  1 
ATOM   887  C CE  . MET A 1 112 ? 11.561  11.698  7.212   1.00 38.10 ? 112 MET A CE  1 
ATOM   888  N N   . TYR A 1 113 ? 11.945  4.736   6.491   1.00 20.26 ? 113 TYR A N   1 
ATOM   889  C CA  . TYR A 1 113 ? 11.708  3.317   6.610   1.00 19.19 ? 113 TYR A CA  1 
ATOM   890  C C   . TYR A 1 113 ? 11.618  2.942   8.074   1.00 20.47 ? 113 TYR A C   1 
ATOM   891  O O   . TYR A 1 113 ? 12.342  3.485   8.874   1.00 18.85 ? 113 TYR A O   1 
ATOM   892  C CB  . TYR A 1 113 ? 12.847  2.531   5.969   1.00 19.00 ? 113 TYR A CB  1 
ATOM   893  C CG  . TYR A 1 113 ? 12.996  2.833   4.480   1.00 19.90 ? 113 TYR A CG  1 
ATOM   894  C CD1 . TYR A 1 113 ? 13.585  4.022   4.038   1.00 20.32 ? 113 TYR A CD1 1 
ATOM   895  C CD2 . TYR A 1 113 ? 12.484  1.961   3.536   1.00 19.64 ? 113 TYR A CD2 1 
ATOM   896  C CE1 . TYR A 1 113 ? 13.650  4.314   2.646   1.00 21.55 ? 113 TYR A CE1 1 
ATOM   897  C CE2 . TYR A 1 113 ? 12.540  2.268   2.154   1.00 21.28 ? 113 TYR A CE2 1 
ATOM   898  C CZ  . TYR A 1 113 ? 13.120  3.436   1.742   1.00 20.28 ? 113 TYR A CZ  1 
ATOM   899  O OH  . TYR A 1 113 ? 13.110  3.727   0.390   1.00 22.25 ? 113 TYR A OH  1 
ATOM   900  N N   . ILE A 1 114 ? 10.737  1.998   8.381   1.00 19.87 ? 114 ILE A N   1 
ATOM   901  C CA  . ILE A 1 114 ? 10.514  1.583   9.753   1.00 21.02 ? 114 ILE A CA  1 
ATOM   902  C C   . ILE A 1 114 ? 10.684  0.064   9.928   1.00 22.30 ? 114 ILE A C   1 
ATOM   903  O O   . ILE A 1 114 ? 10.053  -0.741  9.239   1.00 19.43 ? 114 ILE A O   1 
ATOM   904  C CB  . ILE A 1 114 ? 9.079   1.920   10.135  1.00 22.67 ? 114 ILE A CB  1 
ATOM   905  C CG1 . ILE A 1 114 ? 8.817   3.424   9.995   1.00 24.50 ? 114 ILE A CG1 1 
ATOM   906  C CG2 . ILE A 1 114 ? 8.818   1.496   11.554  1.00 25.02 ? 114 ILE A CG2 1 
ATOM   907  C CD1 . ILE A 1 114 ? 7.312   3.789   10.059  1.00 26.32 ? 114 ILE A CD1 1 
ATOM   908  N N   . PRO A 1 115 ? 11.515  -0.350  10.891  1.00 22.76 ? 115 PRO A N   1 
ATOM   909  C CA  . PRO A 1 115 ? 11.635  -1.792  11.028  1.00 25.22 ? 115 PRO A CA  1 
ATOM   910  C C   . PRO A 1 115 ? 10.446  -2.215  11.887  1.00 26.82 ? 115 PRO A C   1 
ATOM   911  O O   . PRO A 1 115 ? 10.410  -1.919  13.069  1.00 29.03 ? 115 PRO A O   1 
ATOM   912  C CB  . PRO A 1 115 ? 13.007  -1.966  11.721  1.00 24.98 ? 115 PRO A CB  1 
ATOM   913  C CG  . PRO A 1 115 ? 13.123  -0.719  12.561  1.00 24.32 ? 115 PRO A CG  1 
ATOM   914  C CD  . PRO A 1 115 ? 12.505  0.387   11.707  1.00 22.86 ? 115 PRO A CD  1 
ATOM   915  N N   . VAL A 1 116 ? 9.452   -2.860  11.292  1.00 28.37 ? 116 VAL A N   1 
ATOM   916  C CA  . VAL A 1 116 ? 8.289   -3.280  12.067  1.00 28.22 ? 116 VAL A CA  1 
ATOM   917  C C   . VAL A 1 116 ? 8.387   -4.720  12.608  1.00 30.06 ? 116 VAL A C   1 
ATOM   918  O O   . VAL A 1 116 ? 7.497   -5.157  13.349  1.00 31.11 ? 116 VAL A O   1 
ATOM   919  C CB  . VAL A 1 116 ? 6.953   -3.131  11.263  1.00 27.20 ? 116 VAL A CB  1 
ATOM   920  C CG1 . VAL A 1 116 ? 6.791   -1.702  10.771  1.00 27.56 ? 116 VAL A CG1 1 
ATOM   921  C CG2 . VAL A 1 116 ? 6.888   -4.135  10.139  1.00 26.48 ? 116 VAL A CG2 1 
ATOM   922  N N   . GLY A 1 117 ? 9.443   -5.453  12.246  1.00 31.17 ? 117 GLY A N   1 
ATOM   923  C CA  . GLY A 1 117 ? 9.598   -6.827  12.724  1.00 31.94 ? 117 GLY A CA  1 
ATOM   924  C C   . GLY A 1 117 ? 8.647   -7.874  12.112  1.00 31.28 ? 117 GLY A C   1 
ATOM   925  O O   . GLY A 1 117 ? 8.411   -7.894  10.887  1.00 30.36 ? 117 GLY A O   1 
ATOM   926  N N   . GLN A 1 118 ? 8.079   -8.706  12.983  1.00 30.40 ? 118 GLN A N   1 
ATOM   927  C CA  . GLN A 1 118 ? 7.158   -9.792  12.629  1.00 31.23 ? 118 GLN A CA  1 
ATOM   928  C C   . GLN A 1 118 ? 5.796   -9.344  12.108  1.00 28.13 ? 118 GLN A C   1 
ATOM   929  O O   . GLN A 1 118 ? 5.178   -8.466  12.655  1.00 28.84 ? 118 GLN A O   1 
ATOM   930  C CB  . GLN A 1 118 ? 6.921   -10.654 13.862  1.00 34.43 ? 118 GLN A CB  1 
ATOM   931  C CG  . GLN A 1 118 ? 6.509   -12.073 13.553  1.00 41.29 ? 118 GLN A CG  1 
ATOM   932  C CD  . GLN A 1 118 ? 6.274   -12.889 14.828  1.00 43.24 ? 118 GLN A CD  1 
ATOM   933  O OE1 . GLN A 1 118 ? 5.320   -12.647 15.558  1.00 46.15 ? 118 GLN A OE1 1 
ATOM   934  N NE2 . GLN A 1 118 ? 7.156   -13.832 15.100  1.00 46.07 ? 118 GLN A NE2 1 
ATOM   935  N N   . VAL A 1 119 ? 5.331   -9.984  11.046  1.00 28.85 ? 119 VAL A N   1 
ATOM   936  C CA  . VAL A 1 119 ? 4.050   -9.648  10.434  1.00 27.56 ? 119 VAL A CA  1 
ATOM   937  C C   . VAL A 1 119 ? 3.207   -10.902 10.559  1.00 27.90 ? 119 VAL A C   1 
ATOM   938  O O   . VAL A 1 119 ? 3.636   -11.978 10.168  1.00 28.39 ? 119 VAL A O   1 
ATOM   939  C CB  . VAL A 1 119 ? 4.197   -9.307  8.903   1.00 24.62 ? 119 VAL A CB  1 
ATOM   940  C CG1 . VAL A 1 119 ? 2.822   -9.092  8.296   1.00 24.45 ? 119 VAL A CG1 1 
ATOM   941  C CG2 . VAL A 1 119 ? 5.011   -8.047  8.713   1.00 23.47 ? 119 VAL A CG2 1 
ATOM   942  N N   . THR A 1 120 ? 2.005   -10.764 11.077  1.00 31.09 ? 120 THR A N   1 
ATOM   943  C CA  . THR A 1 120 ? 1.139   -11.929 11.205  1.00 34.48 ? 120 THR A CA  1 
ATOM   944  C C   . THR A 1 120 ? -0.161  -11.694 10.472  1.00 33.64 ? 120 THR A C   1 
ATOM   945  O O   . THR A 1 120 ? -0.640  -10.569 10.393  1.00 35.12 ? 120 THR A O   1 
ATOM   946  C CB  . THR A 1 120 ? 0.767   -12.214 12.674  1.00 36.83 ? 120 THR A CB  1 
ATOM   947  O OG1 . THR A 1 120 ? -0.122  -11.201 13.135  1.00 43.23 ? 120 THR A OG1 1 
ATOM   948  C CG2 . THR A 1 120 ? 1.988   -12.251 13.552  1.00 38.37 ? 120 THR A CG2 1 
ATOM   949  N N   . GLU A 1 121 ? -0.748  -12.753 9.939   1.00 34.69 ? 121 GLU A N   1 
ATOM   950  C CA  . GLU A 1 121 ? -2.016  -12.605 9.241   1.00 35.92 ? 121 GLU A CA  1 
ATOM   951  C C   . GLU A 1 121 ? -3.064  -12.357 10.325  1.00 37.20 ? 121 GLU A C   1 
ATOM   952  O O   . GLU A 1 121 ? -3.482  -13.283 11.024  1.00 38.82 ? 121 GLU A O   1 
ATOM   953  C CB  . GLU A 1 121 ? -2.349  -13.872 8.443   1.00 34.62 ? 121 GLU A CB  1 
ATOM   954  C CG  . GLU A 1 121 ? -3.687  -13.789 7.731   1.00 35.98 ? 121 GLU A CG  1 
ATOM   955  C CD  . GLU A 1 121 ? -4.072  -15.083 7.039   1.00 37.70 ? 121 GLU A CD  1 
ATOM   956  O OE1 . GLU A 1 121 ? -5.242  -15.207 6.633   1.00 41.88 ? 121 GLU A OE1 1 
ATOM   957  O OE2 . GLU A 1 121 ? -3.223  -15.989 6.889   1.00 39.42 ? 121 GLU A OE2 1 
ATOM   958  N N   . TYR A 1 122 ? -3.474  -11.113 10.489  1.00 38.20 ? 122 TYR A N   1 
ATOM   959  C CA  . TYR A 1 122 ? -4.456  -10.804 11.510  1.00 40.19 ? 122 TYR A CA  1 
ATOM   960  C C   . TYR A 1 122 ? -5.851  -11.175 11.027  1.00 39.84 ? 122 TYR A C   1 
ATOM   961  O O   . TYR A 1 122 ? -6.634  -11.773 11.788  1.00 40.00 ? 122 TYR A O   1 
ATOM   962  C CB  . TYR A 1 122 ? -4.400  -9.318  11.894  1.00 43.68 ? 122 TYR A CB  1 
ATOM   963  C CG  . TYR A 1 122 ? -4.881  -9.089  13.308  1.00 46.88 ? 122 TYR A CG  1 
ATOM   964  C CD1 . TYR A 1 122 ? -4.254  -9.738  14.381  1.00 48.97 ? 122 TYR A CD1 1 
ATOM   965  C CD2 . TYR A 1 122 ? -6.045  -8.349  13.564  1.00 48.93 ? 122 TYR A CD2 1 
ATOM   966  C CE1 . TYR A 1 122 ? -4.789  -9.683  15.680  1.00 50.48 ? 122 TYR A CE1 1 
ATOM   967  C CE2 . TYR A 1 122 ? -6.589  -8.274  14.853  1.00 50.59 ? 122 TYR A CE2 1 
ATOM   968  C CZ  . TYR A 1 122 ? -5.963  -8.955  15.908  1.00 51.24 ? 122 TYR A CZ  1 
ATOM   969  O OH  . TYR A 1 122 ? -6.543  -8.970  17.170  1.00 53.25 ? 122 TYR A OH  1 
ATOM   970  N N   . GLY A 1 123 ? -6.159  -10.835 9.773   1.00 37.53 ? 123 GLY A N   1 
ATOM   971  C CA  . GLY A 1 123 ? -7.458  -11.158 9.216   1.00 37.04 ? 123 GLY A CA  1 
ATOM   972  C C   . GLY A 1 123 ? -8.555  -10.132 9.453   1.00 36.95 ? 123 GLY A C   1 
ATOM   973  O O   . GLY A 1 123 ? -8.457  -9.005  8.956   1.00 36.41 ? 123 GLY A O   1 
ATOM   974  N N   . PHE A 1 124 ? -9.599  -10.526 10.204  1.00 36.05 ? 124 PHE A N   1 
ATOM   975  C CA  . PHE A 1 124 ? -10.733 -9.646  10.500  1.00 35.06 ? 124 PHE A CA  1 
ATOM   976  C C   . PHE A 1 124 ? -10.384 -8.517  11.453  1.00 34.94 ? 124 PHE A C   1 
ATOM   977  O O   . PHE A 1 124 ? -9.694  -8.719  12.463  1.00 36.22 ? 124 PHE A O   1 
ATOM   978  C CB  . PHE A 1 124 ? -11.926 -10.412 11.113  1.00 36.24 ? 124 PHE A CB  1 
ATOM   979  C CG  . PHE A 1 124 ? -13.049 -9.502  11.545  1.00 35.36 ? 124 PHE A CG  1 
ATOM   980  C CD1 . PHE A 1 124 ? -13.784 -8.798  10.600  1.00 35.21 ? 124 PHE A CD1 1 
ATOM   981  C CD2 . PHE A 1 124 ? -13.285 -9.244  12.899  1.00 36.34 ? 124 PHE A CD2 1 
ATOM   982  C CE1 . PHE A 1 124 ? -14.728 -7.836  10.977  1.00 34.60 ? 124 PHE A CE1 1 
ATOM   983  C CE2 . PHE A 1 124 ? -14.233 -8.287  13.298  1.00 35.12 ? 124 PHE A CE2 1 
ATOM   984  C CZ  . PHE A 1 124 ? -14.962 -7.570  12.318  1.00 36.42 ? 124 PHE A CZ  1 
ATOM   985  N N   . LEU A 1 125 ? -10.877 -7.336  11.128  1.00 33.74 ? 125 LEU A N   1 
ATOM   986  C CA  . LEU A 1 125 ? -10.648 -6.151  11.940  1.00 36.06 ? 125 LEU A CA  1 
ATOM   987  C C   . LEU A 1 125 ? -11.751 -5.107  11.721  1.00 37.03 ? 125 LEU A C   1 
ATOM   988  O O   . LEU A 1 125 ? -12.070 -4.751  10.579  1.00 35.83 ? 125 LEU A O   1 
ATOM   989  C CB  . LEU A 1 125 ? -9.285  -5.505  11.597  1.00 35.37 ? 125 LEU A CB  1 
ATOM   990  C CG  . LEU A 1 125 ? -9.010  -4.181  12.321  1.00 36.07 ? 125 LEU A CG  1 
ATOM   991  C CD1 . LEU A 1 125 ? -8.907  -4.432  13.887  1.00 33.22 ? 125 LEU A CD1 1 
ATOM   992  C CD2 . LEU A 1 125 ? -7.699  -3.548  11.810  1.00 36.34 ? 125 LEU A CD2 1 
ATOM   993  N N   . ASN A 1 126 ? -12.348 -4.615  12.806  1.00 38.26 ? 126 ASN A N   1 
ATOM   994  C CA  . ASN A 1 126 ? -13.348 -3.585  12.597  1.00 40.54 ? 126 ASN A CA  1 
ATOM   995  C C   . ASN A 1 126 ? -12.438 -2.396  12.500  1.00 40.40 ? 126 ASN A C   1 
ATOM   996  O O   . ASN A 1 126 ? -11.914 -1.941  13.528  1.00 41.06 ? 126 ASN A O   1 
ATOM   997  C CB  . ASN A 1 126 ? -14.295 -3.440  13.788  1.00 43.09 ? 126 ASN A CB  1 
ATOM   998  C CG  . ASN A 1 126 ? -15.413 -2.441  13.511  1.00 45.47 ? 126 ASN A CG  1 
ATOM   999  O OD1 . ASN A 1 126 ? -15.157 -1.302  13.111  1.00 48.08 ? 126 ASN A OD1 1 
ATOM   1000 N ND2 . ASN A 1 126 ? -16.650 -2.861  13.716  1.00 46.82 ? 126 ASN A ND2 1 
ATOM   1001 N N   . LEU A 1 127 ? -12.229 -1.896  11.285  1.00 39.22 ? 127 LEU A N   1 
ATOM   1002 C CA  . LEU A 1 127 ? -11.293 -0.798  11.089  1.00 39.59 ? 127 LEU A CA  1 
ATOM   1003 C C   . LEU A 1 127 ? -11.929 0.552   10.919  1.00 40.14 ? 127 LEU A C   1 
ATOM   1004 O O   . LEU A 1 127 ? -12.531 0.834   9.901   1.00 40.91 ? 127 LEU A O   1 
ATOM   1005 C CB  . LEU A 1 127 ? -10.381 -1.099  9.883   1.00 38.61 ? 127 LEU A CB  1 
ATOM   1006 C CG  . LEU A 1 127 ? -9.292  -0.119  9.396   1.00 38.84 ? 127 LEU A CG  1 
ATOM   1007 C CD1 . LEU A 1 127 ? -8.162  -0.018  10.413  1.00 38.77 ? 127 LEU A CD1 1 
ATOM   1008 C CD2 . LEU A 1 127 ? -8.741  -0.620  8.042   1.00 38.42 ? 127 LEU A CD2 1 
ATOM   1009 N N   . GLY A 1 128 ? -11.755 1.400   11.926  1.00 42.63 ? 128 GLY A N   1 
ATOM   1010 C CA  . GLY A 1 128 ? -12.333 2.731   11.886  1.00 42.63 ? 128 GLY A CA  1 
ATOM   1011 C C   . GLY A 1 128 ? -13.852 2.595   11.920  1.00 43.33 ? 128 GLY A C   1 
ATOM   1012 O O   . GLY A 1 128 ? -14.578 3.452   11.401  1.00 44.46 ? 128 GLY A O   1 
ATOM   1013 N N   . GLY A 1 129 ? -14.331 1.501   12.518  1.00 43.13 ? 129 GLY A N   1 
ATOM   1014 C CA  . GLY A 1 129 ? -15.761 1.259   12.575  1.00 42.91 ? 129 GLY A CA  1 
ATOM   1015 C C   . GLY A 1 129 ? -16.277 0.498   11.358  1.00 42.80 ? 129 GLY A C   1 
ATOM   1016 O O   . GLY A 1 129 ? -17.482 0.323   11.214  1.00 42.46 ? 129 GLY A O   1 
ATOM   1017 N N   . THR A 1 130 ? -15.374 0.054   10.479  1.00 42.01 ? 130 THR A N   1 
ATOM   1018 C CA  . THR A 1 130 ? -15.763 -0.693  9.274   1.00 40.01 ? 130 THR A CA  1 
ATOM   1019 C C   . THR A 1 130 ? -15.154 -2.091  9.235   1.00 38.78 ? 130 THR A C   1 
ATOM   1020 O O   . THR A 1 130 ? -13.930 -2.210  9.196   1.00 36.95 ? 130 THR A O   1 
ATOM   1021 C CB  . THR A 1 130 ? -15.291 0.008   7.985   1.00 41.69 ? 130 THR A CB  1 
ATOM   1022 O OG1 . THR A 1 130 ? -15.773 1.364   7.962   1.00 42.74 ? 130 THR A OG1 1 
ATOM   1023 C CG2 . THR A 1 130 ? -15.802 -0.762  6.745   1.00 40.01 ? 130 THR A CG2 1 
ATOM   1024 N N   . PRO A 1 131 ? -15.998 -3.157  9.253   1.00 37.24 ? 131 PRO A N   1 
ATOM   1025 C CA  . PRO A 1 131 ? -15.552 -4.562  9.207   1.00 36.31 ? 131 PRO A CA  1 
ATOM   1026 C C   . PRO A 1 131 ? -14.597 -4.706  8.029   1.00 33.91 ? 131 PRO A C   1 
ATOM   1027 O O   . PRO A 1 131 ? -14.967 -4.424  6.907   1.00 33.78 ? 131 PRO A O   1 
ATOM   1028 C CB  . PRO A 1 131 ? -16.846 -5.348  8.948   1.00 37.03 ? 131 PRO A CB  1 
ATOM   1029 C CG  . PRO A 1 131 ? -17.912 -4.476  9.567   1.00 38.44 ? 131 PRO A CG  1 
ATOM   1030 C CD  . PRO A 1 131 ? -17.475 -3.069  9.220   1.00 37.78 ? 131 PRO A CD  1 
ATOM   1031 N N   . THR A 1 132 ? -13.396 -5.183  8.280   1.00 32.88 ? 132 THR A N   1 
ATOM   1032 C CA  . THR A 1 132 ? -12.410 -5.292  7.211   1.00 32.68 ? 132 THR A CA  1 
ATOM   1033 C C   . THR A 1 132 ? -11.691 -6.615  7.298   1.00 31.49 ? 132 THR A C   1 
ATOM   1034 O O   . THR A 1 132 ? -11.473 -7.132  8.391   1.00 33.23 ? 132 THR A O   1 
ATOM   1035 C CB  . THR A 1 132 ? -11.407 -4.109  7.330   1.00 33.32 ? 132 THR A CB  1 
ATOM   1036 O OG1 . THR A 1 132 ? -12.117 -2.857  7.279   1.00 31.83 ? 132 THR A OG1 1 
ATOM   1037 C CG2 . THR A 1 132 ? -10.384 -4.148  6.225   1.00 33.21 ? 132 THR A CG2 1 
ATOM   1038 N N   . LYS A 1 133 ? -11.295 -7.153  6.152   1.00 29.23 ? 133 LYS A N   1 
ATOM   1039 C CA  . LYS A 1 133 ? -10.596 -8.421  6.105   1.00 28.43 ? 133 LYS A CA  1 
ATOM   1040 C C   . LYS A 1 133 ? -9.233  -8.363  5.428   1.00 27.80 ? 133 LYS A C   1 
ATOM   1041 O O   . LYS A 1 133 ? -8.840  -7.351  4.827   1.00 27.26 ? 133 LYS A O   1 
ATOM   1042 C CB  . LYS A 1 133 ? -11.480 -9.494  5.427   1.00 30.64 ? 133 LYS A CB  1 
ATOM   1043 C CG  . LYS A 1 133 ? -12.723 -9.891  6.300   1.00 34.47 ? 133 LYS A CG  1 
ATOM   1044 C CD  . LYS A 1 133 ? -13.426 -11.189 5.859   1.00 36.75 ? 133 LYS A CD  1 
ATOM   1045 C CE  . LYS A 1 133 ? -14.473 -11.570 6.939   1.00 38.05 ? 133 LYS A CE  1 
ATOM   1046 N NZ  . LYS A 1 133 ? -15.331 -12.758 6.635   1.00 38.97 ? 133 LYS A NZ  1 
ATOM   1047 N N   . ARG A 1 134 ? -8.518  -9.468  5.560   1.00 27.34 ? 134 ARG A N   1 
ATOM   1048 C CA  . ARG A 1 134 ? -7.155  -9.646  5.036   1.00 27.72 ? 134 ARG A CA  1 
ATOM   1049 C C   . ARG A 1 134 ? -6.133  -8.670  5.578   1.00 27.52 ? 134 ARG A C   1 
ATOM   1050 O O   . ARG A 1 134 ? -5.257  -8.181  4.860   1.00 28.38 ? 134 ARG A O   1 
ATOM   1051 C CB  . ARG A 1 134 ? -7.187  -9.618  3.526   1.00 27.93 ? 134 ARG A CB  1 
ATOM   1052 C CG  . ARG A 1 134 ? -8.110  -10.711 3.030   1.00 29.73 ? 134 ARG A CG  1 
ATOM   1053 C CD  . ARG A 1 134 ? -8.136  -10.805 1.521   1.00 31.33 ? 134 ARG A CD  1 
ATOM   1054 N NE  . ARG A 1 134 ? -9.221  -11.670 1.093   1.00 32.43 ? 134 ARG A NE  1 
ATOM   1055 C CZ  . ARG A 1 134 ? -9.708  -11.729 -0.145  1.00 32.61 ? 134 ARG A CZ  1 
ATOM   1056 N NH1 . ARG A 1 134 ? -9.203  -10.975 -1.114  1.00 30.29 ? 134 ARG A NH1 1 
ATOM   1057 N NH2 . ARG A 1 134 ? -10.732 -12.537 -0.393  1.00 33.04 ? 134 ARG A NH2 1 
ATOM   1058 N N   . MET A 1 135 ? -6.229  -8.422  6.873   1.00 26.44 ? 135 MET A N   1 
ATOM   1059 C CA  . MET A 1 135 ? -5.326  -7.511  7.534   1.00 28.44 ? 135 MET A CA  1 
ATOM   1060 C C   . MET A 1 135 ? -4.066  -8.243  7.983   1.00 27.67 ? 135 MET A C   1 
ATOM   1061 O O   . MET A 1 135 ? -4.139  -9.405  8.421   1.00 28.32 ? 135 MET A O   1 
ATOM   1062 C CB  . MET A 1 135 ? -6.010  -6.886  8.760   1.00 29.18 ? 135 MET A CB  1 
ATOM   1063 C CG  . MET A 1 135 ? -7.209  -6.027  8.452   1.00 30.57 ? 135 MET A CG  1 
ATOM   1064 S SD  . MET A 1 135 ? -6.753  -4.374  7.889   1.00 34.12 ? 135 MET A SD  1 
ATOM   1065 C CE  . MET A 1 135 ? -7.127  -4.509  6.020   1.00 30.59 ? 135 MET A CE  1 
ATOM   1066 N N   . LEU A 1 136 ? -2.936  -7.552  7.861   1.00 25.40 ? 136 LEU A N   1 
ATOM   1067 C CA  . LEU A 1 136 ? -1.656  -8.047  8.287   1.00 26.40 ? 136 LEU A CA  1 
ATOM   1068 C C   . LEU A 1 136 ? -1.311  -7.136  9.437   1.00 27.05 ? 136 LEU A C   1 
ATOM   1069 O O   . LEU A 1 136 ? -1.475  -5.943  9.328   1.00 28.65 ? 136 LEU A O   1 
ATOM   1070 C CB  . LEU A 1 136 ? -0.602  -7.921  7.185   1.00 27.16 ? 136 LEU A CB  1 
ATOM   1071 C CG  . LEU A 1 136 ? -0.911  -8.730  5.896   1.00 27.45 ? 136 LEU A CG  1 
ATOM   1072 C CD1 . LEU A 1 136 ? 0.167   -8.432  4.873   1.00 27.75 ? 136 LEU A CD1 1 
ATOM   1073 C CD2 . LEU A 1 136 ? -0.978  -10.255 6.193   1.00 24.74 ? 136 LEU A CD2 1 
ATOM   1074 N N   . MET A 1 137 ? -0.789  -7.687  10.526  1.00 27.12 ? 137 MET A N   1 
ATOM   1075 C CA  . MET A 1 137 ? -0.476  -6.892  11.727  1.00 27.95 ? 137 MET A CA  1 
ATOM   1076 C C   . MET A 1 137 ? 0.973   -6.972  12.153  1.00 27.03 ? 137 MET A C   1 
ATOM   1077 O O   . MET A 1 137 ? 1.635   -8.029  12.026  1.00 27.87 ? 137 MET A O   1 
ATOM   1078 C CB  . MET A 1 137 ? -1.373  -7.349  12.909  1.00 28.41 ? 137 MET A CB  1 
ATOM   1079 C CG  . MET A 1 137 ? -1.176  -6.615  14.251  1.00 30.02 ? 137 MET A CG  1 
ATOM   1080 S SD  . MET A 1 137 ? 0.217   -7.312  15.135  1.00 36.12 ? 137 MET A SD  1 
ATOM   1081 C CE  . MET A 1 137 ? -0.408  -8.948  15.557  1.00 36.44 ? 137 MET A CE  1 
ATOM   1082 N N   . TYR A 1 138 ? 1.472   -5.843  12.632  1.00 26.31 ? 138 TYR A N   1 
ATOM   1083 C CA  . TYR A 1 138 ? 2.839   -5.754  13.094  1.00 26.85 ? 138 TYR A CA  1 
ATOM   1084 C C   . TYR A 1 138 ? 2.806   -4.806  14.269  1.00 28.95 ? 138 TYR A C   1 
ATOM   1085 O O   . TYR A 1 138 ? 1.928   -3.934  14.357  1.00 27.90 ? 138 TYR A O   1 
ATOM   1086 C CB  . TYR A 1 138 ? 3.774   -5.217  11.991  1.00 28.01 ? 138 TYR A CB  1 
ATOM   1087 C CG  . TYR A 1 138 ? 3.082   -4.346  10.933  1.00 25.71 ? 138 TYR A CG  1 
ATOM   1088 C CD1 . TYR A 1 138 ? 2.354   -4.920  9.898   1.00 25.51 ? 138 TYR A CD1 1 
ATOM   1089 C CD2 . TYR A 1 138 ? 3.124   -2.952  11.013  1.00 28.40 ? 138 TYR A CD2 1 
ATOM   1090 C CE1 . TYR A 1 138 ? 1.681   -4.135  8.959   1.00 26.88 ? 138 TYR A CE1 1 
ATOM   1091 C CE2 . TYR A 1 138 ? 2.446   -2.143  10.090  1.00 26.85 ? 138 TYR A CE2 1 
ATOM   1092 C CZ  . TYR A 1 138 ? 1.734   -2.746  9.069   1.00 30.08 ? 138 TYR A CZ  1 
ATOM   1093 O OH  . TYR A 1 138 ? 1.082   -1.968  8.157   1.00 26.53 ? 138 TYR A OH  1 
ATOM   1094 N N   . ASN A 1 139 ? 3.753   -4.996  15.189  1.00 30.88 ? 139 ASN A N   1 
ATOM   1095 C CA  . ASN A 1 139 ? 3.835   -4.161  16.376  1.00 33.14 ? 139 ASN A CA  1 
ATOM   1096 C C   . ASN A 1 139 ? 4.862   -3.077  16.144  1.00 36.07 ? 139 ASN A C   1 
ATOM   1097 O O   . ASN A 1 139 ? 6.064   -3.320  15.931  1.00 37.48 ? 139 ASN A O   1 
ATOM   1098 C CB  . ASN A 1 139 ? 4.190   -5.011  17.597  1.00 33.25 ? 139 ASN A CB  1 
ATOM   1099 C CG  . ASN A 1 139 ? 3.108   -6.016  17.909  1.00 32.95 ? 139 ASN A CG  1 
ATOM   1100 O OD1 . ASN A 1 139 ? 3.304   -7.248  17.812  1.00 30.78 ? 139 ASN A OD1 1 
ATOM   1101 N ND2 . ASN A 1 139 ? 1.936   -5.496  18.263  1.00 30.38 ? 139 ASN A ND2 1 
ATOM   1102 N N   . PHE A 1 140 ? 4.339   -1.875  16.111  1.00 36.70 ? 140 PHE A N   1 
ATOM   1103 C CA  . PHE A 1 140 ? 5.134   -0.709  15.918  1.00 40.30 ? 140 PHE A CA  1 
ATOM   1104 C C   . PHE A 1 140 ? 4.177   0.476   16.089  1.00 40.73 ? 140 PHE A C   1 
ATOM   1105 O O   . PHE A 1 140 ? 2.996   0.373   15.759  1.00 41.15 ? 140 PHE A O   1 
ATOM   1106 C CB  . PHE A 1 140 ? 5.766   -0.741  14.530  1.00 42.44 ? 140 PHE A CB  1 
ATOM   1107 C CG  . PHE A 1 140 ? 6.632   0.400   14.290  1.00 46.83 ? 140 PHE A CG  1 
ATOM   1108 C CD1 . PHE A 1 140 ? 6.078   1.654   14.004  1.00 48.74 ? 140 PHE A CD1 1 
ATOM   1109 C CD2 . PHE A 1 140 ? 7.995   0.301   14.548  1.00 48.81 ? 140 PHE A CD2 1 
ATOM   1110 C CE1 . PHE A 1 140 ? 6.880   2.795   14.001  1.00 50.49 ? 140 PHE A CE1 1 
ATOM   1111 C CE2 . PHE A 1 140 ? 8.806   1.442   14.547  1.00 49.79 ? 140 PHE A CE2 1 
ATOM   1112 C CZ  . PHE A 1 140 ? 8.243   2.687   14.279  1.00 50.24 ? 140 PHE A CZ  1 
ATOM   1113 N N   . PRO A 1 141 ? 4.669   1.607   16.628  1.00 42.37 ? 141 PRO A N   1 
ATOM   1114 C CA  . PRO A 1 141 ? 3.843   2.805   16.841  1.00 42.51 ? 141 PRO A CA  1 
ATOM   1115 C C   . PRO A 1 141 ? 3.663   3.583   15.556  1.00 43.57 ? 141 PRO A C   1 
ATOM   1116 O O   . PRO A 1 141 ? 4.437   4.496   15.287  1.00 44.35 ? 141 PRO A O   1 
ATOM   1117 C CB  . PRO A 1 141 ? 4.644   3.585   17.876  1.00 42.24 ? 141 PRO A CB  1 
ATOM   1118 C CG  . PRO A 1 141 ? 6.057   3.260   17.555  1.00 40.95 ? 141 PRO A CG  1 
ATOM   1119 C CD  . PRO A 1 141 ? 5.999   1.770   17.252  1.00 42.04 ? 141 PRO A CD  1 
ATOM   1120 N N   . THR A 1 142 ? 2.658   3.251   14.747  1.00 43.99 ? 142 THR A N   1 
ATOM   1121 C CA  . THR A 1 142 ? 2.563   3.977   13.496  1.00 44.11 ? 142 THR A CA  1 
ATOM   1122 C C   . THR A 1 142 ? 1.796   5.279   13.687  1.00 44.14 ? 142 THR A C   1 
ATOM   1123 O O   . THR A 1 142 ? 1.286   5.557   14.772  1.00 46.18 ? 142 THR A O   1 
ATOM   1124 C CB  . THR A 1 142 ? 2.067   3.059   12.289  1.00 44.43 ? 142 THR A CB  1 
ATOM   1125 O OG1 . THR A 1 142 ? 0.915   2.294   12.689  1.00 43.80 ? 142 THR A OG1 1 
ATOM   1126 C CG2 . THR A 1 142 ? 3.242   2.073   11.830  1.00 42.69 ? 142 THR A CG2 1 
ATOM   1127 N N   . ARG A 1 143 ? 1.776   6.096   12.638  1.00 43.15 ? 143 ARG A N   1 
ATOM   1128 C CA  . ARG A 1 143 ? 1.197   7.438   12.684  1.00 41.11 ? 143 ARG A CA  1 
ATOM   1129 C C   . ARG A 1 143 ? 0.346   7.798   11.473  1.00 40.18 ? 143 ARG A C   1 
ATOM   1130 O O   . ARG A 1 143 ? 0.487   7.213   10.374  1.00 40.19 ? 143 ARG A O   1 
ATOM   1131 C CB  . ARG A 1 143 ? 2.352   8.452   12.729  1.00 41.36 ? 143 ARG A CB  1 
ATOM   1132 C CG  . ARG A 1 143 ? 3.281   8.297   13.908  1.00 43.01 ? 143 ARG A CG  1 
ATOM   1133 C CD  . ARG A 1 143 ? 2.507   8.601   15.139  1.00 44.90 ? 143 ARG A CD  1 
ATOM   1134 N NE  . ARG A 1 143 ? 3.354   8.744   16.307  1.00 49.06 ? 143 ARG A NE  1 
ATOM   1135 C CZ  . ARG A 1 143 ? 3.538   7.779   17.206  1.00 50.76 ? 143 ARG A CZ  1 
ATOM   1136 N NH1 . ARG A 1 143 ? 2.922   6.598   17.048  1.00 51.13 ? 143 ARG A NH1 1 
ATOM   1137 N NH2 . ARG A 1 143 ? 4.320   8.000   18.261  1.00 50.86 ? 143 ARG A NH2 1 
ATOM   1138 N N   . ALA A 1 144 ? -0.499  8.808   11.670  1.00 38.07 ? 144 ALA A N   1 
ATOM   1139 C CA  . ALA A 1 144 ? -1.310  9.319   10.592  1.00 35.82 ? 144 ALA A CA  1 
ATOM   1140 C C   . ALA A 1 144 ? -0.265  9.748   9.558   1.00 35.48 ? 144 ALA A C   1 
ATOM   1141 O O   . ALA A 1 144 ? 0.866   10.100  9.935   1.00 35.31 ? 144 ALA A O   1 
ATOM   1142 C CB  . ALA A 1 144 ? -2.111  10.518  11.076  1.00 34.56 ? 144 ALA A CB  1 
ATOM   1143 N N   . GLY A 1 145 ? -0.614  9.693   8.269   1.00 33.93 ? 145 GLY A N   1 
ATOM   1144 C CA  . GLY A 1 145 ? 0.333   10.094  7.236   1.00 33.37 ? 145 GLY A CA  1 
ATOM   1145 C C   . GLY A 1 145 ? 1.182   8.960   6.669   1.00 33.27 ? 145 GLY A C   1 
ATOM   1146 O O   . GLY A 1 145 ? 1.861   9.096   5.597   1.00 32.64 ? 145 GLY A O   1 
ATOM   1147 N N   . GLN A 1 146 ? 1.143   7.835   7.372   1.00 31.49 ? 146 GLN A N   1 
ATOM   1148 C CA  . GLN A 1 146 ? 1.888   6.667   6.949   1.00 30.79 ? 146 GLN A CA  1 
ATOM   1149 C C   . GLN A 1 146 ? 1.053   5.745   6.072   1.00 28.77 ? 146 GLN A C   1 
ATOM   1150 O O   . GLN A 1 146 ? 1.561   4.787   5.524   1.00 27.28 ? 146 GLN A O   1 
ATOM   1151 C CB  . GLN A 1 146 ? 2.417   5.932   8.163   1.00 30.56 ? 146 GLN A CB  1 
ATOM   1152 C CG  . GLN A 1 146 ? 3.357   6.854   8.903   1.00 33.32 ? 146 GLN A CG  1 
ATOM   1153 C CD  . GLN A 1 146 ? 3.999   6.195   10.081  1.00 31.28 ? 146 GLN A CD  1 
ATOM   1154 O OE1 . GLN A 1 146 ? 3.425   5.327   10.674  1.00 34.14 ? 146 GLN A OE1 1 
ATOM   1155 N NE2 . GLN A 1 146 ? 5.180   6.632   10.434  1.00 34.28 ? 146 GLN A NE2 1 
ATOM   1156 N N   . CYS A 1 147 ? -0.215  6.065   5.893   1.00 28.93 ? 147 CYS A N   1 
ATOM   1157 C CA  . CYS A 1 147 ? -1.049  5.202   5.079   1.00 29.54 ? 147 CYS A CA  1 
ATOM   1158 C C   . CYS A 1 147 ? -0.595  5.214   3.621   1.00 27.54 ? 147 CYS A C   1 
ATOM   1159 O O   . CYS A 1 147 ? -0.221  6.240   3.080   1.00 30.33 ? 147 CYS A O   1 
ATOM   1160 C CB  . CYS A 1 147 ? -2.522  5.562   5.257   1.00 30.03 ? 147 CYS A CB  1 
ATOM   1161 S SG  . CYS A 1 147 ? -3.178  4.995   6.872   1.00 33.07 ? 147 CYS A SG  1 
ATOM   1162 N N   . GLY A 1 148 ? -0.592  4.055   3.004   1.00 24.78 ? 148 GLY A N   1 
ATOM   1163 C CA  . GLY A 1 148 ? -0.107  3.969   1.645   1.00 24.37 ? 148 GLY A CA  1 
ATOM   1164 C C   . GLY A 1 148 ? 1.324   3.450   1.720   1.00 23.91 ? 148 GLY A C   1 
ATOM   1165 O O   . GLY A 1 148 ? 1.880   3.025   0.700   1.00 23.43 ? 148 GLY A O   1 
ATOM   1166 N N   . GLY A 1 149 ? 1.937   3.523   2.916   1.00 21.70 ? 149 GLY A N   1 
ATOM   1167 C CA  . GLY A 1 149 ? 3.284   2.977   3.077   1.00 19.24 ? 149 GLY A CA  1 
ATOM   1168 C C   . GLY A 1 149 ? 3.312   1.498   2.666   1.00 17.83 ? 149 GLY A C   1 
ATOM   1169 O O   . GLY A 1 149 ? 2.358   0.733   2.919   1.00 18.78 ? 149 GLY A O   1 
ATOM   1170 N N   . VAL A 1 150 ? 4.415   1.076   2.059   1.00 17.47 ? 150 VAL A N   1 
ATOM   1171 C CA  . VAL A 1 150 ? 4.582   -0.275  1.516   1.00 18.29 ? 150 VAL A CA  1 
ATOM   1172 C C   . VAL A 1 150 ? 5.263   -1.226  2.479   1.00 17.84 ? 150 VAL A C   1 
ATOM   1173 O O   . VAL A 1 150 ? 6.383   -0.978  2.890   1.00 18.32 ? 150 VAL A O   1 
ATOM   1174 C CB  . VAL A 1 150 ? 5.375   -0.176  0.196   1.00 18.34 ? 150 VAL A CB  1 
ATOM   1175 C CG1 . VAL A 1 150 ? 5.454   -1.512  -0.472  1.00 19.58 ? 150 VAL A CG1 1 
ATOM   1176 C CG2 . VAL A 1 150 ? 4.587   0.843   -0.775  1.00 20.32 ? 150 VAL A CG2 1 
ATOM   1177 N N   . LEU A 1 151 ? 4.576   -2.319  2.812   1.00 18.86 ? 151 LEU A N   1 
ATOM   1178 C CA  . LEU A 1 151 ? 5.087   -3.323  3.763   1.00 20.95 ? 151 LEU A CA  1 
ATOM   1179 C C   . LEU A 1 151 ? 5.862   -4.376  2.967   1.00 20.75 ? 151 LEU A C   1 
ATOM   1180 O O   . LEU A 1 151 ? 5.308   -5.035  2.049   1.00 21.98 ? 151 LEU A O   1 
ATOM   1181 C CB  . LEU A 1 151 ? 3.902   -3.943  4.546   1.00 19.90 ? 151 LEU A CB  1 
ATOM   1182 C CG  . LEU A 1 151 ? 4.315   -4.938  5.611   1.00 22.73 ? 151 LEU A CG  1 
ATOM   1183 C CD1 . LEU A 1 151 ? 5.033   -4.199  6.759   1.00 21.38 ? 151 LEU A CD1 1 
ATOM   1184 C CD2 . LEU A 1 151 ? 3.053   -5.674  6.095   1.00 22.21 ? 151 LEU A CD2 1 
ATOM   1185 N N   . MET A 1 152 ? 7.144   -4.519  3.297   1.00 20.60 ? 152 MET A N   1 
ATOM   1186 C CA  . MET A 1 152 ? 8.021   -5.424  2.563   1.00 21.39 ? 152 MET A CA  1 
ATOM   1187 C C   . MET A 1 152 ? 9.000   -6.256  3.402   1.00 22.30 ? 152 MET A C   1 
ATOM   1188 O O   . MET A 1 152 ? 9.339   -5.900  4.542   1.00 23.01 ? 152 MET A O   1 
ATOM   1189 C CB  . MET A 1 152 ? 8.881   -4.619  1.572   1.00 18.82 ? 152 MET A CB  1 
ATOM   1190 C CG  . MET A 1 152 ? 8.052   -3.842  0.501   1.00 19.14 ? 152 MET A CG  1 
ATOM   1191 S SD  . MET A 1 152 ? 9.135   -2.875  -0.574  1.00 22.92 ? 152 MET A SD  1 
ATOM   1192 C CE  . MET A 1 152 ? 9.032   -1.266  0.276   1.00 19.85 ? 152 MET A CE  1 
ATOM   1193 N N   . SER A 1 153 ? 9.444   -7.368  2.825   1.00 21.89 ? 153 SER A N   1 
ATOM   1194 C CA  . SER A 1 153 ? 10.505  -8.179  3.425   1.00 22.93 ? 153 SER A CA  1 
ATOM   1195 C C   . SER A 1 153 ? 11.402  -8.537  2.200   1.00 24.20 ? 153 SER A C   1 
ATOM   1196 O O   . SER A 1 153 ? 11.095  -8.151  1.031   1.00 22.55 ? 153 SER A O   1 
ATOM   1197 C CB  . SER A 1 153 ? 9.952   -9.415  4.157   1.00 22.72 ? 153 SER A CB  1 
ATOM   1198 O OG  . SER A 1 153 ? 9.254   -10.263 3.248   1.00 27.96 ? 153 SER A OG  1 
ATOM   1199 N N   . THR A 1 154 ? 12.520  -9.213  2.442   1.00 24.84 ? 154 THR A N   1 
ATOM   1200 C CA  . THR A 1 154 ? 13.441  -9.579  1.342   1.00 27.64 ? 154 THR A CA  1 
ATOM   1201 C C   . THR A 1 154 ? 12.678  -10.276 0.215   1.00 26.09 ? 154 THR A C   1 
ATOM   1202 O O   . THR A 1 154 ? 12.073  -11.334 0.439   1.00 26.03 ? 154 THR A O   1 
ATOM   1203 C CB  . THR A 1 154 ? 14.540  -10.551 1.861   1.00 30.55 ? 154 THR A CB  1 
ATOM   1204 O OG1 . THR A 1 154 ? 15.039  -10.068 3.111   1.00 34.99 ? 154 THR A OG1 1 
ATOM   1205 C CG2 . THR A 1 154 ? 15.698  -10.610 0.885   1.00 32.75 ? 154 THR A CG2 1 
ATOM   1206 N N   . GLY A 1 155 ? 12.673  -9.678  -0.978  1.00 25.19 ? 155 GLY A N   1 
ATOM   1207 C CA  . GLY A 1 155 ? 11.979  -10.260 -2.124  1.00 25.22 ? 155 GLY A CA  1 
ATOM   1208 C C   . GLY A 1 155 ? 10.442  -10.331 -2.079  1.00 25.75 ? 155 GLY A C   1 
ATOM   1209 O O   . GLY A 1 155 ? 9.822   -11.007 -2.928  1.00 25.90 ? 155 GLY A O   1 
ATOM   1210 N N   . LYS A 1 156 ? 9.813   -9.633  -1.127  1.00 23.63 ? 156 LYS A N   1 
ATOM   1211 C CA  . LYS A 1 156 ? 8.362   -9.679  -1.029  1.00 21.77 ? 156 LYS A CA  1 
ATOM   1212 C C   . LYS A 1 156 ? 7.686   -8.332  -0.749  1.00 20.86 ? 156 LYS A C   1 
ATOM   1213 O O   . LYS A 1 156 ? 8.134   -7.560  0.113   1.00 21.33 ? 156 LYS A O   1 
ATOM   1214 C CB  . LYS A 1 156 ? 7.921   -10.635 0.104   1.00 21.83 ? 156 LYS A CB  1 
ATOM   1215 C CG  . LYS A 1 156 ? 8.468   -12.036 -0.010  1.00 24.11 ? 156 LYS A CG  1 
ATOM   1216 C CD  . LYS A 1 156 ? 8.176   -12.850 1.257   1.00 26.40 ? 156 LYS A CD  1 
ATOM   1217 C CE  . LYS A 1 156 ? 8.845   -14.221 1.104   1.00 30.08 ? 156 LYS A CE  1 
ATOM   1218 N NZ  . LYS A 1 156 ? 8.730   -15.045 2.310   1.00 32.17 ? 156 LYS A NZ  1 
ATOM   1219 N N   . VAL A 1 157 ? 6.625   -8.041  -1.509  1.00 19.51 ? 157 VAL A N   1 
ATOM   1220 C CA  . VAL A 1 157 ? 5.806   -6.837  -1.236  1.00 19.24 ? 157 VAL A CA  1 
ATOM   1221 C C   . VAL A 1 157 ? 4.546   -7.466  -0.583  1.00 19.01 ? 157 VAL A C   1 
ATOM   1222 O O   . VAL A 1 157 ? 3.762   -8.182  -1.243  1.00 20.11 ? 157 VAL A O   1 
ATOM   1223 C CB  . VAL A 1 157 ? 5.428   -6.072  -2.506  1.00 17.57 ? 157 VAL A CB  1 
ATOM   1224 C CG1 . VAL A 1 157 ? 4.401   -4.964  -2.199  1.00 19.39 ? 157 VAL A CG1 1 
ATOM   1225 C CG2 . VAL A 1 157 ? 6.707   -5.373  -3.083  1.00 18.72 ? 157 VAL A CG2 1 
ATOM   1226 N N   . LEU A 1 158 ? 4.420   -7.302  0.734   1.00 18.47 ? 158 LEU A N   1 
ATOM   1227 C CA  . LEU A 1 158 ? 3.280   -7.900  1.452   1.00 20.96 ? 158 LEU A CA  1 
ATOM   1228 C C   . LEU A 1 158 ? 1.943   -7.151  1.476   1.00 20.70 ? 158 LEU A C   1 
ATOM   1229 O O   . LEU A 1 158 ? 0.881   -7.766  1.407   1.00 23.07 ? 158 LEU A O   1 
ATOM   1230 C CB  . LEU A 1 158 ? 3.621   -8.193  2.927   1.00 21.21 ? 158 LEU A CB  1 
ATOM   1231 C CG  . LEU A 1 158 ? 4.923   -8.396  3.682   1.00 27.13 ? 158 LEU A CG  1 
ATOM   1232 C CD1 . LEU A 1 158 ? 4.642   -9.381  4.780   1.00 26.24 ? 158 LEU A CD1 1 
ATOM   1233 C CD2 . LEU A 1 158 ? 6.062   -8.789  2.867   1.00 25.30 ? 158 LEU A CD2 1 
ATOM   1234 N N   . GLY A 1 159 ? 1.971   -5.838  1.581   1.00 21.06 ? 159 GLY A N   1 
ATOM   1235 C CA  . GLY A 1 159 ? 0.713   -5.118  1.645   1.00 20.44 ? 159 GLY A CA  1 
ATOM   1236 C C   . GLY A 1 159 ? 0.953   -3.620  1.718   1.00 19.69 ? 159 GLY A C   1 
ATOM   1237 O O   . GLY A 1 159 ? 2.102   -3.173  1.563   1.00 19.29 ? 159 GLY A O   1 
ATOM   1238 N N   . ILE A 1 160 ? -0.146  -2.859  1.947   1.00 20.97 ? 160 ILE A N   1 
ATOM   1239 C CA  . ILE A 1 160 ? -0.162  -1.398  2.050   1.00 19.65 ? 160 ILE A CA  1 
ATOM   1240 C C   . ILE A 1 160 ? -0.732  -0.995  3.412   1.00 20.43 ? 160 ILE A C   1 
ATOM   1241 O O   . ILE A 1 160 ? -1.823  -1.490  3.838   1.00 21.23 ? 160 ILE A O   1 
ATOM   1242 C CB  . ILE A 1 160 ? -1.050  -0.822  0.947   1.00 22.18 ? 160 ILE A CB  1 
ATOM   1243 C CG1 . ILE A 1 160 ? -0.543  -1.315  -0.407  1.00 22.11 ? 160 ILE A CG1 1 
ATOM   1244 C CG2 . ILE A 1 160 ? -1.153  0.677   1.119   1.00 23.65 ? 160 ILE A CG2 1 
ATOM   1245 C CD1 . ILE A 1 160 ? 0.814   -0.659  -0.851  1.00 23.01 ? 160 ILE A CD1 1 
ATOM   1246 N N   . HIS A 1 161 ? -0.017  -0.106  4.089   1.00 22.07 ? 161 HIS A N   1 
ATOM   1247 C CA  . HIS A 1 161 ? -0.401  0.333   5.434   1.00 22.39 ? 161 HIS A CA  1 
ATOM   1248 C C   . HIS A 1 161 ? -1.714  1.115   5.377   1.00 22.69 ? 161 HIS A C   1 
ATOM   1249 O O   . HIS A 1 161 ? -1.824  2.104   4.649   1.00 20.83 ? 161 HIS A O   1 
ATOM   1250 C CB  . HIS A 1 161 ? 0.682   1.241   6.062   1.00 21.88 ? 161 HIS A CB  1 
ATOM   1251 C CG  . HIS A 1 161 ? 0.387   1.601   7.494   1.00 23.86 ? 161 HIS A CG  1 
ATOM   1252 N ND1 . HIS A 1 161 ? 0.577   0.705   8.530   1.00 23.05 ? 161 HIS A ND1 1 
ATOM   1253 C CD2 . HIS A 1 161 ? -0.125  2.726   8.058   1.00 23.98 ? 161 HIS A CD2 1 
ATOM   1254 C CE1 . HIS A 1 161 ? 0.188   1.259   9.667   1.00 24.80 ? 161 HIS A CE1 1 
ATOM   1255 N NE2 . HIS A 1 161 ? -0.239  2.480   9.408   1.00 25.41 ? 161 HIS A NE2 1 
ATOM   1256 N N   . VAL A 1 162 ? -2.683  0.715   6.190   1.00 23.46 ? 162 VAL A N   1 
ATOM   1257 C CA  . VAL A 1 162 ? -3.975  1.392   6.176   1.00 24.26 ? 162 VAL A CA  1 
ATOM   1258 C C   . VAL A 1 162 ? -4.527  1.815   7.535   1.00 27.20 ? 162 VAL A C   1 
ATOM   1259 O O   . VAL A 1 162 ? -5.506  2.563   7.603   1.00 27.98 ? 162 VAL A O   1 
ATOM   1260 C CB  . VAL A 1 162 ? -5.037  0.533   5.521   1.00 23.95 ? 162 VAL A CB  1 
ATOM   1261 C CG1 . VAL A 1 162 ? -4.681  0.298   4.017   1.00 20.49 ? 162 VAL A CG1 1 
ATOM   1262 C CG2 . VAL A 1 162 ? -5.104  -0.851  6.252   1.00 22.42 ? 162 VAL A CG2 1 
ATOM   1263 N N   . GLY A 1 163 ? -3.929  1.353   8.620   1.00 28.01 ? 163 GLY A N   1 
ATOM   1264 C CA  . GLY A 1 163 ? -4.456  1.758   9.903   1.00 28.72 ? 163 GLY A CA  1 
ATOM   1265 C C   . GLY A 1 163 ? -3.579  1.387   11.064  1.00 31.49 ? 163 GLY A C   1 
ATOM   1266 O O   . GLY A 1 163 ? -2.517  0.798   10.952  1.00 27.00 ? 163 GLY A O   1 
ATOM   1267 N N   . GLY A 1 164 ? -4.038  1.780   12.232  1.00 33.49 ? 164 GLY A N   1 
ATOM   1268 C CA  . GLY A 1 164 ? -3.277  1.450   13.410  1.00 38.64 ? 164 GLY A CA  1 
ATOM   1269 C C   . GLY A 1 164 ? -3.711  2.250   14.609  1.00 40.17 ? 164 GLY A C   1 
ATOM   1270 O O   . GLY A 1 164 ? -4.587  3.106   14.553  1.00 39.31 ? 164 GLY A O   1 
ATOM   1271 N N   . ASN A 1 165 ? -3.119  1.887   15.722  1.00 44.00 ? 165 ASN A N   1 
ATOM   1272 C CA  . ASN A 1 165 ? -3.321  2.623   16.928  1.00 47.11 ? 165 ASN A CA  1 
ATOM   1273 C C   . ASN A 1 165 ? -2.637  2.060   18.106  1.00 47.10 ? 165 ASN A C   1 
ATOM   1274 O O   . ASN A 1 165 ? -2.506  0.844   18.277  1.00 46.79 ? 165 ASN A O   1 
ATOM   1275 C CB  . ASN A 1 165 ? -4.776  2.938   17.181  1.00 50.18 ? 165 ASN A CB  1 
ATOM   1276 C CG  . ASN A 1 165 ? -5.048  4.438   16.972  1.00 54.17 ? 165 ASN A CG  1 
ATOM   1277 O OD1 . ASN A 1 165 ? -4.125  5.280   17.125  1.00 56.81 ? 165 ASN A OD1 1 
ATOM   1278 N ND2 . ASN A 1 165 ? -6.281  4.783   16.625  1.00 54.71 ? 165 ASN A ND2 1 
ATOM   1279 N N   . GLY A 1 166 ? -2.131  2.986   18.895  1.00 47.35 ? 166 GLY A N   1 
ATOM   1280 C CA  . GLY A 1 166 ? -1.385  2.560   20.037  1.00 48.85 ? 166 GLY A CA  1 
ATOM   1281 C C   . GLY A 1 166 ? -0.111  2.074   19.374  1.00 49.13 ? 166 GLY A C   1 
ATOM   1282 O O   . GLY A 1 166 ? 0.526   2.824   18.629  1.00 49.59 ? 166 GLY A O   1 
ATOM   1283 N N   . HIS A 1 167 ? 0.218   0.807   19.580  1.00 48.71 ? 167 HIS A N   1 
ATOM   1284 C CA  . HIS A 1 167 ? 1.442   0.263   19.043  1.00 47.90 ? 167 HIS A CA  1 
ATOM   1285 C C   . HIS A 1 167 ? 1.264   -0.868  18.064  1.00 45.77 ? 167 HIS A C   1 
ATOM   1286 O O   . HIS A 1 167 ? 2.146   -1.715  17.936  1.00 45.88 ? 167 HIS A O   1 
ATOM   1287 C CB  . HIS A 1 167 ? 2.323   -0.163  20.215  1.00 52.01 ? 167 HIS A CB  1 
ATOM   1288 C CG  . HIS A 1 167 ? 2.492   0.918   21.241  1.00 55.92 ? 167 HIS A CG  1 
ATOM   1289 N ND1 . HIS A 1 167 ? 3.668   1.629   21.393  1.00 57.30 ? 167 HIS A ND1 1 
ATOM   1290 C CD2 . HIS A 1 167 ? 1.599   1.480   22.095  1.00 56.78 ? 167 HIS A CD2 1 
ATOM   1291 C CE1 . HIS A 1 167 ? 3.491   2.581   22.294  1.00 57.94 ? 167 HIS A CE1 1 
ATOM   1292 N NE2 . HIS A 1 167 ? 2.244   2.514   22.733  1.00 58.80 ? 167 HIS A NE2 1 
ATOM   1293 N N   . GLN A 1 168 ? 0.119   -0.901  17.389  1.00 42.04 ? 168 GLN A N   1 
ATOM   1294 C CA  . GLN A 1 168 ? -0.130  -1.929  16.377  1.00 39.83 ? 168 GLN A CA  1 
ATOM   1295 C C   . GLN A 1 168 ? -0.405  -1.207  15.086  1.00 37.42 ? 168 GLN A C   1 
ATOM   1296 O O   . GLN A 1 168 ? -0.963  -0.102  15.100  1.00 37.96 ? 168 GLN A O   1 
ATOM   1297 C CB  . GLN A 1 168 ? -1.366  -2.762  16.677  1.00 39.75 ? 168 GLN A CB  1 
ATOM   1298 C CG  . GLN A 1 168 ? -1.125  -3.920  17.542  1.00 40.51 ? 168 GLN A CG  1 
ATOM   1299 C CD  . GLN A 1 168 ? -2.383  -4.705  17.788  1.00 40.44 ? 168 GLN A CD  1 
ATOM   1300 O OE1 . GLN A 1 168 ? -3.481  -4.136  17.961  1.00 40.77 ? 168 GLN A OE1 1 
ATOM   1301 N NE2 . GLN A 1 168 ? -2.240  -6.015  17.830  1.00 39.57 ? 168 GLN A NE2 1 
ATOM   1302 N N   . GLY A 1 169 ? -0.029  -1.831  13.976  1.00 34.44 ? 169 GLY A N   1 
ATOM   1303 C CA  . GLY A 1 169 ? -0.278  -1.226  12.688  1.00 30.42 ? 169 GLY A CA  1 
ATOM   1304 C C   . GLY A 1 169 ? -0.845  -2.331  11.839  1.00 29.79 ? 169 GLY A C   1 
ATOM   1305 O O   . GLY A 1 169 ? -0.584  -3.520  12.109  1.00 29.99 ? 169 GLY A O   1 
ATOM   1306 N N   . PHE A 1 170 ? -1.608  -1.970  10.812  1.00 27.35 ? 170 PHE A N   1 
ATOM   1307 C CA  . PHE A 1 170 ? -2.211  -2.979  9.971   1.00 26.75 ? 170 PHE A CA  1 
ATOM   1308 C C   . PHE A 1 170 ? -2.094  -2.597  8.515   1.00 24.24 ? 170 PHE A C   1 
ATOM   1309 O O   . PHE A 1 170 ? -2.243  -1.437  8.186   1.00 24.61 ? 170 PHE A O   1 
ATOM   1310 C CB  . PHE A 1 170 ? -3.713  -3.162  10.304  1.00 28.37 ? 170 PHE A CB  1 
ATOM   1311 C CG  . PHE A 1 170 ? -3.997  -3.507  11.748  1.00 29.93 ? 170 PHE A CG  1 
ATOM   1312 C CD1 . PHE A 1 170 ? -4.161  -2.510  12.693  1.00 30.87 ? 170 PHE A CD1 1 
ATOM   1313 C CD2 . PHE A 1 170 ? -4.094  -4.843  12.150  1.00 31.48 ? 170 PHE A CD2 1 
ATOM   1314 C CE1 . PHE A 1 170 ? -4.417  -2.827  14.050  1.00 33.00 ? 170 PHE A CE1 1 
ATOM   1315 C CE2 . PHE A 1 170 ? -4.355  -5.186  13.499  1.00 34.10 ? 170 PHE A CE2 1 
ATOM   1316 C CZ  . PHE A 1 170 ? -4.514  -4.163  14.449  1.00 32.28 ? 170 PHE A CZ  1 
ATOM   1317 N N   . SER A 1 171 ? -1.827  -3.592  7.672   1.00 23.34 ? 171 SER A N   1 
ATOM   1318 C CA  . SER A 1 171 ? -1.729  -3.380  6.221   1.00 24.24 ? 171 SER A CA  1 
ATOM   1319 C C   . SER A 1 171 ? -2.790  -4.242  5.554   1.00 24.23 ? 171 SER A C   1 
ATOM   1320 O O   . SER A 1 171 ? -3.168  -5.299  6.060   1.00 25.14 ? 171 SER A O   1 
ATOM   1321 C CB  . SER A 1 171 ? -0.353  -3.852  5.660   1.00 21.65 ? 171 SER A CB  1 
ATOM   1322 O OG  . SER A 1 171 ? 0.695   -2.902  5.806   1.00 22.53 ? 171 SER A OG  1 
ATOM   1323 N N   . ALA A 1 172 ? -3.279  -3.799  4.410   1.00 24.70 ? 172 ALA A N   1 
ATOM   1324 C CA  . ALA A 1 172 ? -4.171  -4.643  3.635   1.00 24.12 ? 172 ALA A CA  1 
ATOM   1325 C C   . ALA A 1 172 ? -3.227  -5.507  2.781   1.00 24.64 ? 172 ALA A C   1 
ATOM   1326 O O   . ALA A 1 172 ? -2.331  -4.968  2.108   1.00 22.07 ? 172 ALA A O   1 
ATOM   1327 C CB  . ALA A 1 172 ? -5.061  -3.798  2.706   1.00 24.33 ? 172 ALA A CB  1 
ATOM   1328 N N   . ALA A 1 173 ? -3.429  -6.823  2.802   1.00 23.53 ? 173 ALA A N   1 
ATOM   1329 C CA  . ALA A 1 173 ? -2.599  -7.733  2.002   1.00 24.39 ? 173 ALA A CA  1 
ATOM   1330 C C   . ALA A 1 173 ? -2.683  -7.371  0.511   1.00 23.36 ? 173 ALA A C   1 
ATOM   1331 O O   . ALA A 1 173 ? -3.757  -7.133  -0.010  1.00 23.13 ? 173 ALA A O   1 
ATOM   1332 C CB  . ALA A 1 173 ? -3.017  -9.172  2.225   1.00 26.24 ? 173 ALA A CB  1 
ATOM   1333 N N   . LEU A 1 174 ? -1.534  -7.272  -0.160  1.00 23.49 ? 174 LEU A N   1 
ATOM   1334 C CA  . LEU A 1 174 ? -1.535  -6.911  -1.595  1.00 23.52 ? 174 LEU A CA  1 
ATOM   1335 C C   . LEU A 1 174 ? -1.354  -8.226  -2.368  1.00 23.58 ? 174 LEU A C   1 
ATOM   1336 O O   . LEU A 1 174 ? -0.223  -8.685  -2.582  1.00 22.86 ? 174 LEU A O   1 
ATOM   1337 C CB  . LEU A 1 174 ? -0.369  -5.982  -1.857  1.00 24.84 ? 174 LEU A CB  1 
ATOM   1338 C CG  . LEU A 1 174 ? -0.538  -5.261  -3.178  1.00 26.21 ? 174 LEU A CG  1 
ATOM   1339 C CD1 . LEU A 1 174 ? -1.862  -4.493  -3.158  1.00 25.84 ? 174 LEU A CD1 1 
ATOM   1340 C CD2 . LEU A 1 174 ? 0.643   -4.278  -3.352  1.00 28.12 ? 174 LEU A CD2 1 
ATOM   1341 N N   . LEU A 1 175 ? -2.482  -8.809  -2.800  1.00 24.46 ? 175 LEU A N   1 
ATOM   1342 C CA  . LEU A 1 175 ? -2.465  -10.122 -3.442  1.00 24.76 ? 175 LEU A CA  1 
ATOM   1343 C C   . LEU A 1 175 ? -2.366  -10.089 -4.943  1.00 26.03 ? 175 LEU A C   1 
ATOM   1344 O O   . LEU A 1 175 ? -2.901  -9.195  -5.616  1.00 26.40 ? 175 LEU A O   1 
ATOM   1345 C CB  . LEU A 1 175 ? -3.697  -10.916 -3.003  1.00 23.62 ? 175 LEU A CB  1 
ATOM   1346 C CG  . LEU A 1 175 ? -3.778  -11.123 -1.486  1.00 25.18 ? 175 LEU A CG  1 
ATOM   1347 C CD1 . LEU A 1 175 ? -4.960  -12.058 -1.227  1.00 25.77 ? 175 LEU A CD1 1 
ATOM   1348 C CD2 . LEU A 1 175 ? -2.474  -11.765 -0.925  1.00 25.25 ? 175 LEU A CD2 1 
ATOM   1349 N N   . LYS A 1 176 ? -1.652  -11.089 -5.439  1.00 28.49 ? 176 LYS A N   1 
ATOM   1350 C CA  . LYS A 1 176 ? -1.385  -11.248 -6.845  1.00 29.33 ? 176 LYS A CA  1 
ATOM   1351 C C   . LYS A 1 176 ? -2.646  -11.234 -7.698  1.00 29.27 ? 176 LYS A C   1 
ATOM   1352 O O   . LYS A 1 176 ? -2.677  -10.560 -8.703  1.00 30.37 ? 176 LYS A O   1 
ATOM   1353 C CB  . LYS A 1 176 ? -0.583  -12.550 -7.065  1.00 30.23 ? 176 LYS A CB  1 
ATOM   1354 C CG  . LYS A 1 176 ? 0.133   -12.591 -8.414  1.00 30.44 ? 176 LYS A CG  1 
ATOM   1355 C CD  . LYS A 1 176 ? 0.748   -13.943 -8.707  1.00 28.61 ? 176 LYS A CD  1 
ATOM   1356 C CE  . LYS A 1 176 ? 1.846   -14.305 -7.760  1.00 26.83 ? 176 LYS A CE  1 
ATOM   1357 N NZ  . LYS A 1 176 ? 2.993   -13.410 -8.009  1.00 28.06 ? 176 LYS A NZ  1 
ATOM   1358 N N   . HIS A 1 177 ? -3.699  -11.910 -7.280  1.00 28.96 ? 177 HIS A N   1 
ATOM   1359 C CA  . HIS A 1 177 ? -4.892  -11.961 -8.102  1.00 31.35 ? 177 HIS A CA  1 
ATOM   1360 C C   . HIS A 1 177 ? -5.736  -10.685 -8.214  1.00 31.40 ? 177 HIS A C   1 
ATOM   1361 O O   . HIS A 1 177 ? -6.698  -10.638 -8.982  1.00 32.15 ? 177 HIS A O   1 
ATOM   1362 C CB  . HIS A 1 177 ? -5.772  -13.138 -7.680  1.00 32.59 ? 177 HIS A CB  1 
ATOM   1363 C CG  . HIS A 1 177 ? -6.558  -12.886 -6.439  1.00 35.65 ? 177 HIS A CG  1 
ATOM   1364 N ND1 . HIS A 1 177 ? -6.082  -13.188 -5.183  1.00 36.93 ? 177 HIS A ND1 1 
ATOM   1365 C CD2 . HIS A 1 177 ? -7.796  -12.369 -6.260  1.00 37.84 ? 177 HIS A CD2 1 
ATOM   1366 C CE1 . HIS A 1 177 ? -6.994  -12.876 -4.280  1.00 38.02 ? 177 HIS A CE1 1 
ATOM   1367 N NE2 . HIS A 1 177 ? -8.045  -12.377 -4.905  1.00 40.57 ? 177 HIS A NE2 1 
ATOM   1368 N N   . TYR A 1 178 ? -5.394  -9.663  -7.442  1.00 30.23 ? 178 TYR A N   1 
ATOM   1369 C CA  . TYR A 1 178 ? -6.059  -8.370  -7.534  1.00 30.53 ? 178 TYR A CA  1 
ATOM   1370 C C   . TYR A 1 178 ? -5.638  -7.742  -8.879  1.00 32.10 ? 178 TYR A C   1 
ATOM   1371 O O   . TYR A 1 178 ? -6.290  -6.836  -9.382  1.00 33.65 ? 178 TYR A O   1 
ATOM   1372 C CB  . TYR A 1 178 ? -5.590  -7.448  -6.395  1.00 27.94 ? 178 TYR A CB  1 
ATOM   1373 C CG  . TYR A 1 178 ? -6.053  -7.862  -5.017  1.00 25.70 ? 178 TYR A CG  1 
ATOM   1374 C CD1 . TYR A 1 178 ? -7.045  -8.834  -4.841  1.00 26.07 ? 178 TYR A CD1 1 
ATOM   1375 C CD2 . TYR A 1 178 ? -5.503  -7.267  -3.882  1.00 25.00 ? 178 TYR A CD2 1 
ATOM   1376 C CE1 . TYR A 1 178 ? -7.475  -9.207  -3.543  1.00 26.02 ? 178 TYR A CE1 1 
ATOM   1377 C CE2 . TYR A 1 178 ? -5.922  -7.625  -2.590  1.00 24.92 ? 178 TYR A CE2 1 
ATOM   1378 C CZ  . TYR A 1 178 ? -6.907  -8.595  -2.437  1.00 25.70 ? 178 TYR A CZ  1 
ATOM   1379 O OH  . TYR A 1 178 ? -7.313  -8.924  -1.163  1.00 26.26 ? 178 TYR A OH  1 
ATOM   1380 N N   . PHE A 1 179 ? -4.540  -8.208  -9.457  1.00 34.22 ? 179 PHE A N   1 
ATOM   1381 C CA  . PHE A 1 179 ? -4.073  -7.642  -10.728 1.00 37.87 ? 179 PHE A CA  1 
ATOM   1382 C C   . PHE A 1 179 ? -4.105  -8.713  -11.841 1.00 41.53 ? 179 PHE A C   1 
ATOM   1383 O O   . PHE A 1 179 ? -3.259  -8.710  -12.738 1.00 44.30 ? 179 PHE A O   1 
ATOM   1384 C CB  . PHE A 1 179 ? -2.655  -7.052  -10.550 1.00 33.77 ? 179 PHE A CB  1 
ATOM   1385 C CG  . PHE A 1 179 ? -2.564  -6.037  -9.424  1.00 31.41 ? 179 PHE A CG  1 
ATOM   1386 C CD1 . PHE A 1 179 ? -2.869  -4.685  -9.654  1.00 29.31 ? 179 PHE A CD1 1 
ATOM   1387 C CD2 . PHE A 1 179 ? -2.299  -6.471  -8.093  1.00 29.71 ? 179 PHE A CD2 1 
ATOM   1388 C CE1 . PHE A 1 179 ? -2.928  -3.776  -8.602  1.00 26.73 ? 179 PHE A CE1 1 
ATOM   1389 C CE2 . PHE A 1 179 ? -2.356  -5.585  -7.013  1.00 28.57 ? 179 PHE A CE2 1 
ATOM   1390 C CZ  . PHE A 1 179 ? -2.677  -4.214  -7.262  1.00 26.35 ? 179 PHE A CZ  1 
ATOM   1391 N N   . ASN A 1 180 ? -5.077  -9.615  -11.731 1.00 44.96 ? 180 ASN A N   1 
ATOM   1392 C CA  . ASN A 1 180 ? -5.360  -10.747 -12.657 1.00 49.49 ? 180 ASN A CA  1 
ATOM   1393 C C   . ASN A 1 180 ? -4.805  -12.074 -12.096 1.00 51.18 ? 180 ASN A C   1 
ATOM   1394 O O   . ASN A 1 180 ? -5.591  -12.867 -11.522 1.00 52.33 ? 180 ASN A O   1 
ATOM   1395 C CB  . ASN A 1 180 ? -4.758  -10.549 -14.070 1.00 50.26 ? 180 ASN A CB  1 
ATOM   1396 C CG  . ASN A 1 180 ? -5.251  -9.305  -14.775 1.00 52.19 ? 180 ASN A CG  1 
ATOM   1397 O OD1 . ASN A 1 180 ? -6.276  -8.693  -14.407 1.00 53.34 ? 180 ASN A OD1 1 
ATOM   1398 N ND2 . ASN A 1 180 ? -4.519  -8.925  -15.829 1.00 52.46 ? 180 ASN A ND2 1 
HETATM 1399 C C17 . ZU3 B 2 .   ? -7.878  5.139   14.195  1.00 67.74 ? 501 ZU3 A C17 1 
HETATM 1400 O O19 . ZU3 B 2 .   ? -7.789  5.889   13.204  1.00 68.43 ? 501 ZU3 A O19 1 
HETATM 1401 O O15 . ZU3 B 2 .   ? -8.156  5.718   15.452  1.00 70.47 ? 501 ZU3 A O15 1 
HETATM 1402 C C13 . ZU3 B 2 .   ? -9.399  5.211   16.031  1.00 73.04 ? 501 ZU3 A C13 1 
HETATM 1403 C C4  . ZU3 B 2 .   ? -10.593 5.608   15.179  1.00 74.09 ? 501 ZU3 A C4  1 
HETATM 1404 C C6  . ZU3 B 2 .   ? -11.620 4.585   14.871  1.00 75.14 ? 501 ZU3 A C6  1 
HETATM 1405 C C8  . ZU3 B 2 .   ? -12.691 4.920   14.108  1.00 75.95 ? 501 ZU3 A C8  1 
HETATM 1406 C C10 . ZU3 B 2 .   ? -12.848 6.310   13.570  1.00 76.40 ? 501 ZU3 A C10 1 
HETATM 1407 C C1  . ZU3 B 2 .   ? -11.906 7.256   13.852  1.00 76.13 ? 501 ZU3 A C1  1 
HETATM 1408 C C2  . ZU3 B 2 .   ? -10.731 6.893   14.692  1.00 74.79 ? 501 ZU3 A C2  1 
HETATM 1409 N N21 . ZU3 B 2 .   ? -7.819  3.694   14.125  1.00 64.18 ? 501 ZU3 A N21 1 
HETATM 1410 C C23 . ZU3 B 2 .   ? -7.684  2.823   12.958  1.00 59.52 ? 501 ZU3 A C23 1 
HETATM 1411 C C25 . ZU3 B 2 .   ? -8.978  2.000   12.804  1.00 61.00 ? 501 ZU3 A C25 1 
HETATM 1412 N N27 . ZU3 B 2 .   ? -9.412  1.338   14.083  1.00 62.52 ? 501 ZU3 A N27 1 
HETATM 1413 C C29 . ZU3 B 2 .   ? -8.532  0.467   14.853  1.00 64.15 ? 501 ZU3 A C29 1 
HETATM 1414 C C31 . ZU3 B 2 .   ? -7.237  3.622   11.718  1.00 55.69 ? 501 ZU3 A C31 1 
HETATM 1415 O O35 . ZU3 B 2 .   ? -6.043  3.626   11.511  1.00 53.15 ? 501 ZU3 A O35 1 
HETATM 1416 O O43 . ZU3 B 2 .   ? -7.379  0.262   14.451  1.00 64.80 ? 501 ZU3 A O43 1 
HETATM 1417 C C45 . ZU3 B 2 .   ? -9.003  -0.214  16.148  1.00 66.06 ? 501 ZU3 A C45 1 
HETATM 1418 C C76 . ZU3 B 2 .   ? -9.983  -1.375  15.857  1.00 66.63 ? 501 ZU3 A C76 1 
HETATM 1419 C C78 . ZU3 B 2 .   ? -9.674  0.848   17.072  1.00 67.12 ? 501 ZU3 A C78 1 
HETATM 1420 C C80 . ZU3 B 2 .   ? -7.788  -0.762  16.942  1.00 66.55 ? 501 ZU3 A C80 1 
HETATM 1421 N N33 . ZU3 B 2 .   ? -8.153  4.413   10.869  1.00 52.50 ? 501 ZU3 A N33 1 
HETATM 1422 C C37 . ZU3 B 2 .   ? -7.294  4.726   9.583   1.00 49.37 ? 501 ZU3 A C37 1 
HETATM 1423 C C39 . ZU3 B 2 .   ? -6.361  5.922   9.793   1.00 48.45 ? 501 ZU3 A C39 1 
HETATM 1424 O O47 . ZU3 B 2 .   ? -6.240  6.882   10.551  1.00 49.39 ? 501 ZU3 A O47 1 
HETATM 1425 C C41 . ZU3 B 2 .   ? -8.360  5.056   8.621   1.00 47.70 ? 501 ZU3 A C41 1 
HETATM 1426 C C51 . ZU3 B 2 .   ? -9.528  4.188   7.954   1.00 47.95 ? 501 ZU3 A C51 1 
HETATM 1427 C C53 . ZU3 B 2 .   ? -10.192 4.973   6.829   1.00 48.30 ? 501 ZU3 A C53 1 
HETATM 1428 C C55 . ZU3 B 2 .   ? -9.521  2.707   7.568   1.00 46.45 ? 501 ZU3 A C55 1 
HETATM 1429 N N49 . ZU3 B 2 .   ? -5.203  5.532   9.006   1.00 45.08 ? 501 ZU3 A N49 1 
HETATM 1430 C C57 . ZU3 B 2 .   ? -3.934  6.309   9.103   1.00 43.90 ? 501 ZU3 A C57 1 
HETATM 1431 C C59 . ZU3 B 2 .   ? -2.873  5.488   9.902   1.00 43.50 ? 501 ZU3 A C59 1 
HETATM 1432 C C61 . ZU3 B 2 .   ? -3.135  5.293   11.416  1.00 41.92 ? 501 ZU3 A C61 1 
HETATM 1433 C C63 . ZU3 B 2 .   ? -3.439  6.656   7.675   1.00 42.47 ? 501 ZU3 A C63 1 
HETATM 1434 C C65 . ZU3 B 2 .   ? -1.978  4.732   12.118  1.00 44.49 ? 501 ZU3 A C65 1 
HETATM 1435 O O66 . ZU3 B 2 .   ? -1.088  4.044   11.581  1.00 42.33 ? 501 ZU3 A O66 1 
HETATM 1436 N N69 . ZU3 B 2 .   ? -2.010  5.082   13.498  1.00 43.79 ? 501 ZU3 A N69 1 
HETATM 1437 C C71 . ZU3 B 2 .   ? -3.225  5.908   13.737  1.00 44.48 ? 501 ZU3 A C71 1 
HETATM 1438 C C73 . ZU3 B 2 .   ? -3.412  6.528   12.324  1.00 43.17 ? 501 ZU3 A C73 1 
HETATM 1439 C C82 . ZU3 B 2 .   ? -4.500  7.504   6.929   1.00 46.43 ? 501 ZU3 A C82 1 
HETATM 1440 C C84 . ZU3 B 2 .   ? -4.318  9.000   7.178   1.00 49.19 ? 501 ZU3 A C84 1 
HETATM 1441 C C86 . ZU3 B 2 .   ? -5.475  9.955   6.960   1.00 48.13 ? 501 ZU3 A C86 1 
HETATM 1442 O O88 . ZU3 B 2 .   ? -3.222  9.448   7.558   1.00 49.69 ? 501 ZU3 A O88 1 
HETATM 1443 O O   . HOH C 3 .   ? -6.451  -7.458  0.736   1.00 26.30 ? 201 HOH A O   1 
HETATM 1444 O O   . HOH C 3 .   ? -7.373  -6.061  2.841   1.00 27.14 ? 202 HOH A O   1 
HETATM 1445 O O   . HOH C 3 .   ? 0.621   -10.768 1.396   1.00 27.17 ? 203 HOH A O   1 
HETATM 1446 O O   . HOH C 3 .   ? 1.857   -10.097 -1.120  1.00 24.31 ? 204 HOH A O   1 
HETATM 1447 O O   . HOH C 3 .   ? 5.795   -6.801  14.628  1.00 29.07 ? 205 HOH A O   1 
HETATM 1448 O O   . HOH C 3 .   ? -0.229  3.213   -1.504  1.00 47.10 ? 206 HOH A O   1 
HETATM 1449 O O   . HOH C 3 .   ? 4.288   5.403   -8.472  1.00 30.94 ? 207 HOH A O   1 
HETATM 1450 O O   . HOH C 3 .   ? 2.271   15.116  -5.733  1.00 31.02 ? 208 HOH A O   1 
HETATM 1451 O O   . HOH C 3 .   ? -8.133  12.782  -6.011  1.00 29.04 ? 209 HOH A O   1 
HETATM 1452 O O   . HOH C 3 .   ? 1.787   7.640   3.056   1.00 22.27 ? 210 HOH A O   1 
HETATM 1453 O O   . HOH C 3 .   ? -10.906 4.636   -2.470  1.00 34.16 ? 211 HOH A O   1 
HETATM 1454 O O   . HOH C 3 .   ? -9.960  15.277  -8.081  1.00 36.00 ? 212 HOH A O   1 
HETATM 1455 O O   . HOH C 3 .   ? 7.920   1.983   -12.294 1.00 32.78 ? 213 HOH A O   1 
HETATM 1456 O O   . HOH C 3 .   ? 4.056   -3.391  -16.248 1.00 39.32 ? 214 HOH A O   1 
HETATM 1457 O O   . HOH C 3 .   ? 6.153   5.060   13.029  1.00 47.61 ? 215 HOH A O   1 
HETATM 1458 O O   . HOH C 3 .   ? 3.138   -9.652  14.171  1.00 36.85 ? 216 HOH A O   1 
HETATM 1459 O O   . HOH C 3 .   ? -9.511  -12.190 12.496  1.00 51.52 ? 217 HOH A O   1 
HETATM 1460 O O   . HOH C 3 .   ? -9.261  -12.137 6.677   1.00 32.62 ? 218 HOH A O   1 
HETATM 1461 O O   . HOH C 3 .   ? -3.207  -14.341 -10.518 1.00 39.76 ? 219 HOH A O   1 
HETATM 1462 O O   . HOH C 3 .   ? -2.824  -15.526 -8.525  1.00 46.86 ? 220 HOH A O   1 
HETATM 1463 O O   . HOH C 3 .   ? -4.166  -14.220 -5.055  1.00 42.04 ? 221 HOH A O   1 
HETATM 1464 O O   . HOH C 3 .   ? -17.147 -4.286  5.118   1.00 32.54 ? 222 HOH A O   1 
HETATM 1465 O O   . HOH C 3 .   ? -12.748 -13.323 2.463   1.00 55.69 ? 223 HOH A O   1 
HETATM 1466 O O   . HOH C 3 .   ? -13.234 -13.518 -2.015  1.00 38.58 ? 224 HOH A O   1 
HETATM 1467 O O   . HOH C 3 .   ? -10.974 -11.135 -3.859  1.00 42.54 ? 225 HOH A O   1 
HETATM 1468 O O   . HOH C 3 .   ? 2.875   -12.818 -11.121 1.00 46.52 ? 226 HOH A O   1 
HETATM 1469 O O   . HOH C 3 .   ? 11.211  -12.240 3.091   1.00 26.06 ? 227 HOH A O   1 
HETATM 1470 O O   . HOH C 3 .   ? 13.014  -12.481 5.343   1.00 51.99 ? 228 HOH A O   1 
HETATM 1471 O O   . HOH C 3 .   ? -6.648  -13.044 5.903   1.00 46.05 ? 229 HOH A O   1 
HETATM 1472 O O   . HOH C 3 .   ? -11.909 -6.484  15.873  1.00 56.99 ? 230 HOH A O   1 
HETATM 1473 O O   . HOH C 3 .   ? 7.281   -9.192  -11.577 1.00 37.95 ? 231 HOH A O   1 
HETATM 1474 O O   . HOH C 3 .   ? 12.182  -5.580  10.965  1.00 33.33 ? 232 HOH A O   1 
HETATM 1475 O O   . HOH C 3 .   ? 15.798  -4.785  12.339  1.00 41.38 ? 233 HOH A O   1 
HETATM 1476 O O   . HOH C 3 .   ? 16.584  -5.405  7.150   1.00 28.71 ? 234 HOH A O   1 
HETATM 1477 O O   . HOH C 3 .   ? 16.369  -6.203  9.423   1.00 53.36 ? 235 HOH A O   1 
HETATM 1478 O O   . HOH C 3 .   ? 15.753  -8.979  6.533   1.00 35.80 ? 236 HOH A O   1 
HETATM 1479 O O   . HOH C 3 .   ? 13.270  -9.864  5.499   1.00 32.44 ? 237 HOH A O   1 
HETATM 1480 O O   . HOH C 3 .   ? 11.635  -13.046 7.642   1.00 39.28 ? 238 HOH A O   1 
HETATM 1481 O O   . HOH C 3 .   ? 10.578  -14.880 6.801   1.00 44.05 ? 239 HOH A O   1 
HETATM 1482 O O   . HOH C 3 .   ? 6.748   -15.422 3.839   1.00 44.27 ? 240 HOH A O   1 
HETATM 1483 O O   . HOH C 3 .   ? 17.938  -7.635  -0.249  1.00 31.30 ? 241 HOH A O   1 
HETATM 1484 O O   . HOH C 3 .   ? 19.020  -1.265  -2.607  1.00 37.26 ? 242 HOH A O   1 
HETATM 1485 O O   . HOH C 3 .   ? -1.603  -17.192 4.270   1.00 36.71 ? 243 HOH A O   1 
HETATM 1486 O O   . HOH C 3 .   ? 6.961   5.540   -13.070 1.00 43.59 ? 244 HOH A O   1 
HETATM 1487 O O   . HOH C 3 .   ? -6.715  -4.968  -12.591 1.00 52.66 ? 245 HOH A O   1 
HETATM 1488 O O   . HOH C 3 .   ? -1.030  9.480   14.614  1.00 36.84 ? 246 HOH A O   1 
HETATM 1489 O O   . HOH C 3 .   ? 5.732   12.319  -11.954 1.00 39.21 ? 247 HOH A O   1 
HETATM 1490 O O   . HOH C 3 .   ? 5.368   11.178  -14.598 1.00 51.56 ? 248 HOH A O   1 
HETATM 1491 O O   . HOH C 3 .   ? 2.719   11.424  -15.300 1.00 44.95 ? 249 HOH A O   1 
HETATM 1492 O O   . HOH C 3 .   ? 1.924   4.175   -14.820 1.00 37.55 ? 250 HOH A O   1 
HETATM 1493 O O   . HOH C 3 .   ? -3.142  12.610  -17.045 1.00 35.15 ? 251 HOH A O   1 
HETATM 1494 O O   . HOH C 3 .   ? -14.710 6.201   -5.821  1.00 56.86 ? 252 HOH A O   1 
HETATM 1495 O O   . HOH C 3 .   ? 13.405  -3.498  -6.852  1.00 36.09 ? 253 HOH A O   1 
HETATM 1496 O O   . HOH C 3 .   ? 8.165   -4.172  -16.515 1.00 32.92 ? 254 HOH A O   1 
HETATM 1497 O O   . HOH C 3 .   ? 18.515  -5.070  -3.667  1.00 61.32 ? 255 HOH A O   1 
HETATM 1498 O O   . HOH C 3 .   ? 12.949  -6.266  14.710  1.00 45.13 ? 256 HOH A O   1 
HETATM 1499 O O   . HOH C 3 .   ? -13.771 5.307   0.911   1.00 46.82 ? 257 HOH A O   1 
HETATM 1500 O O   . HOH C 3 .   ? -12.598 3.585   3.415   1.00 48.76 ? 258 HOH A O   1 
HETATM 1501 O O   . HOH C 3 .   ? 12.454  6.168   -2.905  1.00 44.29 ? 259 HOH A O   1 
HETATM 1502 O O   . HOH C 3 .   ? -17.205 4.853   1.667   1.00 43.60 ? 260 HOH A O   1 
HETATM 1503 O O   . HOH C 3 .   ? 0.467   19.815  -13.239 1.00 35.02 ? 261 HOH A O   1 
HETATM 1504 O O   . HOH C 3 .   ? 10.587  12.109  -0.990  1.00 50.41 ? 262 HOH A O   1 
HETATM 1505 O O   . HOH C 3 .   ? 5.756   -8.059  17.183  1.00 48.53 ? 263 HOH A O   1 
HETATM 1506 O O   . HOH C 3 .   ? 8.802   -8.587  15.924  1.00 41.47 ? 264 HOH A O   1 
HETATM 1507 O O   . HOH C 3 .   ? -11.434 -13.463 7.926   1.00 47.31 ? 265 HOH A O   1 
HETATM 1508 O O   . HOH C 3 .   ? 14.442  4.747   -2.437  1.00 40.10 ? 266 HOH A O   1 
HETATM 1509 O O   . HOH C 3 .   ? 16.073  0.427   -7.986  1.00 45.03 ? 267 HOH A O   1 
HETATM 1510 O O   . HOH C 3 .   ? -2.530  0.127   -20.809 1.00 51.19 ? 268 HOH A O   1 
HETATM 1511 O O   . HOH C 3 .   ? -16.123 -11.530 4.270   1.00 35.26 ? 269 HOH A O   1 
HETATM 1512 O O   . HOH C 3 .   ? -17.539 -13.850 4.097   1.00 41.85 ? 270 HOH A O   1 
HETATM 1513 O O   . HOH C 3 .   ? -8.328  11.800  -17.567 1.00 58.09 ? 271 HOH A O   1 
HETATM 1514 O O   . HOH C 3 .   ? 1.127   -17.215 5.311   1.00 35.00 ? 272 HOH A O   1 
HETATM 1515 O O   . HOH C 3 .   ? 21.762  -7.381  1.877   1.00 51.36 ? 273 HOH A O   1 
HETATM 1516 O O   . HOH C 3 .   ? -2.039  15.086  4.596   1.00 45.98 ? 274 HOH A O   1 
HETATM 1517 O O   . HOH C 3 .   ? 0.142   13.737  6.058   1.00 45.78 ? 275 HOH A O   1 
HETATM 1518 O O   . HOH C 3 .   ? -11.215 -8.147  -7.076  1.00 54.55 ? 276 HOH A O   1 
HETATM 1519 O O   . HOH C 3 .   ? -13.628 -6.208  -5.747  1.00 51.91 ? 277 HOH A O   1 
HETATM 1520 O O   . HOH C 3 .   ? 15.829  2.991   -10.153 1.00 46.59 ? 278 HOH A O   1 
HETATM 1521 O O   . HOH C 3 .   ? 17.651  -6.833  -2.390  1.00 68.11 ? 279 HOH A O   1 
HETATM 1522 O O   . HOH C 3 .   ? -12.785 7.701   -11.616 1.00 49.04 ? 280 HOH A O   1 
HETATM 1523 O O   . HOH C 3 .   ? -11.025 15.658  -14.979 1.00 54.35 ? 281 HOH A O   1 
HETATM 1524 O O   . HOH C 3 .   ? 22.077  -8.230  -2.516  1.00 75.60 ? 282 HOH A O   1 
HETATM 1525 O O   . HOH C 3 .   ? -17.113 4.339   -0.686  1.00 51.62 ? 283 HOH A O   1 
HETATM 1526 O O   . HOH C 3 .   ? -0.825  -17.405 7.480   1.00 62.51 ? 284 HOH A O   1 
HETATM 1527 O O   . HOH C 3 .   ? 21.631  2.782   -7.507  1.00 67.88 ? 285 HOH A O   1 
HETATM 1528 O O   . HOH C 3 .   ? -3.886  10.876  -22.304 1.00 56.67 ? 286 HOH A O   1 
HETATM 1529 O O   . HOH C 3 .   ? -11.272 -16.818 -0.891  1.00 53.27 ? 287 HOH A O   1 
HETATM 1530 O O   . HOH C 3 .   ? 6.586   -16.192 -8.219  1.00 69.66 ? 288 HOH A O   1 
HETATM 1531 O O   . HOH C 3 .   ? -1.725  21.507  -9.049  1.00 72.20 ? 289 HOH A O   1 
HETATM 1532 O O   . HOH C 3 .   ? 12.505  9.744   -3.869  1.00 63.15 ? 290 HOH A O   1 
HETATM 1533 O O   . HOH C 3 .   ? -23.017 -12.060 0.157   1.00 55.34 ? 291 HOH A O   1 
HETATM 1534 O O   . HOH C 3 .   ? 6.586   5.399   -10.467 1.00 58.67 ? 292 HOH A O   1 
HETATM 1535 O O   . HOH C 3 .   ? -5.865  16.494  -7.971  1.00 56.41 ? 293 HOH A O   1 
HETATM 1536 O O   . HOH C 3 .   ? -4.374  14.667  -18.433 1.00 62.74 ? 294 HOH A O   1 
HETATM 1537 O O   . HOH C 3 .   ? -6.123  -15.705 1.360   1.00 49.15 ? 295 HOH A O   1 
HETATM 1538 O O   . HOH C 3 .   ? 9.723   -10.820 -10.325 1.00 69.12 ? 296 HOH A O   1 
HETATM 1539 O O   . HOH C 3 .   ? 24.198  -0.228  -0.827  1.00 56.46 ? 297 HOH A O   1 
HETATM 1540 O O   . HOH C 3 .   ? -6.851  -18.905 4.926   1.00 63.39 ? 298 HOH A O   1 
HETATM 1541 O O   . HOH C 3 .   ? -8.189  -12.580 -19.280 1.00 67.42 ? 299 HOH A O   1 
HETATM 1542 O O   . HOH C 3 .   ? 4.543   -10.810 -14.464 1.00 51.60 ? 300 HOH A O   1 
HETATM 1543 O O   . HOH C 3 .   ? -19.790 -4.470  5.829   1.00 57.98 ? 301 HOH A O   1 
HETATM 1544 O O   . HOH C 3 .   ? -9.287  -9.543  -15.868 1.00 61.87 ? 302 HOH A O   1 
HETATM 1545 O O   . HOH C 3 .   ? -7.996  -4.300  -16.804 1.00 55.98 ? 303 HOH A O   1 
HETATM 1546 O O   . HOH C 3 .   ? -10.242 13.289  -14.822 1.00 49.20 ? 304 HOH A O   1 
HETATM 1547 O O   . HOH C 3 .   ? 18.762  -14.956 6.178   1.00 68.06 ? 305 HOH A O   1 
HETATM 1548 O O   . HOH C 3 .   ? -9.723  -15.584 -16.361 1.00 63.77 ? 306 HOH A O   1 
HETATM 1549 O O   . HOH C 3 .   ? 5.406   -14.533 -8.135  1.00 53.57 ? 307 HOH A O   1 
HETATM 1550 O O   . HOH C 3 .   ? -17.358 -9.187  -4.567  1.00 61.65 ? 308 HOH A O   1 
HETATM 1551 O O   . HOH C 3 .   ? -11.309 -8.388  -4.777  1.00 43.89 ? 309 HOH A O   1 
HETATM 1552 O O   . HOH C 3 .   ? -3.708  -16.712 -14.994 1.00 59.15 ? 310 HOH A O   1 
HETATM 1553 O O   . HOH C 3 .   ? 18.483  1.382   -6.619  1.00 49.50 ? 311 HOH A O   1 
HETATM 1554 O O   . HOH C 3 .   ? -9.854  16.865  -10.178 1.00 59.42 ? 312 HOH A O   1 
HETATM 1555 O O   . HOH C 3 .   ? 11.575  7.430   -4.652  1.00 51.57 ? 313 HOH A O   1 
HETATM 1556 O O   . HOH C 3 .   ? -7.391  -15.421 9.213   1.00 56.70 ? 314 HOH A O   1 
HETATM 1557 O O   . HOH C 3 .   ? 22.272  -7.067  -6.691  1.00 62.75 ? 315 HOH A O   1 
HETATM 1558 O O   . HOH C 3 .   ? -2.823  11.521  4.936   1.00 50.71 ? 316 HOH A O   1 
HETATM 1559 O O   . HOH C 3 .   ? -1.640  8.834   5.114   1.00 34.69 ? 317 HOH A O   1 
HETATM 1560 O O   . HOH C 3 .   ? -14.152 -5.301  -9.510  1.00 56.19 ? 318 HOH A O   1 
HETATM 1561 O O   . HOH C 3 .   ? 22.314  -6.743  4.160   1.00 50.95 ? 319 HOH A O   1 
HETATM 1562 O O   . HOH C 3 .   ? -5.986  10.587  12.161  1.00 53.21 ? 320 HOH A O   1 
HETATM 1563 O O   . HOH C 3 .   ? 7.221   -2.634  -20.205 1.00 70.09 ? 321 HOH A O   1 
HETATM 1564 O O   . HOH C 3 .   ? 9.114   1.222   -19.395 1.00 75.73 ? 322 HOH A O   1 
HETATM 1565 O O   . HOH C 3 .   ? 6.408   14.971  -3.822  1.00 59.70 ? 323 HOH A O   1 
HETATM 1566 O O   . HOH C 3 .   ? 8.415   13.609  -1.575  1.00 54.23 ? 324 HOH A O   1 
HETATM 1567 O O   . HOH C 3 .   ? -10.451 -13.973 3.779   1.00 57.28 ? 325 HOH A O   1 
HETATM 1568 O O   . HOH C 3 .   ? -0.577  -18.785 5.898   1.00 59.63 ? 326 HOH A O   1 
HETATM 1569 O O   . HOH C 3 .   ? -13.478 -14.391 6.459   1.00 54.35 ? 327 HOH A O   1 
HETATM 1570 O O   . HOH C 3 .   ? 4.761   25.958  0.690   1.00 68.23 ? 328 HOH A O   1 
HETATM 1571 O O   . HOH C 3 .   ? 10.119  -13.805 16.421  1.00 58.90 ? 329 HOH A O   1 
HETATM 1572 O O   . HOH C 3 .   ? -1.980  -16.582 11.740  1.00 51.76 ? 330 HOH A O   1 
HETATM 1573 O O   . HOH C 3 .   ? -10.600 -18.776 -13.842 1.00 71.93 ? 331 HOH A O   1 
HETATM 1574 O O   . HOH C 3 .   ? 9.188   -6.291  18.147  1.00 66.89 ? 332 HOH A O   1 
HETATM 1575 O O   . HOH C 3 .   ? -9.123  -13.650 -10.719 1.00 73.32 ? 333 HOH A O   1 
HETATM 1576 O O   . HOH C 3 .   ? 2.460   11.672  4.805   1.00 40.92 ? 335 HOH A O   1 
HETATM 1577 O O   . HOH C 3 .   ? 14.240  -5.223  -7.281  1.00 58.49 ? 336 HOH A O   1 
HETATM 1578 O O   . HOH C 3 .   ? 12.242  -13.784 -0.715  1.00 45.06 ? 337 HOH A O   1 
HETATM 1579 O O   . HOH C 3 .   ? 7.675   3.022   -20.290 1.00 51.96 ? 338 HOH A O   1 
HETATM 1580 O O   . HOH C 3 .   ? -7.911  13.062  12.576  1.00 63.22 ? 339 HOH A O   1 
HETATM 1581 O O   . HOH C 3 .   ? -4.971  -3.052  -18.533 1.00 69.85 ? 340 HOH A O   1 
HETATM 1582 O O   . HOH C 3 .   ? 10.178  -18.160 15.685  0.50 81.15 ? 341 HOH A O   1 
HETATM 1583 O O   . HOH C 3 .   ? -13.823 2.725   8.373   1.00 50.38 ? 342 HOH A O   1 
HETATM 1584 O O   . HOH C 3 .   ? -4.789  17.230  0.134   1.00 45.80 ? 343 HOH A O   1 
HETATM 1585 O O   . HOH C 3 .   ? -12.567 7.565   -5.772  1.00 66.15 ? 344 HOH A O   1 
HETATM 1586 O O   . HOH C 3 .   ? -12.891 5.532   -5.510  1.00 65.13 ? 345 HOH A O   1 
HETATM 1587 O O   . HOH C 3 .   ? -17.057 -2.047  -4.166  1.00 56.85 ? 346 HOH A O   1 
HETATM 1588 O O   . HOH C 3 .   ? -10.781 -8.093  15.414  1.00 50.79 ? 347 HOH A O   1 
HETATM 1589 O O   . HOH C 3 .   ? -15.477 -8.820  -5.652  1.00 55.02 ? 348 HOH A O   1 
HETATM 1590 O O   . HOH C 3 .   ? 8.627   -4.982  16.555  1.00 54.20 ? 349 HOH A O   1 
HETATM 1591 O O   . HOH C 3 .   ? 14.170  -1.282  -12.589 1.00 55.87 ? 350 HOH A O   1 
HETATM 1592 O O   . HOH C 3 .   ? -3.817  20.913  -7.240  1.00 52.97 ? 351 HOH A O   1 
HETATM 1593 O O   . HOH C 3 .   ? 9.808   -6.723  -13.679 1.00 45.29 ? 352 HOH A O   1 
HETATM 1594 O O   . HOH C 3 .   ? 6.436   18.612  6.083   1.00 44.38 ? 353 HOH A O   1 
HETATM 1595 O O   . HOH C 3 .   ? -4.272  -14.589 14.117  1.00 65.92 ? 354 HOH A O   1 
HETATM 1596 O O   . HOH C 3 .   ? -1.143  -19.437 -16.932 1.00 52.49 ? 355 HOH A O   1 
HETATM 1597 O O   . HOH C 3 .   ? 6.503   20.155  2.198   1.00 59.91 ? 356 HOH A O   1 
HETATM 1598 O O   . HOH C 3 .   ? -0.753  7.717   16.227  1.00 51.73 ? 357 HOH A O   1 
HETATM 1599 O O   . HOH C 3 .   ? 14.063  -5.080  10.199  1.00 50.22 ? 358 HOH A O   1 
HETATM 1600 O O   . HOH C 3 .   ? 10.428  5.163   1.727   1.00 43.01 ? 359 HOH A O   1 
HETATM 1601 O O   . HOH C 3 .   ? 0.179   3.028   15.222  1.00 41.45 ? 360 HOH A O   1 
HETATM 1602 O O   . HOH C 3 .   ? -5.458  16.710  -5.959  1.00 55.14 ? 361 HOH A O   1 
HETATM 1603 O O   . HOH C 3 .   ? -11.984 8.508   -9.488  1.00 58.57 ? 362 HOH A O   1 
HETATM 1604 O O   . HOH C 3 .   ? 8.846   -2.242  16.237  1.00 60.15 ? 363 HOH A O   1 
HETATM 1605 O O   . HOH C 3 .   ? 4.337   -10.293 15.914  1.00 60.95 ? 364 HOH A O   1 
HETATM 1606 O O   . HOH C 3 .   ? -17.229 -2.480  1.930   1.00 56.59 ? 365 HOH A O   1 
HETATM 1607 O O   . HOH C 3 .   ? 16.328  -1.615  -16.196 1.00 69.39 ? 367 HOH A O   1 
HETATM 1608 O O   . HOH C 3 .   ? -6.283  -16.047 -15.129 1.00 46.59 ? 368 HOH A O   1 
HETATM 1609 O O   . HOH C 3 .   ? -15.538 0.149   -6.708  1.00 55.35 ? 369 HOH A O   1 
HETATM 1610 O O   . HOH C 3 .   ? 3.172   19.967  0.886   1.00 71.51 ? 370 HOH A O   1 
HETATM 1611 O O   . HOH C 3 .   ? -9.175  -16.870 -5.447  1.00 64.40 ? 371 HOH A O   1 
HETATM 1612 O O   . HOH C 3 .   ? -18.931 -0.125  0.180   1.00 61.92 ? 372 HOH A O   1 
HETATM 1613 O O   . HOH C 3 .   ? 6.428   -15.095 -10.629 1.00 49.42 ? 373 HOH A O   1 
HETATM 1614 O O   . HOH C 3 .   ? -4.577  -16.808 3.933   1.00 54.50 ? 374 HOH A O   1 
HETATM 1615 O O   . HOH C 3 .   ? -6.104  -19.858 -14.237 1.00 68.62 ? 375 HOH A O   1 
HETATM 1616 O O   . HOH C 3 .   ? -2.596  17.113  1.852   1.00 54.96 ? 377 HOH A O   1 
HETATM 1617 O O   . HOH C 3 .   ? 12.510  6.069   -10.599 1.00 68.38 ? 378 HOH A O   1 
HETATM 1618 O O   . HOH C 3 .   ? -6.563  -16.759 5.287   1.00 49.09 ? 379 HOH A O   1 
HETATM 1619 O O   . HOH C 3 .   ? -18.087 -1.803  3.885   1.00 58.84 ? 380 HOH A O   1 
HETATM 1620 O O   . HOH C 3 .   ? -0.295  23.643  0.459   1.00 65.88 ? 381 HOH A O   1 
HETATM 1621 O O   . HOH C 3 .   ? -3.034  20.539  -4.005  1.00 58.01 ? 382 HOH A O   1 
HETATM 1622 O O   . HOH C 3 .   ? -15.290 6.612   -11.939 1.00 82.47 ? 383 HOH A O   1 
HETATM 1623 O O   . HOH C 3 .   ? 8.140   17.399  -1.080  1.00 57.19 ? 384 HOH A O   1 
HETATM 1624 O O   . HOH C 3 .   ? 2.289   -16.784 -11.128 1.00 62.93 ? 385 HOH A O   1 
HETATM 1625 O O   . HOH C 3 .   ? 10.972  -1.467  -16.875 1.00 74.43 ? 386 HOH A O   1 
HETATM 1626 O O   . HOH C 3 .   ? -0.368  13.031  -25.609 1.00 65.06 ? 387 HOH A O   1 
HETATM 1627 O O   . HOH C 3 .   ? 13.139  -6.535  -12.368 1.00 61.44 ? 388 HOH A O   1 
HETATM 1628 O O   . HOH C 3 .   ? -10.371 5.742   11.402  1.00 48.19 ? 389 HOH A O   1 
HETATM 1629 O O   . HOH C 3 .   ? 11.500  -1.428  16.170  1.00 60.35 ? 390 HOH A O   1 
HETATM 1630 O O   . HOH C 3 .   ? -6.764  -17.877 2.404   1.00 55.88 ? 391 HOH A O   1 
HETATM 1631 O O   . HOH C 3 .   ? -3.540  -1.077  18.481  1.00 59.23 ? 392 HOH A O   1 
HETATM 1632 O O   . HOH C 3 .   ? 2.182   3.923   18.753  1.00 63.33 ? 393 HOH A O   1 
HETATM 1633 O O   . HOH C 3 .   ? -12.069 -6.396  -11.394 1.00 65.16 ? 394 HOH A O   1 
HETATM 1634 O O   . HOH C 3 .   ? 26.523  -2.256  -1.628  1.00 65.98 ? 395 HOH A O   1 
HETATM 1635 O O   . HOH C 3 .   ? 24.235  -2.229  -5.986  1.00 67.42 ? 396 HOH A O   1 
HETATM 1636 O O   . HOH C 3 .   ? 6.565   20.928  -3.263  1.00 66.32 ? 397 HOH A O   1 
HETATM 1637 O O   . HOH C 3 .   ? 18.716  1.248   -4.413  1.00 55.17 ? 398 HOH A O   1 
HETATM 1638 O O   . HOH C 3 .   ? 0.171   13.745  -16.601 1.00 53.76 ? 399 HOH A O   1 
HETATM 1639 O O   . HOH C 3 .   ? 2.257   19.739  -3.705  1.00 55.96 ? 400 HOH A O   1 
HETATM 1640 O O   . HOH C 3 .   ? -15.766 3.981   15.990  1.00 67.96 ? 401 HOH A O   1 
HETATM 1641 O O   . HOH C 3 .   ? -15.401 5.127   14.369  1.00 64.16 ? 402 HOH A O   1 
# 
